data_1JBE
# 
_entry.id   1JBE 
# 
_audit_conform.dict_name       mmcif_pdbx.dic 
_audit_conform.dict_version    5.399 
_audit_conform.dict_location   http://mmcif.pdb.org/dictionaries/ascii/mmcif_pdbx.dic 
# 
loop_
_database_2.database_id 
_database_2.database_code 
_database_2.pdbx_database_accession 
_database_2.pdbx_DOI 
PDB   1JBE         pdb_00001jbe 10.2210/pdb1jbe/pdb 
RCSB  RCSB013583   ?            ?                   
WWPDB D_1000013583 ?            ?                   
# 
loop_
_pdbx_audit_revision_history.ordinal 
_pdbx_audit_revision_history.data_content_type 
_pdbx_audit_revision_history.major_revision 
_pdbx_audit_revision_history.minor_revision 
_pdbx_audit_revision_history.revision_date 
1 'Structure model' 1 0 2001-08-08 
2 'Structure model' 1 1 2008-04-27 
3 'Structure model' 1 2 2011-07-13 
4 'Structure model' 1 3 2019-07-24 
5 'Structure model' 1 4 2019-09-18 
6 'Structure model' 1 5 2023-08-16 
7 'Structure model' 2 0 2023-11-15 
8 'Structure model' 3 0 2024-02-07 
9 'Structure model' 3 1 2024-11-20 
# 
_pdbx_audit_revision_details.ordinal             1 
_pdbx_audit_revision_details.revision_ordinal    1 
_pdbx_audit_revision_details.data_content_type   'Structure model' 
_pdbx_audit_revision_details.provider            repository 
_pdbx_audit_revision_details.type                'Initial release' 
_pdbx_audit_revision_details.description         ? 
_pdbx_audit_revision_details.details             ? 
# 
loop_
_pdbx_audit_revision_group.ordinal 
_pdbx_audit_revision_group.revision_ordinal 
_pdbx_audit_revision_group.data_content_type 
_pdbx_audit_revision_group.group 
1  2 'Structure model' 'Version format compliance' 
2  3 'Structure model' 'Non-polymer description'   
3  3 'Structure model' 'Version format compliance' 
4  4 'Structure model' 'Data collection'           
5  4 'Structure model' 'Derived calculations'      
6  4 'Structure model' 'Refinement description'    
7  5 'Structure model' 'Data collection'           
8  5 'Structure model' 'Database references'       
9  5 'Structure model' 'Source and taxonomy'       
10 5 'Structure model' 'Structure summary'         
11 6 'Structure model' 'Data collection'           
12 6 'Structure model' 'Database references'       
13 6 'Structure model' 'Derived calculations'      
14 6 'Structure model' 'Refinement description'    
15 7 'Structure model' 'Atomic model'              
16 7 'Structure model' 'Data collection'           
17 7 'Structure model' 'Derived calculations'      
18 8 'Structure model' 'Atomic model'              
19 8 'Structure model' 'Data collection'           
20 8 'Structure model' 'Database references'       
21 8 'Structure model' 'Derived calculations'      
22 8 'Structure model' 'Non-polymer description'   
23 8 'Structure model' 'Polymer sequence'          
24 8 'Structure model' 'Structure summary'         
25 9 'Structure model' 'Structure summary'         
# 
loop_
_pdbx_audit_revision_category.ordinal 
_pdbx_audit_revision_category.revision_ordinal 
_pdbx_audit_revision_category.data_content_type 
_pdbx_audit_revision_category.category 
1  4 'Structure model' software                      
2  4 'Structure model' struct_conn                   
3  5 'Structure model' entity                        
4  5 'Structure model' entity_name_com               
5  5 'Structure model' entity_src_gen                
6  5 'Structure model' struct_ref                    
7  5 'Structure model' struct_ref_seq                
8  5 'Structure model' struct_ref_seq_dif            
9  6 'Structure model' chem_comp_atom                
10 6 'Structure model' chem_comp_bond                
11 6 'Structure model' database_2                    
12 6 'Structure model' pdbx_initial_refinement_model 
13 6 'Structure model' struct_conn                   
14 6 'Structure model' struct_site                   
15 7 'Structure model' atom_site                     
16 7 'Structure model' chem_comp_atom                
17 7 'Structure model' chem_comp_bond                
18 7 'Structure model' struct_conn                   
19 8 'Structure model' atom_site                     
20 8 'Structure model' chem_comp                     
21 8 'Structure model' chem_comp_atom                
22 8 'Structure model' chem_comp_bond                
23 8 'Structure model' entity                        
24 8 'Structure model' entity_poly                   
25 8 'Structure model' entity_poly_seq               
26 8 'Structure model' pdbx_poly_seq_scheme          
27 8 'Structure model' struct_conn                   
28 8 'Structure model' struct_ref_seq_dif            
29 8 'Structure model' struct_site_gen               
30 9 'Structure model' pdbx_entry_details            
31 9 'Structure model' pdbx_modification_feature     
# 
loop_
_pdbx_audit_revision_item.ordinal 
_pdbx_audit_revision_item.revision_ordinal 
_pdbx_audit_revision_item.data_content_type 
_pdbx_audit_revision_item.item 
1  4 'Structure model' '_software.classification'                       
2  4 'Structure model' '_software.name'                                 
3  4 'Structure model' '_struct_conn.pdbx_leaving_atom_flag'            
4  5 'Structure model' '_entity.pdbx_description'                       
5  5 'Structure model' '_entity_src_gen.pdbx_beg_seq_num'               
6  5 'Structure model' '_entity_src_gen.pdbx_end_seq_num'               
7  5 'Structure model' '_entity_src_gen.pdbx_seq_type'                  
8  5 'Structure model' '_struct_ref.pdbx_align_begin'                   
9  5 'Structure model' '_struct_ref.pdbx_db_accession'                  
10 5 'Structure model' '_struct_ref_seq.db_align_beg'                   
11 5 'Structure model' '_struct_ref_seq.db_align_end'                   
12 5 'Structure model' '_struct_ref_seq.pdbx_db_accession'              
13 5 'Structure model' '_struct_ref_seq_dif.details'                    
14 5 'Structure model' '_struct_ref_seq_dif.pdbx_seq_db_accession_code' 
15 5 'Structure model' '_struct_ref_seq_dif.pdbx_seq_db_seq_num'        
16 6 'Structure model' '_database_2.pdbx_DOI'                           
17 6 'Structure model' '_database_2.pdbx_database_accession'            
18 6 'Structure model' '_struct_conn.pdbx_dist_value'                   
19 6 'Structure model' '_struct_conn.pdbx_leaving_atom_flag'            
20 6 'Structure model' '_struct_conn.ptnr1_auth_comp_id'                
21 6 'Structure model' '_struct_conn.ptnr1_auth_seq_id'                 
22 6 'Structure model' '_struct_conn.ptnr1_label_atom_id'               
23 6 'Structure model' '_struct_conn.ptnr1_label_comp_id'               
24 6 'Structure model' '_struct_conn.ptnr1_label_seq_id'                
25 6 'Structure model' '_struct_conn.ptnr2_auth_comp_id'                
26 6 'Structure model' '_struct_conn.ptnr2_auth_seq_id'                 
27 6 'Structure model' '_struct_conn.ptnr2_label_atom_id'               
28 6 'Structure model' '_struct_conn.ptnr2_label_comp_id'               
29 6 'Structure model' '_struct_conn.ptnr2_label_seq_id'                
30 6 'Structure model' '_struct_site.pdbx_auth_asym_id'                 
31 6 'Structure model' '_struct_site.pdbx_auth_comp_id'                 
32 6 'Structure model' '_struct_site.pdbx_auth_seq_id'                  
33 7 'Structure model' '_atom_site.auth_atom_id'                        
34 7 'Structure model' '_atom_site.label_atom_id'                       
35 7 'Structure model' '_chem_comp_atom.atom_id'                        
36 7 'Structure model' '_chem_comp_bond.atom_id_1'                      
37 7 'Structure model' '_chem_comp_bond.atom_id_2'                      
38 7 'Structure model' '_struct_conn.pdbx_leaving_atom_flag'            
39 7 'Structure model' '_struct_conn.ptnr2_label_atom_id'               
40 8 'Structure model' '_atom_site.B_iso_or_equiv'                      
41 8 'Structure model' '_atom_site.Cartn_x'                             
42 8 'Structure model' '_atom_site.Cartn_y'                             
43 8 'Structure model' '_atom_site.Cartn_z'                             
44 8 'Structure model' '_atom_site.auth_atom_id'                        
45 8 'Structure model' '_atom_site.auth_comp_id'                        
46 8 'Structure model' '_atom_site.group_PDB'                           
47 8 'Structure model' '_atom_site.label_atom_id'                       
48 8 'Structure model' '_atom_site.label_comp_id'                       
49 8 'Structure model' '_atom_site.type_symbol'                         
50 8 'Structure model' '_chem_comp.formula'                             
51 8 'Structure model' '_chem_comp.formula_weight'                      
52 8 'Structure model' '_chem_comp.id'                                  
53 8 'Structure model' '_chem_comp.mon_nstd_flag'                       
54 8 'Structure model' '_chem_comp.name'                                
55 8 'Structure model' '_chem_comp.pdbx_synonyms'                       
56 8 'Structure model' '_chem_comp.type'                                
57 8 'Structure model' '_entity.formula_weight'                         
58 8 'Structure model' '_entity_poly.pdbx_seq_one_letter_code'          
59 8 'Structure model' '_entity_poly.pdbx_seq_one_letter_code_can'      
60 8 'Structure model' '_entity_poly_seq.mon_id'                        
61 8 'Structure model' '_pdbx_poly_seq_scheme.mon_id'                   
62 8 'Structure model' '_pdbx_poly_seq_scheme.pdb_mon_id'               
63 8 'Structure model' '_struct_conn.pdbx_leaving_atom_flag'            
64 8 'Structure model' '_struct_conn.ptnr1_auth_comp_id'                
65 8 'Structure model' '_struct_conn.ptnr1_label_comp_id'               
66 8 'Structure model' '_struct_conn.ptnr2_auth_comp_id'                
67 8 'Structure model' '_struct_conn.ptnr2_label_atom_id'               
68 8 'Structure model' '_struct_conn.ptnr2_label_comp_id'               
69 8 'Structure model' '_struct_site_gen.auth_comp_id'                  
70 8 'Structure model' '_struct_site_gen.label_comp_id'                 
# 
_pdbx_database_status.status_code                     REL 
_pdbx_database_status.entry_id                        1JBE 
_pdbx_database_status.recvd_initial_deposition_date   2001-06-04 
_pdbx_database_status.deposit_site                    RCSB 
_pdbx_database_status.process_site                    RCSB 
_pdbx_database_status.status_code_sf                  REL 
_pdbx_database_status.SG_entry                        . 
_pdbx_database_status.pdb_format_compatible           Y 
_pdbx_database_status.status_code_mr                  ? 
_pdbx_database_status.status_code_cs                  ? 
_pdbx_database_status.methods_development_category    ? 
_pdbx_database_status.status_code_nmr_data            ? 
# 
_pdbx_database_related.db_name        PDB 
_pdbx_database_related.db_id          3CHY 
_pdbx_database_related.details        '3CHY is the 1.7 A structure of apo-Chey' 
_pdbx_database_related.content_type   unspecified 
# 
loop_
_audit_author.name 
_audit_author.pdbx_ordinal 
'Simonovic, M.' 1 
'Volz, K.'      2 
# 
loop_
_citation.id 
_citation.title 
_citation.journal_abbrev 
_citation.journal_volume 
_citation.page_first 
_citation.page_last 
_citation.year 
_citation.journal_id_ASTM 
_citation.country 
_citation.journal_id_ISSN 
_citation.journal_id_CSD 
_citation.book_publisher 
_citation.pdbx_database_id_PubMed 
_citation.pdbx_database_id_DOI 
primary 'A distinct meta-active conformation in the 1.1-A resolution structure of wild-type ApoCheY.' J.Biol.Chem. 276 28637 28640 
2001 JBCHA3 US 0021-9258 0071 ? 11410584 10.1074/jbc.C100295200          
1       'Atomic Resolution Structure of a Succinimide Intermediate in E. coli CheY'                   J.Mol.Biol.  322 663   667   
2002 JMOBAK UK 0022-2836 0070 ? ?        '10.1016/S0022-2836(02)00821-5' 
# 
loop_
_citation_author.citation_id 
_citation_author.name 
_citation_author.ordinal 
_citation_author.identifier_ORCID 
primary 'Simonovic, M.' 1 ? 
primary 'Volz, K.'      2 ? 
1       'Simonovic, M.' 3 ? 
1       'Volz, K.'      4 ? 
# 
loop_
_entity.id 
_entity.type 
_entity.src_method 
_entity.pdbx_description 
_entity.formula_weight 
_entity.pdbx_number_of_molecules 
_entity.pdbx_ec 
_entity.pdbx_mutation 
_entity.pdbx_fragment 
_entity.details 
1 polymer     man 'Chemotaxis protein CheY' 13962.136 1   ? ? ? ? 
2 non-polymer syn 'SULFATE ION'             96.063    3   ? ? ? ? 
3 non-polymer syn GLYCEROL                  92.094    2   ? ? ? ? 
4 water       nat water                     18.015    198 ? ? ? ? 
# 
_entity_poly.entity_id                      1 
_entity_poly.type                           'polypeptide(L)' 
_entity_poly.nstd_linkage                   no 
_entity_poly.nstd_monomer                   yes 
_entity_poly.pdbx_seq_one_letter_code       
;ADKELKFLVVDDFSTMRRIVRNLLKELGFNNVEEAEDGVDALNKLQAGGYGFVISDWNMPNMDGLELLKTIRA(SNN)GA
MSALPVLMVTAEAKKENIIAAAQAGASGYVVKPFTAATLEEKLNKIFEKLGM
;
_entity_poly.pdbx_seq_one_letter_code_can   
;ADKELKFLVVDDFSTMRRIVRNLLKELGFNNVEEAEDGVDALNKLQAGGYGFVISDWNMPNMDGLELLKTIRANGAMSAL
PVLMVTAEAKKENIIAAAQAGASGYVVKPFTAATLEEKLNKIFEKLGM
;
_entity_poly.pdbx_strand_id                 A 
_entity_poly.pdbx_target_identifier         ? 
# 
loop_
_pdbx_entity_nonpoly.entity_id 
_pdbx_entity_nonpoly.name 
_pdbx_entity_nonpoly.comp_id 
2 'SULFATE ION' SO4 
3 GLYCEROL      GOL 
4 water         HOH 
# 
loop_
_entity_poly_seq.entity_id 
_entity_poly_seq.num 
_entity_poly_seq.mon_id 
_entity_poly_seq.hetero 
1 1   ALA n 
1 2   ASP n 
1 3   LYS n 
1 4   GLU n 
1 5   LEU n 
1 6   LYS n 
1 7   PHE n 
1 8   LEU n 
1 9   VAL n 
1 10  VAL n 
1 11  ASP n 
1 12  ASP n 
1 13  PHE n 
1 14  SER n 
1 15  THR n 
1 16  MET n 
1 17  ARG n 
1 18  ARG n 
1 19  ILE n 
1 20  VAL n 
1 21  ARG n 
1 22  ASN n 
1 23  LEU n 
1 24  LEU n 
1 25  LYS n 
1 26  GLU n 
1 27  LEU n 
1 28  GLY n 
1 29  PHE n 
1 30  ASN n 
1 31  ASN n 
1 32  VAL n 
1 33  GLU n 
1 34  GLU n 
1 35  ALA n 
1 36  GLU n 
1 37  ASP n 
1 38  GLY n 
1 39  VAL n 
1 40  ASP n 
1 41  ALA n 
1 42  LEU n 
1 43  ASN n 
1 44  LYS n 
1 45  LEU n 
1 46  GLN n 
1 47  ALA n 
1 48  GLY n 
1 49  GLY n 
1 50  TYR n 
1 51  GLY n 
1 52  PHE n 
1 53  VAL n 
1 54  ILE n 
1 55  SER n 
1 56  ASP n 
1 57  TRP n 
1 58  ASN n 
1 59  MET n 
1 60  PRO n 
1 61  ASN n 
1 62  MET n 
1 63  ASP n 
1 64  GLY n 
1 65  LEU n 
1 66  GLU n 
1 67  LEU n 
1 68  LEU n 
1 69  LYS n 
1 70  THR n 
1 71  ILE n 
1 72  ARG n 
1 73  ALA n 
1 74  SNN n 
1 75  GLY n 
1 76  ALA n 
1 77  MET n 
1 78  SER n 
1 79  ALA n 
1 80  LEU n 
1 81  PRO n 
1 82  VAL n 
1 83  LEU n 
1 84  MET n 
1 85  VAL n 
1 86  THR n 
1 87  ALA n 
1 88  GLU n 
1 89  ALA n 
1 90  LYS n 
1 91  LYS n 
1 92  GLU n 
1 93  ASN n 
1 94  ILE n 
1 95  ILE n 
1 96  ALA n 
1 97  ALA n 
1 98  ALA n 
1 99  GLN n 
1 100 ALA n 
1 101 GLY n 
1 102 ALA n 
1 103 SER n 
1 104 GLY n 
1 105 TYR n 
1 106 VAL n 
1 107 VAL n 
1 108 LYS n 
1 109 PRO n 
1 110 PHE n 
1 111 THR n 
1 112 ALA n 
1 113 ALA n 
1 114 THR n 
1 115 LEU n 
1 116 GLU n 
1 117 GLU n 
1 118 LYS n 
1 119 LEU n 
1 120 ASN n 
1 121 LYS n 
1 122 ILE n 
1 123 PHE n 
1 124 GLU n 
1 125 LYS n 
1 126 LEU n 
1 127 GLY n 
1 128 MET n 
# 
_entity_src_gen.entity_id                          1 
_entity_src_gen.pdbx_src_id                        1 
_entity_src_gen.pdbx_alt_source_flag               sample 
_entity_src_gen.pdbx_seq_type                      'Biological sequence' 
_entity_src_gen.pdbx_beg_seq_num                   1 
_entity_src_gen.pdbx_end_seq_num                   128 
_entity_src_gen.gene_src_common_name               ? 
_entity_src_gen.gene_src_genus                     Escherichia 
_entity_src_gen.pdbx_gene_src_gene                 ? 
_entity_src_gen.gene_src_species                   ? 
_entity_src_gen.gene_src_strain                    ? 
_entity_src_gen.gene_src_tissue                    ? 
_entity_src_gen.gene_src_tissue_fraction           ? 
_entity_src_gen.gene_src_details                   ? 
_entity_src_gen.pdbx_gene_src_fragment             ? 
_entity_src_gen.pdbx_gene_src_scientific_name      'Escherichia coli' 
_entity_src_gen.pdbx_gene_src_ncbi_taxonomy_id     562 
_entity_src_gen.pdbx_gene_src_variant              ? 
_entity_src_gen.pdbx_gene_src_cell_line            ? 
_entity_src_gen.pdbx_gene_src_atcc                 ? 
_entity_src_gen.pdbx_gene_src_organ                ? 
_entity_src_gen.pdbx_gene_src_organelle            ? 
_entity_src_gen.pdbx_gene_src_cell                 ? 
_entity_src_gen.pdbx_gene_src_cellular_location    ? 
_entity_src_gen.host_org_common_name               ? 
_entity_src_gen.pdbx_host_org_scientific_name      'Escherichia coli' 
_entity_src_gen.pdbx_host_org_ncbi_taxonomy_id     562 
_entity_src_gen.host_org_genus                     Escherichia 
_entity_src_gen.pdbx_host_org_gene                 ? 
_entity_src_gen.pdbx_host_org_organ                ? 
_entity_src_gen.host_org_species                   ? 
_entity_src_gen.pdbx_host_org_tissue               ? 
_entity_src_gen.pdbx_host_org_tissue_fraction      ? 
_entity_src_gen.pdbx_host_org_strain               ? 
_entity_src_gen.pdbx_host_org_variant              ? 
_entity_src_gen.pdbx_host_org_cell_line            ? 
_entity_src_gen.pdbx_host_org_atcc                 ? 
_entity_src_gen.pdbx_host_org_culture_collection   ? 
_entity_src_gen.pdbx_host_org_cell                 ? 
_entity_src_gen.pdbx_host_org_organelle            ? 
_entity_src_gen.pdbx_host_org_cellular_location    ? 
_entity_src_gen.pdbx_host_org_vector_type          ? 
_entity_src_gen.pdbx_host_org_vector               ? 
_entity_src_gen.host_org_details                   ? 
_entity_src_gen.expression_system_id               ? 
_entity_src_gen.plasmid_name                       ? 
_entity_src_gen.plasmid_details                    ? 
_entity_src_gen.pdbx_description                   ? 
# 
loop_
_chem_comp.id 
_chem_comp.type 
_chem_comp.mon_nstd_flag 
_chem_comp.name 
_chem_comp.pdbx_synonyms 
_chem_comp.formula 
_chem_comp.formula_weight 
ALA 'L-peptide linking' y ALANINE              ?                               'C3 H7 N O2'     89.093  
ARG 'L-peptide linking' y ARGININE             ?                               'C6 H15 N4 O2 1' 175.209 
ASN 'L-peptide linking' y ASPARAGINE           ?                               'C4 H8 N2 O3'    132.118 
ASP 'L-peptide linking' y 'ASPARTIC ACID'      ?                               'C4 H7 N O4'     133.103 
GLN 'L-peptide linking' y GLUTAMINE            ?                               'C5 H10 N2 O3'   146.144 
GLU 'L-peptide linking' y 'GLUTAMIC ACID'      ?                               'C5 H9 N O4'     147.129 
GLY 'peptide linking'   y GLYCINE              ?                               'C2 H5 N O2'     75.067  
GOL non-polymer         . GLYCEROL             'GLYCERIN; PROPANE-1,2,3-TRIOL' 'C3 H8 O3'       92.094  
HOH non-polymer         . WATER                ?                               'H2 O'           18.015  
ILE 'L-peptide linking' y ISOLEUCINE           ?                               'C6 H13 N O2'    131.173 
LEU 'L-peptide linking' y LEUCINE              ?                               'C6 H13 N O2'    131.173 
LYS 'L-peptide linking' y LYSINE               ?                               'C6 H15 N2 O2 1' 147.195 
MET 'L-peptide linking' y METHIONINE           ?                               'C5 H11 N O2 S'  149.211 
PHE 'L-peptide linking' y PHENYLALANINE        ?                               'C9 H11 N O2'    165.189 
PRO 'L-peptide linking' y PROLINE              ?                               'C5 H9 N O2'     115.130 
SER 'L-peptide linking' y SERINE               ?                               'C3 H7 N O3'     105.093 
SNN 'L-peptide linking' n L-3-AMINOSUCCINIMIDE ?                               'C4 H6 N2 O2'    114.103 
SO4 non-polymer         . 'SULFATE ION'        ?                               'O4 S -2'        96.063  
THR 'L-peptide linking' y THREONINE            ?                               'C4 H9 N O3'     119.119 
TRP 'L-peptide linking' y TRYPTOPHAN           ?                               'C11 H12 N2 O2'  204.225 
TYR 'L-peptide linking' y TYROSINE             ?                               'C9 H11 N O3'    181.189 
VAL 'L-peptide linking' y VALINE               ?                               'C5 H11 N O2'    117.146 
# 
loop_
_pdbx_poly_seq_scheme.asym_id 
_pdbx_poly_seq_scheme.entity_id 
_pdbx_poly_seq_scheme.seq_id 
_pdbx_poly_seq_scheme.mon_id 
_pdbx_poly_seq_scheme.ndb_seq_num 
_pdbx_poly_seq_scheme.pdb_seq_num 
_pdbx_poly_seq_scheme.auth_seq_num 
_pdbx_poly_seq_scheme.pdb_mon_id 
_pdbx_poly_seq_scheme.auth_mon_id 
_pdbx_poly_seq_scheme.pdb_strand_id 
_pdbx_poly_seq_scheme.pdb_ins_code 
_pdbx_poly_seq_scheme.hetero 
A 1 1   ALA 1   2   2   ALA ALA A . n 
A 1 2   ASP 2   3   3   ASP ASP A . n 
A 1 3   LYS 3   4   4   LYS LYS A . n 
A 1 4   GLU 4   5   5   GLU GLU A . n 
A 1 5   LEU 5   6   6   LEU LEU A . n 
A 1 6   LYS 6   7   7   LYS LYS A . n 
A 1 7   PHE 7   8   8   PHE PHE A . n 
A 1 8   LEU 8   9   9   LEU LEU A . n 
A 1 9   VAL 9   10  10  VAL VAL A . n 
A 1 10  VAL 10  11  11  VAL VAL A . n 
A 1 11  ASP 11  12  12  ASP ASP A . n 
A 1 12  ASP 12  13  13  ASP ASP A . n 
A 1 13  PHE 13  14  14  PHE PHE A . n 
A 1 14  SER 14  15  15  SER SER A . n 
A 1 15  THR 15  16  16  THR THR A . n 
A 1 16  MET 16  17  17  MET MET A . n 
A 1 17  ARG 17  18  18  ARG ARG A . n 
A 1 18  ARG 18  19  19  ARG ARG A . n 
A 1 19  ILE 19  20  20  ILE ILE A . n 
A 1 20  VAL 20  21  21  VAL VAL A . n 
A 1 21  ARG 21  22  22  ARG ARG A . n 
A 1 22  ASN 22  23  23  ASN ASN A . n 
A 1 23  LEU 23  24  24  LEU LEU A . n 
A 1 24  LEU 24  25  25  LEU LEU A . n 
A 1 25  LYS 25  26  26  LYS LYS A . n 
A 1 26  GLU 26  27  27  GLU GLU A . n 
A 1 27  LEU 27  28  28  LEU LEU A . n 
A 1 28  GLY 28  29  29  GLY GLY A . n 
A 1 29  PHE 29  30  30  PHE PHE A . n 
A 1 30  ASN 30  31  31  ASN ASN A . n 
A 1 31  ASN 31  32  32  ASN ASN A . n 
A 1 32  VAL 32  33  33  VAL VAL A . n 
A 1 33  GLU 33  34  34  GLU GLU A . n 
A 1 34  GLU 34  35  35  GLU GLU A . n 
A 1 35  ALA 35  36  36  ALA ALA A . n 
A 1 36  GLU 36  37  37  GLU GLU A . n 
A 1 37  ASP 37  38  38  ASP ASP A . n 
A 1 38  GLY 38  39  39  GLY GLY A . n 
A 1 39  VAL 39  40  40  VAL VAL A . n 
A 1 40  ASP 40  41  41  ASP ASP A . n 
A 1 41  ALA 41  42  42  ALA ALA A . n 
A 1 42  LEU 42  43  43  LEU LEU A . n 
A 1 43  ASN 43  44  44  ASN ASN A . n 
A 1 44  LYS 44  45  45  LYS LYS A . n 
A 1 45  LEU 45  46  46  LEU LEU A . n 
A 1 46  GLN 46  47  47  GLN GLN A . n 
A 1 47  ALA 47  48  48  ALA ALA A . n 
A 1 48  GLY 48  49  49  GLY GLY A . n 
A 1 49  GLY 49  50  50  GLY GLY A . n 
A 1 50  TYR 50  51  51  TYR TYR A . n 
A 1 51  GLY 51  52  52  GLY GLY A . n 
A 1 52  PHE 52  53  53  PHE PHE A . n 
A 1 53  VAL 53  54  54  VAL VAL A . n 
A 1 54  ILE 54  55  55  ILE ILE A . n 
A 1 55  SER 55  56  56  SER SER A . n 
A 1 56  ASP 56  57  57  ASP ASP A . n 
A 1 57  TRP 57  58  58  TRP TRP A . n 
A 1 58  ASN 58  59  59  ASN ASN A . n 
A 1 59  MET 59  60  60  MET MET A . n 
A 1 60  PRO 60  61  61  PRO PRO A . n 
A 1 61  ASN 61  62  62  ASN ASN A . n 
A 1 62  MET 62  63  63  MET MET A . n 
A 1 63  ASP 63  64  64  ASP ASP A . n 
A 1 64  GLY 64  65  65  GLY GLY A . n 
A 1 65  LEU 65  66  66  LEU LEU A . n 
A 1 66  GLU 66  67  67  GLU GLU A . n 
A 1 67  LEU 67  68  68  LEU LEU A . n 
A 1 68  LEU 68  69  69  LEU LEU A . n 
A 1 69  LYS 69  70  70  LYS LYS A . n 
A 1 70  THR 70  71  71  THR THR A . n 
A 1 71  ILE 71  72  72  ILE ILE A . n 
A 1 72  ARG 72  73  73  ARG ARG A . n 
A 1 73  ALA 73  74  74  ALA ALA A . n 
A 1 74  SNN 74  75  75  SNN SNN A . n 
A 1 75  GLY 75  76  76  GLY ACY A . n 
A 1 76  ALA 76  77  77  ALA ALA A . n 
A 1 77  MET 77  78  78  MET MET A . n 
A 1 78  SER 78  79  79  SER SER A . n 
A 1 79  ALA 79  80  80  ALA ALA A . n 
A 1 80  LEU 80  81  81  LEU LEU A . n 
A 1 81  PRO 81  82  82  PRO PRO A . n 
A 1 82  VAL 82  83  83  VAL VAL A . n 
A 1 83  LEU 83  84  84  LEU LEU A . n 
A 1 84  MET 84  85  85  MET MET A . n 
A 1 85  VAL 85  86  86  VAL VAL A . n 
A 1 86  THR 86  87  87  THR THR A . n 
A 1 87  ALA 87  88  88  ALA ALA A . n 
A 1 88  GLU 88  89  89  GLU GLU A . n 
A 1 89  ALA 89  90  90  ALA ALA A . n 
A 1 90  LYS 90  91  91  LYS LYS A . n 
A 1 91  LYS 91  92  92  LYS LYS A . n 
A 1 92  GLU 92  93  93  GLU GLU A . n 
A 1 93  ASN 93  94  94  ASN ASN A . n 
A 1 94  ILE 94  95  95  ILE ILE A . n 
A 1 95  ILE 95  96  96  ILE ILE A . n 
A 1 96  ALA 96  97  97  ALA ALA A . n 
A 1 97  ALA 97  98  98  ALA ALA A . n 
A 1 98  ALA 98  99  99  ALA ALA A . n 
A 1 99  GLN 99  100 100 GLN GLN A . n 
A 1 100 ALA 100 101 101 ALA ALA A . n 
A 1 101 GLY 101 102 102 GLY GLY A . n 
A 1 102 ALA 102 103 103 ALA ALA A . n 
A 1 103 SER 103 104 104 SER SER A . n 
A 1 104 GLY 104 105 105 GLY GLY A . n 
A 1 105 TYR 105 106 106 TYR TYR A . n 
A 1 106 VAL 106 107 107 VAL VAL A . n 
A 1 107 VAL 107 108 108 VAL VAL A . n 
A 1 108 LYS 108 109 109 LYS LYS A . n 
A 1 109 PRO 109 110 110 PRO PRO A . n 
A 1 110 PHE 110 111 111 PHE PHE A . n 
A 1 111 THR 111 112 112 THR THR A . n 
A 1 112 ALA 112 113 113 ALA ALA A . n 
A 1 113 ALA 113 114 114 ALA ALA A . n 
A 1 114 THR 114 115 115 THR THR A . n 
A 1 115 LEU 115 116 116 LEU LEU A . n 
A 1 116 GLU 116 117 117 GLU GLU A . n 
A 1 117 GLU 117 118 118 GLU GLU A . n 
A 1 118 LYS 118 119 119 LYS LYS A . n 
A 1 119 LEU 119 120 120 LEU LEU A . n 
A 1 120 ASN 120 121 121 ASN ASN A . n 
A 1 121 LYS 121 122 122 LYS LYS A . n 
A 1 122 ILE 122 123 123 ILE ILE A . n 
A 1 123 PHE 123 124 124 PHE PHE A . n 
A 1 124 GLU 124 125 125 GLU GLU A . n 
A 1 125 LYS 125 126 126 LYS LYS A . n 
A 1 126 LEU 126 127 127 LEU LEU A . n 
A 1 127 GLY 127 128 128 GLY GLY A . n 
A 1 128 MET 128 129 129 MET MET A . n 
# 
loop_
_pdbx_nonpoly_scheme.asym_id 
_pdbx_nonpoly_scheme.entity_id 
_pdbx_nonpoly_scheme.mon_id 
_pdbx_nonpoly_scheme.ndb_seq_num 
_pdbx_nonpoly_scheme.pdb_seq_num 
_pdbx_nonpoly_scheme.auth_seq_num 
_pdbx_nonpoly_scheme.pdb_mon_id 
_pdbx_nonpoly_scheme.auth_mon_id 
_pdbx_nonpoly_scheme.pdb_strand_id 
_pdbx_nonpoly_scheme.pdb_ins_code 
B 2 SO4 1   301 301 SO4 SO4 A . 
C 2 SO4 1   302 302 SO4 SO4 A . 
D 2 SO4 1   303 303 SO4 SO4 A . 
E 3 GOL 1   201 201 GOL GOL A . 
F 3 GOL 1   202 202 GOL GOL A . 
G 4 HOH 1   401 401 HOH HOH A . 
G 4 HOH 2   402 402 HOH HOH A . 
G 4 HOH 3   403 403 HOH HOH A . 
G 4 HOH 4   404 404 HOH HOH A . 
G 4 HOH 5   405 405 HOH HOH A . 
G 4 HOH 6   406 406 HOH HOH A . 
G 4 HOH 7   407 407 HOH HOH A . 
G 4 HOH 8   408 408 HOH HOH A . 
G 4 HOH 9   409 409 HOH HOH A . 
G 4 HOH 10  410 410 HOH HOH A . 
G 4 HOH 11  411 411 HOH HOH A . 
G 4 HOH 12  412 412 HOH HOH A . 
G 4 HOH 13  413 413 HOH HOH A . 
G 4 HOH 14  414 414 HOH HOH A . 
G 4 HOH 15  415 415 HOH HOH A . 
G 4 HOH 16  416 416 HOH HOH A . 
G 4 HOH 17  417 417 HOH HOH A . 
G 4 HOH 18  418 418 HOH HOH A . 
G 4 HOH 19  419 419 HOH HOH A . 
G 4 HOH 20  420 420 HOH HOH A . 
G 4 HOH 21  421 421 HOH HOH A . 
G 4 HOH 22  422 422 HOH HOH A . 
G 4 HOH 23  423 423 HOH HOH A . 
G 4 HOH 24  424 424 HOH HOH A . 
G 4 HOH 25  425 425 HOH HOH A . 
G 4 HOH 26  426 426 HOH HOH A . 
G 4 HOH 27  427 427 HOH HOH A . 
G 4 HOH 28  428 428 HOH HOH A . 
G 4 HOH 29  429 429 HOH HOH A . 
G 4 HOH 30  430 430 HOH HOH A . 
G 4 HOH 31  431 431 HOH HOH A . 
G 4 HOH 32  432 432 HOH HOH A . 
G 4 HOH 33  433 433 HOH HOH A . 
G 4 HOH 34  434 434 HOH HOH A . 
G 4 HOH 35  435 435 HOH HOH A . 
G 4 HOH 36  436 436 HOH HOH A . 
G 4 HOH 37  437 437 HOH HOH A . 
G 4 HOH 38  438 438 HOH HOH A . 
G 4 HOH 39  439 439 HOH HOH A . 
G 4 HOH 40  440 440 HOH HOH A . 
G 4 HOH 41  441 441 HOH HOH A . 
G 4 HOH 42  442 442 HOH HOH A . 
G 4 HOH 43  443 443 HOH HOH A . 
G 4 HOH 44  444 444 HOH HOH A . 
G 4 HOH 45  445 445 HOH HOH A . 
G 4 HOH 46  446 446 HOH HOH A . 
G 4 HOH 47  447 447 HOH HOH A . 
G 4 HOH 48  448 448 HOH HOH A . 
G 4 HOH 49  449 449 HOH HOH A . 
G 4 HOH 50  450 450 HOH HOH A . 
G 4 HOH 51  451 451 HOH HOH A . 
G 4 HOH 52  452 452 HOH HOH A . 
G 4 HOH 53  453 453 HOH HOH A . 
G 4 HOH 54  454 454 HOH HOH A . 
G 4 HOH 55  455 455 HOH HOH A . 
G 4 HOH 56  456 456 HOH HOH A . 
G 4 HOH 57  457 457 HOH HOH A . 
G 4 HOH 58  458 458 HOH HOH A . 
G 4 HOH 59  459 459 HOH HOH A . 
G 4 HOH 60  460 460 HOH HOH A . 
G 4 HOH 61  461 461 HOH HOH A . 
G 4 HOH 62  462 462 HOH HOH A . 
G 4 HOH 63  463 463 HOH HOH A . 
G 4 HOH 64  464 464 HOH HOH A . 
G 4 HOH 65  465 465 HOH HOH A . 
G 4 HOH 66  466 466 HOH HOH A . 
G 4 HOH 67  467 467 HOH HOH A . 
G 4 HOH 68  468 468 HOH HOH A . 
G 4 HOH 69  469 469 HOH HOH A . 
G 4 HOH 70  470 470 HOH HOH A . 
G 4 HOH 71  471 471 HOH HOH A . 
G 4 HOH 72  472 472 HOH HOH A . 
G 4 HOH 73  473 473 HOH HOH A . 
G 4 HOH 74  474 474 HOH HOH A . 
G 4 HOH 75  475 475 HOH HOH A . 
G 4 HOH 76  476 476 HOH HOH A . 
G 4 HOH 77  477 477 HOH HOH A . 
G 4 HOH 78  478 478 HOH HOH A . 
G 4 HOH 79  479 479 HOH HOH A . 
G 4 HOH 80  480 480 HOH HOH A . 
G 4 HOH 81  481 481 HOH HOH A . 
G 4 HOH 82  482 482 HOH HOH A . 
G 4 HOH 83  483 483 HOH HOH A . 
G 4 HOH 84  484 484 HOH HOH A . 
G 4 HOH 85  485 485 HOH HOH A . 
G 4 HOH 86  486 486 HOH HOH A . 
G 4 HOH 87  487 487 HOH HOH A . 
G 4 HOH 88  488 488 HOH HOH A . 
G 4 HOH 89  489 489 HOH HOH A . 
G 4 HOH 90  490 490 HOH HOH A . 
G 4 HOH 91  491 491 HOH HOH A . 
G 4 HOH 92  492 492 HOH HOH A . 
G 4 HOH 93  493 493 HOH HOH A . 
G 4 HOH 94  494 494 HOH HOH A . 
G 4 HOH 95  495 495 HOH HOH A . 
G 4 HOH 96  496 496 HOH HOH A . 
G 4 HOH 97  497 497 HOH HOH A . 
G 4 HOH 98  498 498 HOH HOH A . 
G 4 HOH 99  499 499 HOH HOH A . 
G 4 HOH 100 500 500 HOH HOH A . 
G 4 HOH 101 501 501 HOH HOH A . 
G 4 HOH 102 502 502 HOH HOH A . 
G 4 HOH 103 503 503 HOH HOH A . 
G 4 HOH 104 504 504 HOH HOH A . 
G 4 HOH 105 505 505 HOH HOH A . 
G 4 HOH 106 506 506 HOH HOH A . 
G 4 HOH 107 507 507 HOH HOH A . 
G 4 HOH 108 508 508 HOH HOH A . 
G 4 HOH 109 509 509 HOH HOH A . 
G 4 HOH 110 510 510 HOH HOH A . 
G 4 HOH 111 511 511 HOH HOH A . 
G 4 HOH 112 512 512 HOH HOH A . 
G 4 HOH 113 513 513 HOH HOH A . 
G 4 HOH 114 514 514 HOH HOH A . 
G 4 HOH 115 515 515 HOH HOH A . 
G 4 HOH 116 516 516 HOH HOH A . 
G 4 HOH 117 517 517 HOH HOH A . 
G 4 HOH 118 518 518 HOH HOH A . 
G 4 HOH 119 519 519 HOH HOH A . 
G 4 HOH 120 520 520 HOH HOH A . 
G 4 HOH 121 521 521 HOH HOH A . 
G 4 HOH 122 522 522 HOH HOH A . 
G 4 HOH 123 523 523 HOH HOH A . 
G 4 HOH 124 524 524 HOH HOH A . 
G 4 HOH 125 525 525 HOH HOH A . 
G 4 HOH 126 526 526 HOH HOH A . 
G 4 HOH 127 527 527 HOH HOH A . 
G 4 HOH 128 528 528 HOH HOH A . 
G 4 HOH 129 529 529 HOH HOH A . 
G 4 HOH 130 530 530 HOH HOH A . 
G 4 HOH 131 531 531 HOH HOH A . 
G 4 HOH 132 532 532 HOH HOH A . 
G 4 HOH 133 533 533 HOH HOH A . 
G 4 HOH 134 534 534 HOH HOH A . 
G 4 HOH 135 535 535 HOH HOH A . 
G 4 HOH 136 536 536 HOH HOH A . 
G 4 HOH 137 537 537 HOH HOH A . 
G 4 HOH 138 538 538 HOH HOH A . 
G 4 HOH 139 539 539 HOH HOH A . 
G 4 HOH 140 540 540 HOH HOH A . 
G 4 HOH 141 541 541 HOH HOH A . 
G 4 HOH 142 542 542 HOH HOH A . 
G 4 HOH 143 543 543 HOH HOH A . 
G 4 HOH 144 544 544 HOH HOH A . 
G 4 HOH 145 545 545 HOH HOH A . 
G 4 HOH 146 546 546 HOH HOH A . 
G 4 HOH 147 547 547 HOH HOH A . 
G 4 HOH 148 548 548 HOH HOH A . 
G 4 HOH 149 549 549 HOH HOH A . 
G 4 HOH 150 550 550 HOH HOH A . 
G 4 HOH 151 551 551 HOH HOH A . 
G 4 HOH 152 552 552 HOH HOH A . 
G 4 HOH 153 553 553 HOH HOH A . 
G 4 HOH 154 554 554 HOH HOH A . 
G 4 HOH 155 555 555 HOH HOH A . 
G 4 HOH 156 556 556 HOH HOH A . 
G 4 HOH 157 557 557 HOH HOH A . 
G 4 HOH 158 558 558 HOH HOH A . 
G 4 HOH 159 559 559 HOH HOH A . 
G 4 HOH 160 560 560 HOH HOH A . 
G 4 HOH 161 561 561 HOH HOH A . 
G 4 HOH 162 562 562 HOH HOH A . 
G 4 HOH 163 563 563 HOH HOH A . 
G 4 HOH 164 564 564 HOH HOH A . 
G 4 HOH 165 565 565 HOH HOH A . 
G 4 HOH 166 566 566 HOH HOH A . 
G 4 HOH 167 567 567 HOH HOH A . 
G 4 HOH 168 568 568 HOH HOH A . 
G 4 HOH 169 569 569 HOH HOH A . 
G 4 HOH 170 570 570 HOH HOH A . 
G 4 HOH 171 571 571 HOH HOH A . 
G 4 HOH 172 572 572 HOH HOH A . 
G 4 HOH 173 573 573 HOH HOH A . 
G 4 HOH 174 574 574 HOH HOH A . 
G 4 HOH 175 575 575 HOH HOH A . 
G 4 HOH 176 576 576 HOH HOH A . 
G 4 HOH 177 577 577 HOH HOH A . 
G 4 HOH 178 578 578 HOH HOH A . 
G 4 HOH 179 579 579 HOH HOH A . 
G 4 HOH 180 580 580 HOH HOH A . 
G 4 HOH 181 581 581 HOH HOH A . 
G 4 HOH 182 582 582 HOH HOH A . 
G 4 HOH 183 583 583 HOH HOH A . 
G 4 HOH 184 584 584 HOH HOH A . 
G 4 HOH 185 585 585 HOH HOH A . 
G 4 HOH 186 586 586 HOH HOH A . 
G 4 HOH 187 587 587 HOH HOH A . 
G 4 HOH 188 588 588 HOH HOH A . 
G 4 HOH 189 589 589 HOH HOH A . 
G 4 HOH 190 590 590 HOH HOH A . 
G 4 HOH 191 591 591 HOH HOH A . 
G 4 HOH 192 592 592 HOH HOH A . 
G 4 HOH 193 593 593 HOH HOH A . 
G 4 HOH 194 594 594 HOH HOH A . 
G 4 HOH 195 595 595 HOH HOH A . 
G 4 HOH 196 596 596 HOH HOH A . 
G 4 HOH 197 597 597 HOH HOH A . 
G 4 HOH 198 598 598 HOH HOH A . 
# 
loop_
_software.name 
_software.classification 
_software.version 
_software.citation_id 
_software.pdbx_ordinal 
SHELXL-97 refinement        . ? 1 
DENZO     'data reduction'  . ? 2 
SCALEPACK 'data scaling'    . ? 3 
CNS       refinement        . ? 4 
ADSC      'data collection' . ? 5 
CNS       phasing           . ? 6 
# 
_cell.entry_id           1JBE 
_cell.length_a           45.122 
_cell.length_b           46.652 
_cell.length_c           53.120 
_cell.angle_alpha        90.00 
_cell.angle_beta         90.00 
_cell.angle_gamma        90.00 
_cell.Z_PDB              4 
_cell.pdbx_unique_axis   ? 
# 
_symmetry.entry_id                         1JBE 
_symmetry.space_group_name_H-M             'P 21 21 21' 
_symmetry.pdbx_full_space_group_name_H-M   ? 
_symmetry.cell_setting                     ? 
_symmetry.Int_Tables_number                19 
# 
_exptl.entry_id          1JBE 
_exptl.method            'X-RAY DIFFRACTION' 
_exptl.crystals_number   1 
# 
_exptl_crystal.id                    1 
_exptl_crystal.density_meas          ? 
_exptl_crystal.density_Matthews      1.67 
_exptl_crystal.density_percent_sol   26.4 
_exptl_crystal.description           ? 
# 
_exptl_crystal_grow.crystal_id      1 
_exptl_crystal_grow.method          MICRODIALYSIS 
_exptl_crystal_grow.temp            293 
_exptl_crystal_grow.temp_details    ? 
_exptl_crystal_grow.pH              8.3 
_exptl_crystal_grow.pdbx_details    'microdialysis, 2.2M Ammonium sulfate, 50mM Tris, pH 8.3, MICRODIALYSIS, temperature 293K' 
_exptl_crystal_grow.pdbx_pH_range   . 
# 
_diffrn.id                     1 
_diffrn.ambient_temp           100 
_diffrn.ambient_temp_details   ? 
_diffrn.crystal_id             1 
# 
_diffrn_detector.diffrn_id              1 
_diffrn_detector.detector               CCD 
_diffrn_detector.type                   ADSC 
_diffrn_detector.pdbx_collection_date   1999-08-18 
_diffrn_detector.details                ? 
# 
_diffrn_radiation.diffrn_id                        1 
_diffrn_radiation.wavelength_id                    1 
_diffrn_radiation.pdbx_monochromatic_or_laue_m_l   M 
_diffrn_radiation.monochromator                    ? 
_diffrn_radiation.pdbx_diffrn_protocol             'SINGLE WAVELENGTH' 
_diffrn_radiation.pdbx_scattering_type             x-ray 
# 
loop_
_diffrn_radiation_wavelength.id 
_diffrn_radiation_wavelength.wavelength 
_diffrn_radiation_wavelength.wt 
1 1.0000 1.0 
2 1.0    1.0 
# 
_diffrn_source.diffrn_id                   1 
_diffrn_source.source                      SYNCHROTRON 
_diffrn_source.type                        'APS BEAMLINE 14-BM-C' 
_diffrn_source.pdbx_synchrotron_site       APS 
_diffrn_source.pdbx_synchrotron_beamline   14-BM-C 
_diffrn_source.pdbx_wavelength             1.0000 
_diffrn_source.pdbx_wavelength_list        1.0 
# 
_reflns.entry_id                     1JBE 
_reflns.observed_criterion_sigma_I   ? 
_reflns.observed_criterion_sigma_F   ? 
_reflns.d_resolution_low             100.00 
_reflns.d_resolution_high            1.08 
_reflns.number_obs                   42147 
_reflns.number_all                   ? 
_reflns.percent_possible_obs         86.9 
_reflns.pdbx_Rmerge_I_obs            0.0480000 
_reflns.pdbx_Rsym_value              ? 
_reflns.pdbx_netI_over_sigmaI        23.2 
_reflns.B_iso_Wilson_estimate        ? 
_reflns.pdbx_redundancy              3.3 
_reflns.R_free_details               ? 
_reflns.limit_h_max                  ? 
_reflns.limit_h_min                  ? 
_reflns.limit_k_max                  ? 
_reflns.limit_k_min                  ? 
_reflns.limit_l_max                  ? 
_reflns.limit_l_min                  ? 
_reflns.observed_criterion_F_max     ? 
_reflns.observed_criterion_F_min     ? 
_reflns.pdbx_ordinal                 1 
_reflns.pdbx_diffrn_id               1 
# 
_reflns_shell.d_res_high             1.08 
_reflns_shell.d_res_low              1.12 
_reflns_shell.percent_possible_all   70.2 
_reflns_shell.Rmerge_I_obs           0.2120000 
_reflns_shell.pdbx_Rsym_value        ? 
_reflns_shell.meanI_over_sigI_obs    3.9 
_reflns_shell.pdbx_redundancy        2.08 
_reflns_shell.percent_possible_obs   ? 
_reflns_shell.number_unique_all      3345 
_reflns_shell.pdbx_ordinal           1 
_reflns_shell.pdbx_diffrn_id         1 
# 
_refine.entry_id                                 1JBE 
_refine.ls_number_reflns_obs                     42133 
_refine.ls_number_reflns_all                     42133 
_refine.pdbx_ls_sigma_I                          0.0 
_refine.pdbx_ls_sigma_F                          0.0 
_refine.pdbx_data_cutoff_high_absF               ? 
_refine.pdbx_data_cutoff_low_absF                ? 
_refine.ls_d_res_low                             100.00 
_refine.ls_d_res_high                            1.08 
_refine.ls_percent_reflns_obs                    86.7 
_refine.ls_R_factor_obs                          0.1129000 
_refine.ls_R_factor_all                          0.1055000 
_refine.ls_R_factor_R_work                       0.1214000 
_refine.ls_R_factor_R_free                       0.1520000 
_refine.ls_R_factor_R_free_error                 ? 
_refine.ls_R_factor_R_free_error_details         ? 
_refine.ls_percent_reflns_R_free                 10. 
_refine.ls_number_reflns_R_free                  4210 
_refine.ls_number_parameters                     16023 
_refine.ls_number_restraints                     15497 
_refine.occupancy_min                            ? 
_refine.occupancy_max                            ? 
_refine.B_iso_mean                               ? 
_refine.aniso_B[1][1]                            ? 
_refine.aniso_B[2][2]                            ? 
_refine.aniso_B[3][3]                            ? 
_refine.aniso_B[1][2]                            ? 
_refine.aniso_B[1][3]                            ? 
_refine.aniso_B[2][3]                            ? 
_refine.solvent_model_details                    'MOEWS & KRETSINGER, J.MOL.BIOL.91(1973)201-228' 
_refine.solvent_model_param_ksol                 ? 
_refine.solvent_model_param_bsol                 ? 
_refine.pdbx_ls_cross_valid_method               'FREE R' 
_refine.details                                  
'ANISOTROPIC SCALING APPLIED BY THE METHOD OF PARKIN, MOEZZI & HOPE, J.APPL.CRYST.28(1995)53-56' 
_refine.pdbx_starting_model                      'APO-CHEY (PDB CODE: 3CHY)' 
_refine.pdbx_method_to_determine_struct          'MOLECULAR REPLACEMENT' 
_refine.pdbx_isotropic_thermal_model             ? 
_refine.pdbx_stereochemistry_target_values       'ENGH AND HUBER' 
_refine.pdbx_stereochem_target_val_spec_case     ? 
_refine.pdbx_R_Free_selection_details            RANDOM 
_refine.pdbx_overall_ESU_R_Free                  ? 
_refine.overall_SU_B                             ? 
_refine.ls_redundancy_reflns_obs                 ? 
_refine.B_iso_min                                ? 
_refine.B_iso_max                                ? 
_refine.correlation_coeff_Fo_to_Fc               ? 
_refine.overall_SU_R_Cruickshank_DPI             ? 
_refine.overall_SU_R_free                        ? 
_refine.overall_SU_ML                            ? 
_refine.pdbx_overall_ESU_R                       ? 
_refine.pdbx_data_cutoff_high_rms_absF           ? 
_refine.correlation_coeff_Fo_to_Fc_free          ? 
_refine.pdbx_solvent_vdw_probe_radii             ? 
_refine.pdbx_solvent_ion_probe_radii             ? 
_refine.pdbx_solvent_shrinkage_radii             ? 
_refine.pdbx_refine_id                           'X-RAY DIFFRACTION' 
_refine.pdbx_diffrn_id                           1 
_refine.pdbx_TLS_residual_ADP_flag               ? 
_refine.pdbx_overall_phase_error                 ? 
_refine.pdbx_overall_SU_R_free_Cruickshank_DPI   ? 
_refine.pdbx_overall_SU_R_Blow_DPI               ? 
_refine.pdbx_overall_SU_R_free_Blow_DPI          ? 
# 
_refine_analyze.entry_id                        1JBE 
_refine_analyze.Luzzati_coordinate_error_obs    ? 
_refine_analyze.Luzzati_sigma_a_obs             ? 
_refine_analyze.Luzzati_d_res_low_obs           ? 
_refine_analyze.Luzzati_coordinate_error_free   ? 
_refine_analyze.Luzzati_sigma_a_free            ? 
_refine_analyze.Luzzati_d_res_low_free          ? 
_refine_analyze.number_disordered_residues      14 
_refine_analyze.occupancy_sum_hydrogen          1996.14 
_refine_analyze.occupancy_sum_non_hydrogen      1216.00 
_refine_analyze.pdbx_Luzzati_d_res_high_obs     ? 
_refine_analyze.pdbx_refine_id                  'X-RAY DIFFRACTION' 
# 
_refine_hist.pdbx_refine_id                   'X-RAY DIFFRACTION' 
_refine_hist.cycle_id                         LAST 
_refine_hist.pdbx_number_atoms_protein        978 
_refine_hist.pdbx_number_atoms_nucleic_acid   0 
_refine_hist.pdbx_number_atoms_ligand         27 
_refine_hist.number_atoms_solvent             198 
_refine_hist.number_atoms_total               1203 
_refine_hist.d_res_high                       1.08 
_refine_hist.d_res_low                        100.00 
# 
loop_
_refine_ls_restr.type 
_refine_ls_restr.dev_ideal 
_refine_ls_restr.dev_ideal_target 
_refine_ls_restr.weight 
_refine_ls_restr.number 
_refine_ls_restr.pdbx_refine_id 
_refine_ls_restr.pdbx_restraint_function 
s_bond_d               0.007  ? ? ? 'X-RAY DIFFRACTION' ? 
s_angle_d              0.022  ? ? ? 'X-RAY DIFFRACTION' ? 
s_similar_dist         0.016  ? ? ? 'X-RAY DIFFRACTION' ? 
s_from_restr_planes    0.0271 ? ? ? 'X-RAY DIFFRACTION' ? 
s_zero_chiral_vol      0.044  ? ? ? 'X-RAY DIFFRACTION' ? 
s_non_zero_chiral_vol  0.047  ? ? ? 'X-RAY DIFFRACTION' ? 
s_anti_bump_dis_restr  0.065  ? ? ? 'X-RAY DIFFRACTION' ? 
s_rigid_bond_adp_cmpnt 0.002  ? ? ? 'X-RAY DIFFRACTION' ? 
s_similar_adp_cmpnt    0.041  ? ? ? 'X-RAY DIFFRACTION' ? 
s_approx_iso_adps      0.087  ? ? ? 'X-RAY DIFFRACTION' ? 
# 
_pdbx_refine.entry_id                                    1JBE 
_pdbx_refine.R_factor_all_no_cutoff                      0.1129000 
_pdbx_refine.R_factor_obs_no_cutoff                      0.1214000 
_pdbx_refine.free_R_factor_no_cutoff                     0.1520000 
_pdbx_refine.free_R_val_test_set_size_perc_no_cutoff     10.0 
_pdbx_refine.free_R_val_test_set_ct_no_cutoff            4210 
_pdbx_refine.R_factor_all_4sig_cutoff                    0.1055000 
_pdbx_refine.R_factor_obs_4sig_cutoff                    0.1138000 
_pdbx_refine.free_R_factor_4sig_cutoff                   0.1440000 
_pdbx_refine.free_R_val_test_set_size_perc_4sig_cutoff   10.0 
_pdbx_refine.free_R_val_test_set_ct_4sig_cutoff          3757 
_pdbx_refine.number_reflns_obs_4sig_cutoff               37598 
_pdbx_refine.number_reflns_obs_no_cutoff                 ? 
_pdbx_refine.pdbx_refine_id                              'X-RAY DIFFRACTION' 
_pdbx_refine.free_R_error_no_cutoff                      ? 
# 
_struct.entry_id                  1JBE 
_struct.title                     '1.08 A Structure of apo-Chey reveals meta-active conformation' 
_struct.pdbx_model_details        ? 
_struct.pdbx_CASP_flag            ? 
_struct.pdbx_model_type_details   ? 
# 
_struct_keywords.entry_id        1JBE 
_struct_keywords.pdbx_keywords   'SIGNALING PROTEIN' 
_struct_keywords.text            'CHEY, CHEMOTAXIS, SIGNALING PROTEIN' 
# 
loop_
_struct_asym.id 
_struct_asym.pdbx_blank_PDB_chainid_flag 
_struct_asym.pdbx_modified 
_struct_asym.entity_id 
_struct_asym.details 
A N N 1 ? 
B N N 2 ? 
C N N 2 ? 
D N N 2 ? 
E N N 3 ? 
F N N 3 ? 
G N N 4 ? 
# 
_struct_ref.id                         1 
_struct_ref.db_name                    UNP 
_struct_ref.db_code                    CHEY_ECOLI 
_struct_ref.pdbx_db_accession          P0AE67 
_struct_ref.pdbx_db_isoform            ? 
_struct_ref.entity_id                  1 
_struct_ref.pdbx_seq_one_letter_code   
;ADKELKFLVVDDFSTMRRIVRNLLKELGFNNVEEAEDGVDALNKLQAGGYGFVISDWNMPNMDGLELLKTIRADGAMSAL
PVLMVTAEAKKENIIAAAQAGASGYVVKPFTAATLEEKLNKIFEKLGM
;
_struct_ref.pdbx_align_begin           2 
# 
_struct_ref_seq.align_id                      1 
_struct_ref_seq.ref_id                        1 
_struct_ref_seq.pdbx_PDB_id_code              1JBE 
_struct_ref_seq.pdbx_strand_id                A 
_struct_ref_seq.seq_align_beg                 1 
_struct_ref_seq.pdbx_seq_align_beg_ins_code   ? 
_struct_ref_seq.seq_align_end                 128 
_struct_ref_seq.pdbx_seq_align_end_ins_code   ? 
_struct_ref_seq.pdbx_db_accession             P0AE67 
_struct_ref_seq.db_align_beg                  2 
_struct_ref_seq.pdbx_db_align_beg_ins_code    ? 
_struct_ref_seq.db_align_end                  129 
_struct_ref_seq.pdbx_db_align_end_ins_code    ? 
_struct_ref_seq.pdbx_auth_seq_align_beg       2 
_struct_ref_seq.pdbx_auth_seq_align_end       129 
# 
_struct_ref_seq_dif.align_id                     1 
_struct_ref_seq_dif.pdbx_pdb_id_code             1JBE 
_struct_ref_seq_dif.mon_id                       SNN 
_struct_ref_seq_dif.pdbx_pdb_strand_id           A 
_struct_ref_seq_dif.seq_num                      74 
_struct_ref_seq_dif.pdbx_pdb_ins_code            ? 
_struct_ref_seq_dif.pdbx_seq_db_name             UNP 
_struct_ref_seq_dif.pdbx_seq_db_accession_code   P0AE67 
_struct_ref_seq_dif.db_mon_id                    ASP 
_struct_ref_seq_dif.pdbx_seq_db_seq_num          75 
_struct_ref_seq_dif.details                      'modified residue' 
_struct_ref_seq_dif.pdbx_auth_seq_num            75 
_struct_ref_seq_dif.pdbx_ordinal                 1 
# 
_pdbx_struct_assembly.id                   1 
_pdbx_struct_assembly.details              author_defined_assembly 
_pdbx_struct_assembly.method_details       ? 
_pdbx_struct_assembly.oligomeric_details   monomeric 
_pdbx_struct_assembly.oligomeric_count     1 
# 
_pdbx_struct_assembly_gen.assembly_id       1 
_pdbx_struct_assembly_gen.oper_expression   1 
_pdbx_struct_assembly_gen.asym_id_list      A,B,C,D,E,F,G 
# 
_pdbx_struct_oper_list.id                   1 
_pdbx_struct_oper_list.type                 'identity operation' 
_pdbx_struct_oper_list.name                 1_555 
_pdbx_struct_oper_list.symmetry_operation   x,y,z 
_pdbx_struct_oper_list.matrix[1][1]         1.0000000000 
_pdbx_struct_oper_list.matrix[1][2]         0.0000000000 
_pdbx_struct_oper_list.matrix[1][3]         0.0000000000 
_pdbx_struct_oper_list.vector[1]            0.0000000000 
_pdbx_struct_oper_list.matrix[2][1]         0.0000000000 
_pdbx_struct_oper_list.matrix[2][2]         1.0000000000 
_pdbx_struct_oper_list.matrix[2][3]         0.0000000000 
_pdbx_struct_oper_list.vector[2]            0.0000000000 
_pdbx_struct_oper_list.matrix[3][1]         0.0000000000 
_pdbx_struct_oper_list.matrix[3][2]         0.0000000000 
_pdbx_struct_oper_list.matrix[3][3]         1.0000000000 
_pdbx_struct_oper_list.vector[3]            0.0000000000 
# 
loop_
_struct_conf.conf_type_id 
_struct_conf.id 
_struct_conf.pdbx_PDB_helix_id 
_struct_conf.beg_label_comp_id 
_struct_conf.beg_label_asym_id 
_struct_conf.beg_label_seq_id 
_struct_conf.pdbx_beg_PDB_ins_code 
_struct_conf.end_label_comp_id 
_struct_conf.end_label_asym_id 
_struct_conf.end_label_seq_id 
_struct_conf.pdbx_end_PDB_ins_code 
_struct_conf.beg_auth_comp_id 
_struct_conf.beg_auth_asym_id 
_struct_conf.beg_auth_seq_id 
_struct_conf.end_auth_comp_id 
_struct_conf.end_auth_asym_id 
_struct_conf.end_auth_seq_id 
_struct_conf.pdbx_PDB_helix_class 
_struct_conf.details 
_struct_conf.pdbx_PDB_helix_length 
HELX_P HELX_P1 1 PHE A 13  ? LEU A 27  ? PHE A 14  LEU A 28  1 ? 15 
HELX_P HELX_P2 2 ASP A 37  ? GLN A 46  ? ASP A 38  GLN A 47  1 ? 10 
HELX_P HELX_P3 3 ASP A 63  ? ALA A 73  ? ASP A 64  ALA A 74  1 ? 11 
HELX_P HELX_P4 4 LYS A 90  ? ALA A 100 ? LYS A 91  ALA A 101 1 ? 11 
HELX_P HELX_P5 5 THR A 111 ? GLY A 127 ? THR A 112 GLY A 128 1 ? 17 
# 
_struct_conf_type.id          HELX_P 
_struct_conf_type.criteria    ? 
_struct_conf_type.reference   ? 
# 
loop_
_struct_conn.id 
_struct_conn.conn_type_id 
_struct_conn.pdbx_leaving_atom_flag 
_struct_conn.pdbx_PDB_id 
_struct_conn.ptnr1_label_asym_id 
_struct_conn.ptnr1_label_comp_id 
_struct_conn.ptnr1_label_seq_id 
_struct_conn.ptnr1_label_atom_id 
_struct_conn.pdbx_ptnr1_label_alt_id 
_struct_conn.pdbx_ptnr1_PDB_ins_code 
_struct_conn.pdbx_ptnr1_standard_comp_id 
_struct_conn.ptnr1_symmetry 
_struct_conn.ptnr2_label_asym_id 
_struct_conn.ptnr2_label_comp_id 
_struct_conn.ptnr2_label_seq_id 
_struct_conn.ptnr2_label_atom_id 
_struct_conn.pdbx_ptnr2_label_alt_id 
_struct_conn.pdbx_ptnr2_PDB_ins_code 
_struct_conn.ptnr1_auth_asym_id 
_struct_conn.ptnr1_auth_comp_id 
_struct_conn.ptnr1_auth_seq_id 
_struct_conn.ptnr2_auth_asym_id 
_struct_conn.ptnr2_auth_comp_id 
_struct_conn.ptnr2_auth_seq_id 
_struct_conn.ptnr2_symmetry 
_struct_conn.pdbx_ptnr3_label_atom_id 
_struct_conn.pdbx_ptnr3_label_seq_id 
_struct_conn.pdbx_ptnr3_label_comp_id 
_struct_conn.pdbx_ptnr3_label_asym_id 
_struct_conn.pdbx_ptnr3_label_alt_id 
_struct_conn.pdbx_ptnr3_PDB_ins_code 
_struct_conn.details 
_struct_conn.pdbx_dist_value 
_struct_conn.pdbx_value_order 
_struct_conn.pdbx_role 
covale1 covale both ? A ALA 73 C  ? ? ? 1_555 A SNN 74 N  ? ? A ALA 74 A SNN 75 1_555 ? ? ? ? ? ? ? 1.324 ? ? 
covale2 covale none ? A SNN 74 N1 ? ? ? 1_555 A GLY 75 CA ? ? A SNN 75 A GLY 76 1_555 ? ? ? ? ? ? ? 1.443 ? ? 
covale3 covale both ? A GLY 75 C  ? ? ? 1_555 A ALA 76 N  ? ? A GLY 76 A ALA 77 1_555 ? ? ? ? ? ? ? 1.323 ? ? 
# 
_struct_conn_type.id          covale 
_struct_conn_type.criteria    ? 
_struct_conn_type.reference   ? 
# 
loop_
_pdbx_modification_feature.ordinal 
_pdbx_modification_feature.label_comp_id 
_pdbx_modification_feature.label_asym_id 
_pdbx_modification_feature.label_seq_id 
_pdbx_modification_feature.label_alt_id 
_pdbx_modification_feature.modified_residue_label_comp_id 
_pdbx_modification_feature.modified_residue_label_asym_id 
_pdbx_modification_feature.modified_residue_label_seq_id 
_pdbx_modification_feature.modified_residue_label_alt_id 
_pdbx_modification_feature.auth_comp_id 
_pdbx_modification_feature.auth_asym_id 
_pdbx_modification_feature.auth_seq_id 
_pdbx_modification_feature.PDB_ins_code 
_pdbx_modification_feature.symmetry 
_pdbx_modification_feature.modified_residue_auth_comp_id 
_pdbx_modification_feature.modified_residue_auth_asym_id 
_pdbx_modification_feature.modified_residue_auth_seq_id 
_pdbx_modification_feature.modified_residue_PDB_ins_code 
_pdbx_modification_feature.modified_residue_symmetry 
_pdbx_modification_feature.comp_id_linking_atom 
_pdbx_modification_feature.modified_residue_id_linking_atom 
_pdbx_modification_feature.modified_residue_id 
_pdbx_modification_feature.ref_pcm_id 
_pdbx_modification_feature.ref_comp_id 
_pdbx_modification_feature.type 
_pdbx_modification_feature.category 
1 SNN A 74 ? .   . .  . SNN A 75 ? 1_555 .   . .  . .     .  .  ASN 1 SNN 'Succinamide ring' 'Named protein modification' 
2 SNN A 74 ? GLY A 75 ? SNN A 75 ? 1_555 GLY A 76 ? 1_555 N1 CA .   . .   None               'Non-standard linkage'       
# 
_struct_mon_prot_cis.pdbx_id                1 
_struct_mon_prot_cis.label_comp_id          LYS 
_struct_mon_prot_cis.label_seq_id           108 
_struct_mon_prot_cis.label_asym_id          A 
_struct_mon_prot_cis.label_alt_id           . 
_struct_mon_prot_cis.pdbx_PDB_ins_code      ? 
_struct_mon_prot_cis.auth_comp_id           LYS 
_struct_mon_prot_cis.auth_seq_id            109 
_struct_mon_prot_cis.auth_asym_id           A 
_struct_mon_prot_cis.pdbx_label_comp_id_2   PRO 
_struct_mon_prot_cis.pdbx_label_seq_id_2    109 
_struct_mon_prot_cis.pdbx_label_asym_id_2   A 
_struct_mon_prot_cis.pdbx_PDB_ins_code_2    ? 
_struct_mon_prot_cis.pdbx_auth_comp_id_2    PRO 
_struct_mon_prot_cis.pdbx_auth_seq_id_2     110 
_struct_mon_prot_cis.pdbx_auth_asym_id_2    A 
_struct_mon_prot_cis.pdbx_PDB_model_num     1 
_struct_mon_prot_cis.pdbx_omega_angle       -5.59 
# 
_struct_sheet.id               A 
_struct_sheet.type             ? 
_struct_sheet.number_strands   5 
_struct_sheet.details          ? 
# 
loop_
_struct_sheet_order.sheet_id 
_struct_sheet_order.range_id_1 
_struct_sheet_order.range_id_2 
_struct_sheet_order.offset 
_struct_sheet_order.sense 
A 1 2 ? parallel 
A 2 3 ? parallel 
A 3 4 ? parallel 
A 4 5 ? parallel 
# 
loop_
_struct_sheet_range.sheet_id 
_struct_sheet_range.id 
_struct_sheet_range.beg_label_comp_id 
_struct_sheet_range.beg_label_asym_id 
_struct_sheet_range.beg_label_seq_id 
_struct_sheet_range.pdbx_beg_PDB_ins_code 
_struct_sheet_range.end_label_comp_id 
_struct_sheet_range.end_label_asym_id 
_struct_sheet_range.end_label_seq_id 
_struct_sheet_range.pdbx_end_PDB_ins_code 
_struct_sheet_range.beg_auth_comp_id 
_struct_sheet_range.beg_auth_asym_id 
_struct_sheet_range.beg_auth_seq_id 
_struct_sheet_range.end_auth_comp_id 
_struct_sheet_range.end_auth_asym_id 
_struct_sheet_range.end_auth_seq_id 
A 1 VAL A 32  ? ALA A 35  ? VAL A 33  ALA A 36  
A 2 PHE A 7   ? VAL A 10  ? PHE A 8   VAL A 11  
A 3 PHE A 52  ? ASP A 56  ? PHE A 53  ASP A 57  
A 4 VAL A 82  ? THR A 86  ? VAL A 83  THR A 87  
A 5 GLY A 104 ? VAL A 107 ? GLY A 105 VAL A 108 
# 
loop_
_pdbx_struct_sheet_hbond.sheet_id 
_pdbx_struct_sheet_hbond.range_id_1 
_pdbx_struct_sheet_hbond.range_id_2 
_pdbx_struct_sheet_hbond.range_1_label_atom_id 
_pdbx_struct_sheet_hbond.range_1_label_comp_id 
_pdbx_struct_sheet_hbond.range_1_label_asym_id 
_pdbx_struct_sheet_hbond.range_1_label_seq_id 
_pdbx_struct_sheet_hbond.range_1_PDB_ins_code 
_pdbx_struct_sheet_hbond.range_1_auth_atom_id 
_pdbx_struct_sheet_hbond.range_1_auth_comp_id 
_pdbx_struct_sheet_hbond.range_1_auth_asym_id 
_pdbx_struct_sheet_hbond.range_1_auth_seq_id 
_pdbx_struct_sheet_hbond.range_2_label_atom_id 
_pdbx_struct_sheet_hbond.range_2_label_comp_id 
_pdbx_struct_sheet_hbond.range_2_label_asym_id 
_pdbx_struct_sheet_hbond.range_2_label_seq_id 
_pdbx_struct_sheet_hbond.range_2_PDB_ins_code 
_pdbx_struct_sheet_hbond.range_2_auth_atom_id 
_pdbx_struct_sheet_hbond.range_2_auth_comp_id 
_pdbx_struct_sheet_hbond.range_2_auth_asym_id 
_pdbx_struct_sheet_hbond.range_2_auth_seq_id 
A 1 2 N GLU A 33 ? N GLU A 34 O PHE A 7   ? O PHE A 8   
A 2 3 N LEU A 8  ? N LEU A 9  O PHE A 52  ? O PHE A 53  
A 3 4 O VAL A 53 ? O VAL A 54 N LEU A 83  ? N LEU A 84  
A 4 5 N MET A 84 ? N MET A 85 O GLY A 104 ? O GLY A 105 
# 
loop_
_struct_site.id 
_struct_site.pdbx_evidence_code 
_struct_site.pdbx_auth_asym_id 
_struct_site.pdbx_auth_comp_id 
_struct_site.pdbx_auth_seq_id 
_struct_site.pdbx_auth_ins_code 
_struct_site.pdbx_num_residues 
_struct_site.details 
AC1 Software A SO4 301 ? 6  'BINDING SITE FOR RESIDUE SO4 A 301' 
AC2 Software A SO4 302 ? 11 'BINDING SITE FOR RESIDUE SO4 A 302' 
AC3 Software A SO4 303 ? 12 'BINDING SITE FOR RESIDUE SO4 A 303' 
AC4 Software A GOL 201 ? 9  'BINDING SITE FOR RESIDUE GOL A 201' 
AC5 Software A GOL 202 ? 6  'BINDING SITE FOR RESIDUE GOL A 202' 
# 
loop_
_struct_site_gen.id 
_struct_site_gen.site_id 
_struct_site_gen.pdbx_num_res 
_struct_site_gen.label_comp_id 
_struct_site_gen.label_asym_id 
_struct_site_gen.label_seq_id 
_struct_site_gen.pdbx_auth_ins_code 
_struct_site_gen.auth_comp_id 
_struct_site_gen.auth_asym_id 
_struct_site_gen.auth_seq_id 
_struct_site_gen.label_atom_id 
_struct_site_gen.label_alt_id 
_struct_site_gen.symmetry 
_struct_site_gen.details 
1  AC1 6  ASN A 58  ? ASN A 59  . ? 1_555 ? 
2  AC1 6  LYS A 108 ? LYS A 109 . ? 1_555 ? 
3  AC1 6  GOL E .   ? GOL A 201 . ? 1_555 ? 
4  AC1 6  HOH G .   ? HOH A 411 . ? 1_555 ? 
5  AC1 6  HOH G .   ? HOH A 416 . ? 1_555 ? 
6  AC1 6  HOH G .   ? HOH A 460 . ? 1_555 ? 
7  AC2 11 PRO A 60  ? PRO A 61  . ? 3_655 ? 
8  AC2 11 ASN A 61  ? ASN A 62  . ? 3_655 ? 
9  AC2 11 GLY A 104 ? GLY A 105 . ? 1_555 ? 
10 AC2 11 TYR A 105 ? TYR A 106 . ? 1_555 ? 
11 AC2 11 LYS A 118 ? LYS A 119 . ? 1_555 ? 
12 AC2 11 LYS A 121 ? LYS A 122 . ? 1_555 ? 
13 AC2 11 HOH G .   ? HOH A 424 . ? 1_555 ? 
14 AC2 11 HOH G .   ? HOH A 428 . ? 1_555 ? 
15 AC2 11 HOH G .   ? HOH A 441 . ? 1_555 ? 
16 AC2 11 HOH G .   ? HOH A 448 . ? 1_555 ? 
17 AC2 11 HOH G .   ? HOH A 451 . ? 1_555 ? 
18 AC3 12 ASP A 12  ? ASP A 13  . ? 2_655 ? 
19 AC3 12 PHE A 13  ? PHE A 14  . ? 2_655 ? 
20 AC3 12 SER A 14  ? SER A 15  . ? 2_655 ? 
21 AC3 12 ALA A 73  ? ALA A 74  . ? 1_555 ? 
22 AC3 12 SNN A 74  ? SNN A 75  . ? 1_555 ? 
23 AC3 12 GLY A 75  ? GLY A 76  . ? 1_555 ? 
24 AC3 12 GLN A 99  ? GLN A 100 . ? 4_556 ? 
25 AC3 12 GOL F .   ? GOL A 202 . ? 2_655 ? 
26 AC3 12 HOH G .   ? HOH A 410 . ? 2_655 ? 
27 AC3 12 HOH G .   ? HOH A 528 . ? 1_555 ? 
28 AC3 12 HOH G .   ? HOH A 549 . ? 1_555 ? 
29 AC3 12 HOH G .   ? HOH A 551 . ? 1_555 ? 
30 AC4 9  ASP A 11  ? ASP A 12  . ? 1_555 ? 
31 AC4 9  PHE A 13  ? PHE A 14  . ? 1_555 ? 
32 AC4 9  MET A 16  ? MET A 17  . ? 1_555 ? 
33 AC4 9  GLN A 46  ? GLN A 47  . ? 2_654 ? 
34 AC4 9  LYS A 108 ? LYS A 109 . ? 1_555 ? 
35 AC4 9  SO4 B .   ? SO4 A 301 . ? 1_555 ? 
36 AC4 9  HOH G .   ? HOH A 457 . ? 2_654 ? 
37 AC4 9  HOH G .   ? HOH A 460 . ? 1_555 ? 
38 AC4 9  HOH G .   ? HOH A 537 . ? 1_555 ? 
39 AC5 6  ASP A 12  ? ASP A 13  . ? 1_555 ? 
40 AC5 6  SER A 14  ? SER A 15  . ? 1_555 ? 
41 AC5 6  ARG A 17  ? ARG A 18  . ? 1_555 ? 
42 AC5 6  GLU A 36  ? GLU A 37  . ? 1_555 ? 
43 AC5 6  SO4 D .   ? SO4 A 303 . ? 2_654 ? 
44 AC5 6  HOH G .   ? HOH A 414 . ? 1_555 ? 
# 
_pdbx_entry_details.entry_id                   1JBE 
_pdbx_entry_details.compound_details           ? 
_pdbx_entry_details.source_details             ? 
_pdbx_entry_details.nonpolymer_details         ? 
_pdbx_entry_details.sequence_details           ? 
_pdbx_entry_details.has_ligand_of_interest     ? 
_pdbx_entry_details.has_protein_modification   Y 
# 
loop_
_pdbx_validate_rmsd_angle.id 
_pdbx_validate_rmsd_angle.PDB_model_num 
_pdbx_validate_rmsd_angle.auth_atom_id_1 
_pdbx_validate_rmsd_angle.auth_asym_id_1 
_pdbx_validate_rmsd_angle.auth_comp_id_1 
_pdbx_validate_rmsd_angle.auth_seq_id_1 
_pdbx_validate_rmsd_angle.PDB_ins_code_1 
_pdbx_validate_rmsd_angle.label_alt_id_1 
_pdbx_validate_rmsd_angle.auth_atom_id_2 
_pdbx_validate_rmsd_angle.auth_asym_id_2 
_pdbx_validate_rmsd_angle.auth_comp_id_2 
_pdbx_validate_rmsd_angle.auth_seq_id_2 
_pdbx_validate_rmsd_angle.PDB_ins_code_2 
_pdbx_validate_rmsd_angle.label_alt_id_2 
_pdbx_validate_rmsd_angle.auth_atom_id_3 
_pdbx_validate_rmsd_angle.auth_asym_id_3 
_pdbx_validate_rmsd_angle.auth_comp_id_3 
_pdbx_validate_rmsd_angle.auth_seq_id_3 
_pdbx_validate_rmsd_angle.PDB_ins_code_3 
_pdbx_validate_rmsd_angle.label_alt_id_3 
_pdbx_validate_rmsd_angle.angle_value 
_pdbx_validate_rmsd_angle.angle_target_value 
_pdbx_validate_rmsd_angle.angle_deviation 
_pdbx_validate_rmsd_angle.angle_standard_deviation 
_pdbx_validate_rmsd_angle.linker_flag 
1 1 CD A ARG 19  ? ? NE A ARG 19  ? ? CZ  A ARG 19  ? ? 132.21 123.60 8.61  1.40 N 
2 1 NE A ARG 19  ? ? CZ A ARG 19  ? ? NH1 A ARG 19  ? ? 124.38 120.30 4.08  0.50 N 
3 1 NE A ARG 19  ? ? CZ A ARG 19  ? ? NH2 A ARG 19  ? ? 116.33 120.30 -3.97 0.50 N 
4 1 CA A TYR 106 ? A CB A TYR 106 ? A CG  A TYR 106 ? A 126.38 113.40 12.98 1.90 N 
# 
_pdbx_validate_torsion.id              1 
_pdbx_validate_torsion.PDB_model_num   1 
_pdbx_validate_torsion.auth_comp_id    ASN 
_pdbx_validate_torsion.auth_asym_id    A 
_pdbx_validate_torsion.auth_seq_id     62 
_pdbx_validate_torsion.PDB_ins_code    ? 
_pdbx_validate_torsion.label_alt_id    ? 
_pdbx_validate_torsion.phi             75.08 
_pdbx_validate_torsion.psi             -58.47 
# 
_pdbx_struct_mod_residue.id               1 
_pdbx_struct_mod_residue.label_asym_id    A 
_pdbx_struct_mod_residue.label_comp_id    SNN 
_pdbx_struct_mod_residue.label_seq_id     74 
_pdbx_struct_mod_residue.auth_asym_id     A 
_pdbx_struct_mod_residue.auth_comp_id     SNN 
_pdbx_struct_mod_residue.auth_seq_id      75 
_pdbx_struct_mod_residue.PDB_ins_code     ? 
_pdbx_struct_mod_residue.parent_comp_id   ASN 
_pdbx_struct_mod_residue.details          L-3-AMINOSUCCINIMIDE 
# 
loop_
_chem_comp_atom.comp_id 
_chem_comp_atom.atom_id 
_chem_comp_atom.type_symbol 
_chem_comp_atom.pdbx_aromatic_flag 
_chem_comp_atom.pdbx_stereo_config 
_chem_comp_atom.pdbx_ordinal 
ALA N    N N N 1   
ALA CA   C N S 2   
ALA C    C N N 3   
ALA O    O N N 4   
ALA CB   C N N 5   
ALA OXT  O N N 6   
ALA H    H N N 7   
ALA H2   H N N 8   
ALA HA   H N N 9   
ALA HB1  H N N 10  
ALA HB2  H N N 11  
ALA HB3  H N N 12  
ALA HXT  H N N 13  
ARG N    N N N 14  
ARG CA   C N S 15  
ARG C    C N N 16  
ARG O    O N N 17  
ARG CB   C N N 18  
ARG CG   C N N 19  
ARG CD   C N N 20  
ARG NE   N N N 21  
ARG CZ   C N N 22  
ARG NH1  N N N 23  
ARG NH2  N N N 24  
ARG OXT  O N N 25  
ARG H    H N N 26  
ARG H2   H N N 27  
ARG HA   H N N 28  
ARG HB2  H N N 29  
ARG HB3  H N N 30  
ARG HG2  H N N 31  
ARG HG3  H N N 32  
ARG HD2  H N N 33  
ARG HD3  H N N 34  
ARG HE   H N N 35  
ARG HH11 H N N 36  
ARG HH12 H N N 37  
ARG HH21 H N N 38  
ARG HH22 H N N 39  
ARG HXT  H N N 40  
ASN N    N N N 41  
ASN CA   C N S 42  
ASN C    C N N 43  
ASN O    O N N 44  
ASN CB   C N N 45  
ASN CG   C N N 46  
ASN OD1  O N N 47  
ASN ND2  N N N 48  
ASN OXT  O N N 49  
ASN H    H N N 50  
ASN H2   H N N 51  
ASN HA   H N N 52  
ASN HB2  H N N 53  
ASN HB3  H N N 54  
ASN HD21 H N N 55  
ASN HD22 H N N 56  
ASN HXT  H N N 57  
ASP N    N N N 58  
ASP CA   C N S 59  
ASP C    C N N 60  
ASP O    O N N 61  
ASP CB   C N N 62  
ASP CG   C N N 63  
ASP OD1  O N N 64  
ASP OD2  O N N 65  
ASP OXT  O N N 66  
ASP H    H N N 67  
ASP H2   H N N 68  
ASP HA   H N N 69  
ASP HB2  H N N 70  
ASP HB3  H N N 71  
ASP HD2  H N N 72  
ASP HXT  H N N 73  
GLN N    N N N 74  
GLN CA   C N S 75  
GLN C    C N N 76  
GLN O    O N N 77  
GLN CB   C N N 78  
GLN CG   C N N 79  
GLN CD   C N N 80  
GLN OE1  O N N 81  
GLN NE2  N N N 82  
GLN OXT  O N N 83  
GLN H    H N N 84  
GLN H2   H N N 85  
GLN HA   H N N 86  
GLN HB2  H N N 87  
GLN HB3  H N N 88  
GLN HG2  H N N 89  
GLN HG3  H N N 90  
GLN HE21 H N N 91  
GLN HE22 H N N 92  
GLN HXT  H N N 93  
GLU N    N N N 94  
GLU CA   C N S 95  
GLU C    C N N 96  
GLU O    O N N 97  
GLU CB   C N N 98  
GLU CG   C N N 99  
GLU CD   C N N 100 
GLU OE1  O N N 101 
GLU OE2  O N N 102 
GLU OXT  O N N 103 
GLU H    H N N 104 
GLU H2   H N N 105 
GLU HA   H N N 106 
GLU HB2  H N N 107 
GLU HB3  H N N 108 
GLU HG2  H N N 109 
GLU HG3  H N N 110 
GLU HE2  H N N 111 
GLU HXT  H N N 112 
GLY N    N N N 113 
GLY CA   C N N 114 
GLY C    C N N 115 
GLY O    O N N 116 
GLY OXT  O N N 117 
GLY H    H N N 118 
GLY H2   H N N 119 
GLY HA2  H N N 120 
GLY HA3  H N N 121 
GLY HXT  H N N 122 
GOL C1   C N N 123 
GOL O1   O N N 124 
GOL C2   C N N 125 
GOL O2   O N N 126 
GOL C3   C N N 127 
GOL O3   O N N 128 
GOL H11  H N N 129 
GOL H12  H N N 130 
GOL HO1  H N N 131 
GOL H2   H N N 132 
GOL HO2  H N N 133 
GOL H31  H N N 134 
GOL H32  H N N 135 
GOL HO3  H N N 136 
HOH O    O N N 137 
HOH H1   H N N 138 
HOH H2   H N N 139 
ILE N    N N N 140 
ILE CA   C N S 141 
ILE C    C N N 142 
ILE O    O N N 143 
ILE CB   C N S 144 
ILE CG1  C N N 145 
ILE CG2  C N N 146 
ILE CD1  C N N 147 
ILE OXT  O N N 148 
ILE H    H N N 149 
ILE H2   H N N 150 
ILE HA   H N N 151 
ILE HB   H N N 152 
ILE HG12 H N N 153 
ILE HG13 H N N 154 
ILE HG21 H N N 155 
ILE HG22 H N N 156 
ILE HG23 H N N 157 
ILE HD11 H N N 158 
ILE HD12 H N N 159 
ILE HD13 H N N 160 
ILE HXT  H N N 161 
LEU N    N N N 162 
LEU CA   C N S 163 
LEU C    C N N 164 
LEU O    O N N 165 
LEU CB   C N N 166 
LEU CG   C N N 167 
LEU CD1  C N N 168 
LEU CD2  C N N 169 
LEU OXT  O N N 170 
LEU H    H N N 171 
LEU H2   H N N 172 
LEU HA   H N N 173 
LEU HB2  H N N 174 
LEU HB3  H N N 175 
LEU HG   H N N 176 
LEU HD11 H N N 177 
LEU HD12 H N N 178 
LEU HD13 H N N 179 
LEU HD21 H N N 180 
LEU HD22 H N N 181 
LEU HD23 H N N 182 
LEU HXT  H N N 183 
LYS N    N N N 184 
LYS CA   C N S 185 
LYS C    C N N 186 
LYS O    O N N 187 
LYS CB   C N N 188 
LYS CG   C N N 189 
LYS CD   C N N 190 
LYS CE   C N N 191 
LYS NZ   N N N 192 
LYS OXT  O N N 193 
LYS H    H N N 194 
LYS H2   H N N 195 
LYS HA   H N N 196 
LYS HB2  H N N 197 
LYS HB3  H N N 198 
LYS HG2  H N N 199 
LYS HG3  H N N 200 
LYS HD2  H N N 201 
LYS HD3  H N N 202 
LYS HE2  H N N 203 
LYS HE3  H N N 204 
LYS HZ1  H N N 205 
LYS HZ2  H N N 206 
LYS HZ3  H N N 207 
LYS HXT  H N N 208 
MET N    N N N 209 
MET CA   C N S 210 
MET C    C N N 211 
MET O    O N N 212 
MET CB   C N N 213 
MET CG   C N N 214 
MET SD   S N N 215 
MET CE   C N N 216 
MET OXT  O N N 217 
MET H    H N N 218 
MET H2   H N N 219 
MET HA   H N N 220 
MET HB2  H N N 221 
MET HB3  H N N 222 
MET HG2  H N N 223 
MET HG3  H N N 224 
MET HE1  H N N 225 
MET HE2  H N N 226 
MET HE3  H N N 227 
MET HXT  H N N 228 
PHE N    N N N 229 
PHE CA   C N S 230 
PHE C    C N N 231 
PHE O    O N N 232 
PHE CB   C N N 233 
PHE CG   C Y N 234 
PHE CD1  C Y N 235 
PHE CD2  C Y N 236 
PHE CE1  C Y N 237 
PHE CE2  C Y N 238 
PHE CZ   C Y N 239 
PHE OXT  O N N 240 
PHE H    H N N 241 
PHE H2   H N N 242 
PHE HA   H N N 243 
PHE HB2  H N N 244 
PHE HB3  H N N 245 
PHE HD1  H N N 246 
PHE HD2  H N N 247 
PHE HE1  H N N 248 
PHE HE2  H N N 249 
PHE HZ   H N N 250 
PHE HXT  H N N 251 
PRO N    N N N 252 
PRO CA   C N S 253 
PRO C    C N N 254 
PRO O    O N N 255 
PRO CB   C N N 256 
PRO CG   C N N 257 
PRO CD   C N N 258 
PRO OXT  O N N 259 
PRO H    H N N 260 
PRO HA   H N N 261 
PRO HB2  H N N 262 
PRO HB3  H N N 263 
PRO HG2  H N N 264 
PRO HG3  H N N 265 
PRO HD2  H N N 266 
PRO HD3  H N N 267 
PRO HXT  H N N 268 
SER N    N N N 269 
SER CA   C N S 270 
SER C    C N N 271 
SER O    O N N 272 
SER CB   C N N 273 
SER OG   O N N 274 
SER OXT  O N N 275 
SER H    H N N 276 
SER H2   H N N 277 
SER HA   H N N 278 
SER HB2  H N N 279 
SER HB3  H N N 280 
SER HG   H N N 281 
SER HXT  H N N 282 
SNN N1   N N N 283 
SNN C    C N N 284 
SNN CA   C N S 285 
SNN N    N N N 286 
SNN C4   C N N 287 
SNN C5   C N N 288 
SNN O    O N N 289 
SNN O5   O N N 290 
SNN HN   H N N 291 
SNN HA   H N N 292 
SNN H    H N N 293 
SNN H2   H N N 294 
SNN H41  H N N 295 
SNN H42  H N N 296 
SO4 S    S N N 297 
SO4 O1   O N N 298 
SO4 O2   O N N 299 
SO4 O3   O N N 300 
SO4 O4   O N N 301 
THR N    N N N 302 
THR CA   C N S 303 
THR C    C N N 304 
THR O    O N N 305 
THR CB   C N R 306 
THR OG1  O N N 307 
THR CG2  C N N 308 
THR OXT  O N N 309 
THR H    H N N 310 
THR H2   H N N 311 
THR HA   H N N 312 
THR HB   H N N 313 
THR HG1  H N N 314 
THR HG21 H N N 315 
THR HG22 H N N 316 
THR HG23 H N N 317 
THR HXT  H N N 318 
TRP N    N N N 319 
TRP CA   C N S 320 
TRP C    C N N 321 
TRP O    O N N 322 
TRP CB   C N N 323 
TRP CG   C Y N 324 
TRP CD1  C Y N 325 
TRP CD2  C Y N 326 
TRP NE1  N Y N 327 
TRP CE2  C Y N 328 
TRP CE3  C Y N 329 
TRP CZ2  C Y N 330 
TRP CZ3  C Y N 331 
TRP CH2  C Y N 332 
TRP OXT  O N N 333 
TRP H    H N N 334 
TRP H2   H N N 335 
TRP HA   H N N 336 
TRP HB2  H N N 337 
TRP HB3  H N N 338 
TRP HD1  H N N 339 
TRP HE1  H N N 340 
TRP HE3  H N N 341 
TRP HZ2  H N N 342 
TRP HZ3  H N N 343 
TRP HH2  H N N 344 
TRP HXT  H N N 345 
TYR N    N N N 346 
TYR CA   C N S 347 
TYR C    C N N 348 
TYR O    O N N 349 
TYR CB   C N N 350 
TYR CG   C Y N 351 
TYR CD1  C Y N 352 
TYR CD2  C Y N 353 
TYR CE1  C Y N 354 
TYR CE2  C Y N 355 
TYR CZ   C Y N 356 
TYR OH   O N N 357 
TYR OXT  O N N 358 
TYR H    H N N 359 
TYR H2   H N N 360 
TYR HA   H N N 361 
TYR HB2  H N N 362 
TYR HB3  H N N 363 
TYR HD1  H N N 364 
TYR HD2  H N N 365 
TYR HE1  H N N 366 
TYR HE2  H N N 367 
TYR HH   H N N 368 
TYR HXT  H N N 369 
VAL N    N N N 370 
VAL CA   C N S 371 
VAL C    C N N 372 
VAL O    O N N 373 
VAL CB   C N N 374 
VAL CG1  C N N 375 
VAL CG2  C N N 376 
VAL OXT  O N N 377 
VAL H    H N N 378 
VAL H2   H N N 379 
VAL HA   H N N 380 
VAL HB   H N N 381 
VAL HG11 H N N 382 
VAL HG12 H N N 383 
VAL HG13 H N N 384 
VAL HG21 H N N 385 
VAL HG22 H N N 386 
VAL HG23 H N N 387 
VAL HXT  H N N 388 
# 
loop_
_chem_comp_bond.comp_id 
_chem_comp_bond.atom_id_1 
_chem_comp_bond.atom_id_2 
_chem_comp_bond.value_order 
_chem_comp_bond.pdbx_aromatic_flag 
_chem_comp_bond.pdbx_stereo_config 
_chem_comp_bond.pdbx_ordinal 
ALA N   CA   sing N N 1   
ALA N   H    sing N N 2   
ALA N   H2   sing N N 3   
ALA CA  C    sing N N 4   
ALA CA  CB   sing N N 5   
ALA CA  HA   sing N N 6   
ALA C   O    doub N N 7   
ALA C   OXT  sing N N 8   
ALA CB  HB1  sing N N 9   
ALA CB  HB2  sing N N 10  
ALA CB  HB3  sing N N 11  
ALA OXT HXT  sing N N 12  
ARG N   CA   sing N N 13  
ARG N   H    sing N N 14  
ARG N   H2   sing N N 15  
ARG CA  C    sing N N 16  
ARG CA  CB   sing N N 17  
ARG CA  HA   sing N N 18  
ARG C   O    doub N N 19  
ARG C   OXT  sing N N 20  
ARG CB  CG   sing N N 21  
ARG CB  HB2  sing N N 22  
ARG CB  HB3  sing N N 23  
ARG CG  CD   sing N N 24  
ARG CG  HG2  sing N N 25  
ARG CG  HG3  sing N N 26  
ARG CD  NE   sing N N 27  
ARG CD  HD2  sing N N 28  
ARG CD  HD3  sing N N 29  
ARG NE  CZ   sing N N 30  
ARG NE  HE   sing N N 31  
ARG CZ  NH1  sing N N 32  
ARG CZ  NH2  doub N N 33  
ARG NH1 HH11 sing N N 34  
ARG NH1 HH12 sing N N 35  
ARG NH2 HH21 sing N N 36  
ARG NH2 HH22 sing N N 37  
ARG OXT HXT  sing N N 38  
ASN N   CA   sing N N 39  
ASN N   H    sing N N 40  
ASN N   H2   sing N N 41  
ASN CA  C    sing N N 42  
ASN CA  CB   sing N N 43  
ASN CA  HA   sing N N 44  
ASN C   O    doub N N 45  
ASN C   OXT  sing N N 46  
ASN CB  CG   sing N N 47  
ASN CB  HB2  sing N N 48  
ASN CB  HB3  sing N N 49  
ASN CG  OD1  doub N N 50  
ASN CG  ND2  sing N N 51  
ASN ND2 HD21 sing N N 52  
ASN ND2 HD22 sing N N 53  
ASN OXT HXT  sing N N 54  
ASP N   CA   sing N N 55  
ASP N   H    sing N N 56  
ASP N   H2   sing N N 57  
ASP CA  C    sing N N 58  
ASP CA  CB   sing N N 59  
ASP CA  HA   sing N N 60  
ASP C   O    doub N N 61  
ASP C   OXT  sing N N 62  
ASP CB  CG   sing N N 63  
ASP CB  HB2  sing N N 64  
ASP CB  HB3  sing N N 65  
ASP CG  OD1  doub N N 66  
ASP CG  OD2  sing N N 67  
ASP OD2 HD2  sing N N 68  
ASP OXT HXT  sing N N 69  
GLN N   CA   sing N N 70  
GLN N   H    sing N N 71  
GLN N   H2   sing N N 72  
GLN CA  C    sing N N 73  
GLN CA  CB   sing N N 74  
GLN CA  HA   sing N N 75  
GLN C   O    doub N N 76  
GLN C   OXT  sing N N 77  
GLN CB  CG   sing N N 78  
GLN CB  HB2  sing N N 79  
GLN CB  HB3  sing N N 80  
GLN CG  CD   sing N N 81  
GLN CG  HG2  sing N N 82  
GLN CG  HG3  sing N N 83  
GLN CD  OE1  doub N N 84  
GLN CD  NE2  sing N N 85  
GLN NE2 HE21 sing N N 86  
GLN NE2 HE22 sing N N 87  
GLN OXT HXT  sing N N 88  
GLU N   CA   sing N N 89  
GLU N   H    sing N N 90  
GLU N   H2   sing N N 91  
GLU CA  C    sing N N 92  
GLU CA  CB   sing N N 93  
GLU CA  HA   sing N N 94  
GLU C   O    doub N N 95  
GLU C   OXT  sing N N 96  
GLU CB  CG   sing N N 97  
GLU CB  HB2  sing N N 98  
GLU CB  HB3  sing N N 99  
GLU CG  CD   sing N N 100 
GLU CG  HG2  sing N N 101 
GLU CG  HG3  sing N N 102 
GLU CD  OE1  doub N N 103 
GLU CD  OE2  sing N N 104 
GLU OE2 HE2  sing N N 105 
GLU OXT HXT  sing N N 106 
GLY N   CA   sing N N 107 
GLY N   H    sing N N 108 
GLY N   H2   sing N N 109 
GLY CA  C    sing N N 110 
GLY CA  HA2  sing N N 111 
GLY CA  HA3  sing N N 112 
GLY C   O    doub N N 113 
GLY C   OXT  sing N N 114 
GLY OXT HXT  sing N N 115 
GOL C1  O1   sing N N 116 
GOL C1  C2   sing N N 117 
GOL C1  H11  sing N N 118 
GOL C1  H12  sing N N 119 
GOL O1  HO1  sing N N 120 
GOL C2  O2   sing N N 121 
GOL C2  C3   sing N N 122 
GOL C2  H2   sing N N 123 
GOL O2  HO2  sing N N 124 
GOL C3  O3   sing N N 125 
GOL C3  H31  sing N N 126 
GOL C3  H32  sing N N 127 
GOL O3  HO3  sing N N 128 
HOH O   H1   sing N N 129 
HOH O   H2   sing N N 130 
ILE N   CA   sing N N 131 
ILE N   H    sing N N 132 
ILE N   H2   sing N N 133 
ILE CA  C    sing N N 134 
ILE CA  CB   sing N N 135 
ILE CA  HA   sing N N 136 
ILE C   O    doub N N 137 
ILE C   OXT  sing N N 138 
ILE CB  CG1  sing N N 139 
ILE CB  CG2  sing N N 140 
ILE CB  HB   sing N N 141 
ILE CG1 CD1  sing N N 142 
ILE CG1 HG12 sing N N 143 
ILE CG1 HG13 sing N N 144 
ILE CG2 HG21 sing N N 145 
ILE CG2 HG22 sing N N 146 
ILE CG2 HG23 sing N N 147 
ILE CD1 HD11 sing N N 148 
ILE CD1 HD12 sing N N 149 
ILE CD1 HD13 sing N N 150 
ILE OXT HXT  sing N N 151 
LEU N   CA   sing N N 152 
LEU N   H    sing N N 153 
LEU N   H2   sing N N 154 
LEU CA  C    sing N N 155 
LEU CA  CB   sing N N 156 
LEU CA  HA   sing N N 157 
LEU C   O    doub N N 158 
LEU C   OXT  sing N N 159 
LEU CB  CG   sing N N 160 
LEU CB  HB2  sing N N 161 
LEU CB  HB3  sing N N 162 
LEU CG  CD1  sing N N 163 
LEU CG  CD2  sing N N 164 
LEU CG  HG   sing N N 165 
LEU CD1 HD11 sing N N 166 
LEU CD1 HD12 sing N N 167 
LEU CD1 HD13 sing N N 168 
LEU CD2 HD21 sing N N 169 
LEU CD2 HD22 sing N N 170 
LEU CD2 HD23 sing N N 171 
LEU OXT HXT  sing N N 172 
LYS N   CA   sing N N 173 
LYS N   H    sing N N 174 
LYS N   H2   sing N N 175 
LYS CA  C    sing N N 176 
LYS CA  CB   sing N N 177 
LYS CA  HA   sing N N 178 
LYS C   O    doub N N 179 
LYS C   OXT  sing N N 180 
LYS CB  CG   sing N N 181 
LYS CB  HB2  sing N N 182 
LYS CB  HB3  sing N N 183 
LYS CG  CD   sing N N 184 
LYS CG  HG2  sing N N 185 
LYS CG  HG3  sing N N 186 
LYS CD  CE   sing N N 187 
LYS CD  HD2  sing N N 188 
LYS CD  HD3  sing N N 189 
LYS CE  NZ   sing N N 190 
LYS CE  HE2  sing N N 191 
LYS CE  HE3  sing N N 192 
LYS NZ  HZ1  sing N N 193 
LYS NZ  HZ2  sing N N 194 
LYS NZ  HZ3  sing N N 195 
LYS OXT HXT  sing N N 196 
MET N   CA   sing N N 197 
MET N   H    sing N N 198 
MET N   H2   sing N N 199 
MET CA  C    sing N N 200 
MET CA  CB   sing N N 201 
MET CA  HA   sing N N 202 
MET C   O    doub N N 203 
MET C   OXT  sing N N 204 
MET CB  CG   sing N N 205 
MET CB  HB2  sing N N 206 
MET CB  HB3  sing N N 207 
MET CG  SD   sing N N 208 
MET CG  HG2  sing N N 209 
MET CG  HG3  sing N N 210 
MET SD  CE   sing N N 211 
MET CE  HE1  sing N N 212 
MET CE  HE2  sing N N 213 
MET CE  HE3  sing N N 214 
MET OXT HXT  sing N N 215 
PHE N   CA   sing N N 216 
PHE N   H    sing N N 217 
PHE N   H2   sing N N 218 
PHE CA  C    sing N N 219 
PHE CA  CB   sing N N 220 
PHE CA  HA   sing N N 221 
PHE C   O    doub N N 222 
PHE C   OXT  sing N N 223 
PHE CB  CG   sing N N 224 
PHE CB  HB2  sing N N 225 
PHE CB  HB3  sing N N 226 
PHE CG  CD1  doub Y N 227 
PHE CG  CD2  sing Y N 228 
PHE CD1 CE1  sing Y N 229 
PHE CD1 HD1  sing N N 230 
PHE CD2 CE2  doub Y N 231 
PHE CD2 HD2  sing N N 232 
PHE CE1 CZ   doub Y N 233 
PHE CE1 HE1  sing N N 234 
PHE CE2 CZ   sing Y N 235 
PHE CE2 HE2  sing N N 236 
PHE CZ  HZ   sing N N 237 
PHE OXT HXT  sing N N 238 
PRO N   CA   sing N N 239 
PRO N   CD   sing N N 240 
PRO N   H    sing N N 241 
PRO CA  C    sing N N 242 
PRO CA  CB   sing N N 243 
PRO CA  HA   sing N N 244 
PRO C   O    doub N N 245 
PRO C   OXT  sing N N 246 
PRO CB  CG   sing N N 247 
PRO CB  HB2  sing N N 248 
PRO CB  HB3  sing N N 249 
PRO CG  CD   sing N N 250 
PRO CG  HG2  sing N N 251 
PRO CG  HG3  sing N N 252 
PRO CD  HD2  sing N N 253 
PRO CD  HD3  sing N N 254 
PRO OXT HXT  sing N N 255 
SER N   CA   sing N N 256 
SER N   H    sing N N 257 
SER N   H2   sing N N 258 
SER CA  C    sing N N 259 
SER CA  CB   sing N N 260 
SER CA  HA   sing N N 261 
SER C   O    doub N N 262 
SER C   OXT  sing N N 263 
SER CB  OG   sing N N 264 
SER CB  HB2  sing N N 265 
SER CB  HB3  sing N N 266 
SER OG  HG   sing N N 267 
SER OXT HXT  sing N N 268 
SNN N1  C    sing N N 269 
SNN N1  C5   sing N N 270 
SNN N1  HN   sing N N 271 
SNN C   CA   sing N N 272 
SNN C   O    doub N N 273 
SNN CA  N    sing N N 274 
SNN CA  C4   sing N N 275 
SNN CA  HA   sing N N 276 
SNN N   H    sing N N 277 
SNN N   H2   sing N N 278 
SNN C4  C5   sing N N 279 
SNN C4  H41  sing N N 280 
SNN C4  H42  sing N N 281 
SNN C5  O5   doub N N 282 
SO4 S   O1   doub N N 283 
SO4 S   O2   doub N N 284 
SO4 S   O3   sing N N 285 
SO4 S   O4   sing N N 286 
THR N   CA   sing N N 287 
THR N   H    sing N N 288 
THR N   H2   sing N N 289 
THR CA  C    sing N N 290 
THR CA  CB   sing N N 291 
THR CA  HA   sing N N 292 
THR C   O    doub N N 293 
THR C   OXT  sing N N 294 
THR CB  OG1  sing N N 295 
THR CB  CG2  sing N N 296 
THR CB  HB   sing N N 297 
THR OG1 HG1  sing N N 298 
THR CG2 HG21 sing N N 299 
THR CG2 HG22 sing N N 300 
THR CG2 HG23 sing N N 301 
THR OXT HXT  sing N N 302 
TRP N   CA   sing N N 303 
TRP N   H    sing N N 304 
TRP N   H2   sing N N 305 
TRP CA  C    sing N N 306 
TRP CA  CB   sing N N 307 
TRP CA  HA   sing N N 308 
TRP C   O    doub N N 309 
TRP C   OXT  sing N N 310 
TRP CB  CG   sing N N 311 
TRP CB  HB2  sing N N 312 
TRP CB  HB3  sing N N 313 
TRP CG  CD1  doub Y N 314 
TRP CG  CD2  sing Y N 315 
TRP CD1 NE1  sing Y N 316 
TRP CD1 HD1  sing N N 317 
TRP CD2 CE2  doub Y N 318 
TRP CD2 CE3  sing Y N 319 
TRP NE1 CE2  sing Y N 320 
TRP NE1 HE1  sing N N 321 
TRP CE2 CZ2  sing Y N 322 
TRP CE3 CZ3  doub Y N 323 
TRP CE3 HE3  sing N N 324 
TRP CZ2 CH2  doub Y N 325 
TRP CZ2 HZ2  sing N N 326 
TRP CZ3 CH2  sing Y N 327 
TRP CZ3 HZ3  sing N N 328 
TRP CH2 HH2  sing N N 329 
TRP OXT HXT  sing N N 330 
TYR N   CA   sing N N 331 
TYR N   H    sing N N 332 
TYR N   H2   sing N N 333 
TYR CA  C    sing N N 334 
TYR CA  CB   sing N N 335 
TYR CA  HA   sing N N 336 
TYR C   O    doub N N 337 
TYR C   OXT  sing N N 338 
TYR CB  CG   sing N N 339 
TYR CB  HB2  sing N N 340 
TYR CB  HB3  sing N N 341 
TYR CG  CD1  doub Y N 342 
TYR CG  CD2  sing Y N 343 
TYR CD1 CE1  sing Y N 344 
TYR CD1 HD1  sing N N 345 
TYR CD2 CE2  doub Y N 346 
TYR CD2 HD2  sing N N 347 
TYR CE1 CZ   doub Y N 348 
TYR CE1 HE1  sing N N 349 
TYR CE2 CZ   sing Y N 350 
TYR CE2 HE2  sing N N 351 
TYR CZ  OH   sing N N 352 
TYR OH  HH   sing N N 353 
TYR OXT HXT  sing N N 354 
VAL N   CA   sing N N 355 
VAL N   H    sing N N 356 
VAL N   H2   sing N N 357 
VAL CA  C    sing N N 358 
VAL CA  CB   sing N N 359 
VAL CA  HA   sing N N 360 
VAL C   O    doub N N 361 
VAL C   OXT  sing N N 362 
VAL CB  CG1  sing N N 363 
VAL CB  CG2  sing N N 364 
VAL CB  HB   sing N N 365 
VAL CG1 HG11 sing N N 366 
VAL CG1 HG12 sing N N 367 
VAL CG1 HG13 sing N N 368 
VAL CG2 HG21 sing N N 369 
VAL CG2 HG22 sing N N 370 
VAL CG2 HG23 sing N N 371 
VAL OXT HXT  sing N N 372 
# 
_pdbx_initial_refinement_model.id               1 
_pdbx_initial_refinement_model.entity_id_list   ? 
_pdbx_initial_refinement_model.type             'experimental model' 
_pdbx_initial_refinement_model.source_name      PDB 
_pdbx_initial_refinement_model.accession_code   3CHY 
_pdbx_initial_refinement_model.details          'APO-CHEY (PDB CODE: 3CHY)' 
# 
_atom_sites.entry_id                    1JBE 
_atom_sites.fract_transf_matrix[1][1]   0.00961494 
_atom_sites.fract_transf_matrix[1][2]   -0.01475672 
_atom_sites.fract_transf_matrix[1][3]   0.01345163 
_atom_sites.fract_transf_matrix[2][1]   0.00690263 
_atom_sites.fract_transf_matrix[2][2]   0.01594269 
_atom_sites.fract_transf_matrix[2][3]   0.01255562 
_atom_sites.fract_transf_matrix[3][1]   -0.01584071 
_atom_sites.fract_transf_matrix[3][2]   -0.00110443 
_atom_sites.fract_transf_matrix[3][3]   0.01011102 
_atom_sites.fract_transf_vector[1]      0.682067 
_atom_sites.fract_transf_vector[2]      0.173201 
_atom_sites.fract_transf_vector[3]      0.212176 
# 
loop_
_atom_type.symbol 
C 
N 
O 
S 
# 
loop_
_atom_site.group_PDB 
_atom_site.id 
_atom_site.type_symbol 
_atom_site.label_atom_id 
_atom_site.label_alt_id 
_atom_site.label_comp_id 
_atom_site.label_asym_id 
_atom_site.label_entity_id 
_atom_site.label_seq_id 
_atom_site.pdbx_PDB_ins_code 
_atom_site.Cartn_x 
_atom_site.Cartn_y 
_atom_site.Cartn_z 
_atom_site.occupancy 
_atom_site.B_iso_or_equiv 
_atom_site.pdbx_formal_charge 
_atom_site.auth_seq_id 
_atom_site.auth_comp_id 
_atom_site.auth_asym_id 
_atom_site.auth_atom_id 
_atom_site.pdbx_PDB_model_num 
ATOM   1    N N   . ALA A 1 1   ? 11.219  5.464   11.092  1.00 33.17 ? 2   ALA A N   1 
ATOM   2    C CA  . ALA A 1 1   ? 10.284  4.395   11.390  1.00 19.40 ? 2   ALA A CA  1 
ATOM   3    C C   . ALA A 1 1   ? 10.992  3.122   11.815  1.00 16.17 ? 2   ALA A C   1 
ATOM   4    O O   . ALA A 1 1   ? 12.171  2.920   11.566  1.00 20.45 ? 2   ALA A O   1 
ATOM   5    C CB  . ALA A 1 1   ? 9.407   4.165   10.161  1.00 19.18 ? 2   ALA A CB  1 
ATOM   6    N N   . ASP A 1 2   ? 10.235  2.255   12.461  1.00 12.97 ? 3   ASP A N   1 
ATOM   7    C CA  . ASP A 1 2   ? 10.679  0.940   12.897  1.00 12.54 ? 3   ASP A CA  1 
ATOM   8    C C   . ASP A 1 2   ? 11.015  0.057   11.705  1.00 9.62  ? 3   ASP A C   1 
ATOM   9    O O   . ASP A 1 2   ? 10.140  -0.185  10.875  1.00 9.89  ? 3   ASP A O   1 
ATOM   10   C CB  . ASP A 1 2   ? 9.552   0.339   13.727  1.00 16.19 ? 3   ASP A CB  1 
ATOM   11   C CG  . ASP A 1 2   ? 9.774   -1.039  14.282  1.00 19.35 ? 3   ASP A CG  1 
ATOM   12   O OD1 . ASP A 1 2   ? 10.853  -1.627  14.086  1.00 16.45 ? 3   ASP A OD1 1 
ATOM   13   O OD2 . ASP A 1 2   ? 8.850   -1.579  14.932  1.00 33.92 ? 3   ASP A OD2 1 
ATOM   14   N N   . LYS A 1 3   ? 12.238  -0.448  11.606  1.00 10.61 ? 4   LYS A N   1 
ATOM   15   C CA  . LYS A 1 3   ? 12.586  -1.270  10.448  1.00 9.02  ? 4   LYS A CA  1 
ATOM   16   C C   . LYS A 1 3   ? 11.857  -2.612  10.429  1.00 7.49  ? 4   LYS A C   1 
ATOM   17   O O   . LYS A 1 3   ? 11.819  -3.260  9.383   1.00 7.35  ? 4   LYS A O   1 
ATOM   18   C CB  . LYS A 1 3   ? 14.092  -1.511  10.391  1.00 11.04 ? 4   LYS A CB  1 
ATOM   19   C CG  . LYS A 1 3   ? 14.929  -0.301  10.025  1.00 20.31 ? 4   LYS A CG  1 
ATOM   20   C CD  . LYS A 1 3   ? 14.668  0.116   8.582   1.00 18.79 ? 4   LYS A CD  1 
ATOM   21   C CE  . LYS A 1 3   ? 15.837  0.809   7.919   1.00 19.11 ? 4   LYS A CE  1 
ATOM   22   N NZ  . LYS A 1 3   ? 15.337  1.739   6.873   1.00 32.69 ? 4   LYS A NZ  1 
ATOM   23   N N   . GLU A 1 4   ? 11.283  -3.041  11.550  1.00 7.40  ? 5   GLU A N   1 
ATOM   24   C CA  . GLU A 1 4   ? 10.507  -4.265  11.627  1.00 7.59  ? 5   GLU A CA  1 
ATOM   25   C C   . GLU A 1 4   ? 9.008   -3.999  11.519  1.00 7.00  ? 5   GLU A C   1 
ATOM   26   O O   . GLU A 1 4   ? 8.226   -4.925  11.746  1.00 7.79  ? 5   GLU A O   1 
ATOM   27   C CB  . GLU A 1 4   ? 10.818  -5.026  12.927  1.00 7.42  ? 5   GLU A CB  1 
ATOM   28   C CG  . GLU A 1 4   ? 12.262  -5.515  12.972  1.00 7.57  ? 5   GLU A CG  1 
ATOM   29   C CD  . GLU A 1 4   ? 12.654  -6.351  11.768  1.00 7.44  ? 5   GLU A CD  1 
ATOM   30   O OE1 . GLU A 1 4   ? 11.897  -7.285  11.438  1.00 9.71  ? 5   GLU A OE1 1 
ATOM   31   O OE2 . GLU A 1 4   ? 13.713  -6.054  11.160  1.00 8.42  ? 5   GLU A OE2 1 
ATOM   32   N N   . LEU A 1 5   ? 8.588   -2.802  11.131  1.00 7.04  ? 6   LEU A N   1 
ATOM   33   C CA  . LEU A 1 5   ? 7.213   -2.549  10.725  1.00 7.61  ? 6   LEU A CA  1 
ATOM   34   C C   . LEU A 1 5   ? 6.737   -3.640  9.775   1.00 6.79  ? 6   LEU A C   1 
ATOM   35   O O   . LEU A 1 5   ? 7.435   -3.945  8.817   1.00 6.99  ? 6   LEU A O   1 
ATOM   36   C CB  . LEU A 1 5   ? 7.137   -1.180  10.064  1.00 9.35  ? 6   LEU A CB  1 
ATOM   37   C CG  . LEU A 1 5   ? 5.791   -0.474  9.970   1.00 10.33 ? 6   LEU A CG  1 
ATOM   38   C CD1 . LEU A 1 5   ? 5.272   -0.090  11.351  1.00 13.16 ? 6   LEU A CD1 1 
ATOM   39   C CD2 . LEU A 1 5   ? 5.896   0.748   9.072   1.00 13.16 ? 6   LEU A CD2 1 
ATOM   40   N N   . LYS A 1 6   ? 5.563   -4.216  10.022  1.00 7.07  ? 7   LYS A N   1 
ATOM   41   C CA  . LYS A 1 6   ? 5.102   -5.334  9.212   1.00 6.76  ? 7   LYS A CA  1 
ATOM   42   C C   . LYS A 1 6   ? 4.270   -4.798  8.047   1.00 6.15  ? 7   LYS A C   1 
ATOM   43   O O   . LYS A 1 6   ? 3.195   -4.205  8.216   1.00 6.27  ? 7   LYS A O   1 
ATOM   44   C CB  . LYS A 1 6   ? 4.298   -6.340  10.034  1.00 8.41  ? 7   LYS A CB  1 
ATOM   45   C CG  . LYS A 1 6   ? 3.912   -7.593  9.261   1.00 8.92  ? 7   LYS A CG  1 
ATOM   46   C CD  . LYS A 1 6   ? 3.358   -8.697  10.127  1.00 12.82 ? 7   LYS A CD  1 
ATOM   47   C CE  A LYS A 1 6   ? 3.002   -9.944  9.354   0.50 13.23 ? 7   LYS A CE  1 
ATOM   48   C CE  B LYS A 1 6   ? 1.990   -8.453  10.706  0.50 11.83 ? 7   LYS A CE  1 
ATOM   49   N NZ  A LYS A 1 6   ? 2.650   -11.084 10.245  0.50 20.53 ? 7   LYS A NZ  1 
ATOM   50   N NZ  B LYS A 1 6   ? 1.473   -9.642  11.445  0.50 13.39 ? 7   LYS A NZ  1 
ATOM   51   N N   . PHE A 1 7   ? 4.789   -5.020  6.849   1.00 5.58  ? 8   PHE A N   1 
ATOM   52   C CA  . PHE A 1 7   ? 4.163   -4.617  5.612   1.00 5.03  ? 8   PHE A CA  1 
ATOM   53   C C   . PHE A 1 7   ? 3.290   -5.710  5.021   1.00 4.69  ? 8   PHE A C   1 
ATOM   54   O O   . PHE A 1 7   ? 3.672   -6.878  5.055   1.00 6.31  ? 8   PHE A O   1 
ATOM   55   C CB  . PHE A 1 7   ? 5.191   -4.235  4.540   1.00 5.22  ? 8   PHE A CB  1 
ATOM   56   C CG  . PHE A 1 7   ? 5.877   -2.915  4.769   1.00 5.20  ? 8   PHE A CG  1 
ATOM   57   C CD1 . PHE A 1 7   ? 6.838   -2.789  5.752   1.00 6.91  ? 8   PHE A CD1 1 
ATOM   58   C CD2 . PHE A 1 7   ? 5.577   -1.800  4.019   1.00 5.49  ? 8   PHE A CD2 1 
ATOM   59   C CE1 . PHE A 1 7   ? 7.476   -1.586  5.979   1.00 8.28  ? 8   PHE A CE1 1 
ATOM   60   C CE2 . PHE A 1 7   ? 6.208   -0.597  4.252   1.00 6.65  ? 8   PHE A CE2 1 
ATOM   61   C CZ  . PHE A 1 7   ? 7.165   -0.471  5.234   1.00 7.35  ? 8   PHE A CZ  1 
ATOM   62   N N   . LEU A 1 8   ? 2.137   -5.326  4.481   1.00 4.45  ? 9   LEU A N   1 
ATOM   63   C CA  . LEU A 1 8   ? 1.343   -6.170  3.606   1.00 3.90  ? 9   LEU A CA  1 
ATOM   64   C C   . LEU A 1 8   ? 1.409   -5.605  2.190   1.00 4.03  ? 9   LEU A C   1 
ATOM   65   O O   . LEU A 1 8   ? 1.005   -4.458  1.982   1.00 4.78  ? 9   LEU A O   1 
ATOM   66   C CB  . LEU A 1 8   ? -0.106  -6.259  4.075   1.00 4.68  ? 9   LEU A CB  1 
ATOM   67   C CG  . LEU A 1 8   ? -0.960  -7.257  3.294   1.00 5.30  ? 9   LEU A CG  1 
ATOM   68   C CD1 . LEU A 1 8   ? -0.508  -8.707  3.482   1.00 5.79  ? 9   LEU A CD1 1 
ATOM   69   C CD2 . LEU A 1 8   ? -2.425  -7.144  3.679   1.00 7.60  ? 9   LEU A CD2 1 
ATOM   70   N N   . VAL A 1 9   ? 1.909   -6.377  1.254   1.00 3.87  ? 10  VAL A N   1 
ATOM   71   C CA  . VAL A 1 9   ? 2.019   -6.025  -0.152  1.00 4.14  ? 10  VAL A CA  1 
ATOM   72   C C   . VAL A 1 9   ? 0.909   -6.732  -0.920  1.00 3.72  ? 10  VAL A C   1 
ATOM   73   O O   . VAL A 1 9   ? 0.866   -7.971  -0.922  1.00 4.90  ? 10  VAL A O   1 
ATOM   74   C CB  . VAL A 1 9   ? 3.406   -6.379  -0.700  1.00 4.71  ? 10  VAL A CB  1 
ATOM   75   C CG1 . VAL A 1 9   ? 3.468   -6.155  -2.198  1.00 6.54  ? 10  VAL A CG1 1 
ATOM   76   C CG2 . VAL A 1 9   ? 4.486   -5.584  0.017   1.00 5.65  ? 10  VAL A CG2 1 
ATOM   77   N N   . VAL A 1 10  ? 0.034   -5.968  -1.552  1.00 4.04  ? 11  VAL A N   1 
ATOM   78   C CA  . VAL A 1 10  ? -1.189  -6.478  -2.148  1.00 3.96  ? 11  VAL A CA  1 
ATOM   79   C C   . VAL A 1 10  ? -1.178  -6.175  -3.642  1.00 3.82  ? 11  VAL A C   1 
ATOM   80   O O   . VAL A 1 10  ? -1.136  -5.008  -4.051  1.00 4.41  ? 11  VAL A O   1 
ATOM   81   C CB  . VAL A 1 10  ? -2.457  -5.878  -1.532  1.00 4.09  ? 11  VAL A CB  1 
ATOM   82   C CG1 . VAL A 1 10  ? -3.648  -6.735  -1.906  1.00 4.65  ? 11  VAL A CG1 1 
ATOM   83   C CG2 . VAL A 1 10  ? -2.349  -5.757  -0.019  1.00 5.27  ? 11  VAL A CG2 1 
ATOM   84   N N   . ASP A 1 11  ? -1.187  -7.207  -4.472  1.00 3.96  ? 12  ASP A N   1 
ATOM   85   C CA  . ASP A 1 11  ? -1.287  -7.084  -5.919  1.00 4.06  ? 12  ASP A CA  1 
ATOM   86   C C   . ASP A 1 11  ? -1.645  -8.467  -6.464  1.00 4.03  ? 12  ASP A C   1 
ATOM   87   O O   . ASP A 1 11  ? -1.338  -9.469  -5.831  1.00 4.71  ? 12  ASP A O   1 
ATOM   88   C CB  . ASP A 1 11  ? -0.018  -6.569  -6.572  1.00 4.71  ? 12  ASP A CB  1 
ATOM   89   C CG  . ASP A 1 11  ? -0.197  -6.042  -7.976  1.00 5.18  ? 12  ASP A CG  1 
ATOM   90   O OD1 . ASP A 1 11  ? -1.328  -5.957  -8.490  1.00 6.47  ? 12  ASP A OD1 1 
ATOM   91   O OD2 . ASP A 1 11  ? 0.852   -5.680  -8.577  1.00 7.75  ? 12  ASP A OD2 1 
ATOM   92   N N   . ASP A 1 12  ? -2.251  -8.510  -7.645  1.00 4.06  ? 13  ASP A N   1 
ATOM   93   C CA  . ASP A 1 12  ? -2.635  -9.771  -8.265  1.00 4.60  ? 13  ASP A CA  1 
ATOM   94   C C   . ASP A 1 12  ? -1.582  -10.324 -9.221  1.00 4.85  ? 13  ASP A C   1 
ATOM   95   O O   . ASP A 1 12  ? -1.884  -11.298 -9.928  1.00 6.65  ? 13  ASP A O   1 
ATOM   96   C CB  . ASP A 1 12  ? -3.989  -9.674  -8.968  1.00 5.18  ? 13  ASP A CB  1 
ATOM   97   C CG  . ASP A 1 12  ? -4.034  -8.690  -10.108 1.00 5.02  ? 13  ASP A CG  1 
ATOM   98   O OD1 . ASP A 1 12  ? -3.291  -7.700  -10.116 1.00 7.77  ? 13  ASP A OD1 1 
ATOM   99   O OD2 . ASP A 1 12  ? -4.864  -8.887  -11.026 1.00 7.01  ? 13  ASP A OD2 1 
ATOM   100  N N   . PHE A 1 13  ? -0.385  -9.774  -9.244  1.00 5.22  ? 14  PHE A N   1 
ATOM   101  C CA  . PHE A 1 13  ? 0.757   -10.275 -9.997  1.00 5.41  ? 14  PHE A CA  1 
ATOM   102  C C   . PHE A 1 13  ? 1.880   -10.644 -9.037  1.00 5.31  ? 14  PHE A C   1 
ATOM   103  O O   . PHE A 1 13  ? 2.389   -9.767  -8.342  1.00 5.93  ? 14  PHE A O   1 
ATOM   104  C CB  . PHE A 1 13  ? 1.274   -9.238  -10.987 1.00 6.09  ? 14  PHE A CB  1 
ATOM   105  C CG  . PHE A 1 13  ? 0.379   -8.946  -12.170 1.00 5.93  ? 14  PHE A CG  1 
ATOM   106  C CD1 . PHE A 1 13  ? -0.665  -8.051  -12.058 1.00 7.34  ? 14  PHE A CD1 1 
ATOM   107  C CD2 . PHE A 1 13  ? 0.602   -9.558  -13.388 1.00 8.75  ? 14  PHE A CD2 1 
ATOM   108  C CE1 . PHE A 1 13  ? -1.472  -7.755  -13.138 1.00 8.46  ? 14  PHE A CE1 1 
ATOM   109  C CE2 . PHE A 1 13  ? -0.198  -9.276  -14.479 1.00 9.83  ? 14  PHE A CE2 1 
ATOM   110  C CZ  . PHE A 1 13  ? -1.228  -8.364  -14.352 1.00 7.96  ? 14  PHE A CZ  1 
ATOM   111  N N   . SER A 1 14  ? 2.261   -11.918 -9.042  1.00 5.96  ? 15  SER A N   1 
ATOM   112  C CA  . SER A 1 14  ? 3.379   -12.324 -8.199  1.00 6.09  ? 15  SER A CA  1 
ATOM   113  C C   . SER A 1 14  ? 4.662   -11.599 -8.538  1.00 5.12  ? 15  SER A C   1 
ATOM   114  O O   . SER A 1 14  ? 5.454   -11.342 -7.624  1.00 5.75  ? 15  SER A O   1 
ATOM   115  C CB  . SER A 1 14  ? 3.589   -13.835 -8.256  1.00 6.60  ? 15  SER A CB  1 
ATOM   116  O OG  . SER A 1 14  ? 4.039   -14.252 -9.523  1.00 8.50  ? 15  SER A OG  1 
ATOM   117  N N   . THR A 1 15  ? 4.890   -11.281 -9.815  1.00 5.32  ? 16  THR A N   1 
ATOM   118  C CA  . THR A 1 15  ? 6.143   -10.604 -10.126 1.00 5.48  ? 16  THR A CA  1 
ATOM   119  C C   . THR A 1 15  ? 6.209   -9.238  -9.454  1.00 5.13  ? 16  THR A C   1 
ATOM   120  O O   . THR A 1 15  ? 7.274   -8.828  -8.970  1.00 5.59  ? 16  THR A O   1 
ATOM   121  C CB  . THR A 1 15  ? 6.376   -10.449 -11.637 1.00 6.58  ? 16  THR A CB  1 
ATOM   122  O OG1 . THR A 1 15  ? 5.300   -9.719  -12.222 1.00 8.65  ? 16  THR A OG1 1 
ATOM   123  C CG2 . THR A 1 15  ? 6.504   -11.817 -12.287 1.00 8.41  ? 16  THR A CG2 1 
ATOM   124  N N   . MET A 1 16  ? 5.094   -8.506  -9.439  1.00 4.95  ? 17  MET A N   1 
ATOM   125  C CA  . MET A 1 16  ? 5.107   -7.163  -8.860  1.00 4.92  ? 17  MET A CA  1 
ATOM   126  C C   . MET A 1 16  ? 5.191   -7.249  -7.339  1.00 4.40  ? 17  MET A C   1 
ATOM   127  O O   . MET A 1 16  ? 5.859   -6.437  -6.700  1.00 5.13  ? 17  MET A O   1 
ATOM   128  C CB  . MET A 1 16  ? 3.890   -6.342  -9.279  1.00 5.47  ? 17  MET A CB  1 
ATOM   129  C CG  . MET A 1 16  ? 3.913   -4.904  -8.819  1.00 5.37  ? 17  MET A CG  1 
ATOM   130  S SD  . MET A 1 16  ? 5.354   -3.981  -9.394  1.00 7.27  ? 17  MET A SD  1 
ATOM   131  C CE  . MET A 1 16  ? 4.967   -2.404  -8.632  1.00 7.02  ? 17  MET A CE  1 
ATOM   132  N N   . ARG A 1 17  ? 4.520   -8.230  -6.724  1.00 4.76  ? 18  ARG A N   1 
ATOM   133  C CA  . ARG A 1 17  ? 4.707   -8.363  -5.278  1.00 5.22  ? 18  ARG A CA  1 
ATOM   134  C C   . ARG A 1 17  ? 6.176   -8.645  -4.959  1.00 4.61  ? 18  ARG A C   1 
ATOM   135  O O   . ARG A 1 17  ? 6.679   -8.142  -3.960  1.00 5.48  ? 18  ARG A O   1 
ATOM   136  C CB  . ARG A 1 17  ? 3.818   -9.467  -4.738  1.00 5.28  ? 18  ARG A CB  1 
ATOM   137  C CG  . ARG A 1 17  ? 2.332   -9.225  -4.865  1.00 5.26  ? 18  ARG A CG  1 
ATOM   138  C CD  . ARG A 1 17  ? 1.512   -10.112 -3.930  1.00 5.33  ? 18  ARG A CD  1 
ATOM   139  N NE  . ARG A 1 17  ? 1.827   -11.528 -4.173  1.00 6.59  ? 18  ARG A NE  1 
ATOM   140  C CZ  . ARG A 1 17  ? 1.249   -12.296 -5.081  1.00 5.93  ? 18  ARG A CZ  1 
ATOM   141  N NH1 . ARG A 1 17  ? 0.270   -11.851 -5.856  1.00 7.16  ? 18  ARG A NH1 1 
ATOM   142  N NH2 . ARG A 1 17  ? 1.640   -13.561 -5.229  1.00 7.95  ? 18  ARG A NH2 1 
ATOM   143  N N   . ARG A 1 18  ? 6.841   -9.447  -5.775  1.00 4.82  ? 19  ARG A N   1 
ATOM   144  C CA  . ARG A 1 18  ? 8.258   -9.715  -5.531  1.00 5.05  ? 19  ARG A CA  1 
ATOM   145  C C   . ARG A 1 18  ? 9.103   -8.469  -5.733  1.00 5.08  ? 19  ARG A C   1 
ATOM   146  O O   . ARG A 1 18  ? 10.042  -8.243  -4.962  1.00 5.73  ? 19  ARG A O   1 
ATOM   147  C CB  . ARG A 1 18  ? 8.750   -10.852 -6.397  1.00 7.10  ? 19  ARG A CB  1 
ATOM   148  C CG  . ARG A 1 18  ? 10.255  -11.151 -6.142  1.00 11.23 ? 19  ARG A CG  1 
ATOM   149  C CD  . ARG A 1 18  ? 10.347  -12.227 -5.030  1.00 24.81 ? 19  ARG A CD  1 
ATOM   150  N NE  . ARG A 1 18  ? 11.758  -12.306 -4.665  1.00 30.35 ? 19  ARG A NE  1 
ATOM   151  C CZ  . ARG A 1 18  ? 12.638  -13.266 -4.767  1.00 30.23 ? 19  ARG A CZ  1 
ATOM   152  N NH1 . ARG A 1 18  ? 12.382  -14.466 -5.265  1.00 43.04 ? 19  ARG A NH1 1 
ATOM   153  N NH2 . ARG A 1 18  ? 13.864  -12.990 -4.332  1.00 31.82 ? 19  ARG A NH2 1 
ATOM   154  N N   . ILE A 1 19  ? 8.809   -7.676  -6.764  1.00 4.87  ? 20  ILE A N   1 
ATOM   155  C CA  . ILE A 1 19  ? 9.503   -6.401  -6.920  1.00 4.68  ? 20  ILE A CA  1 
ATOM   156  C C   . ILE A 1 19  ? 9.363   -5.555  -5.667  1.00 4.30  ? 20  ILE A C   1 
ATOM   157  O O   . ILE A 1 19  ? 10.365  -5.063  -5.143  1.00 5.25  ? 20  ILE A O   1 
ATOM   158  C CB  . ILE A 1 19  ? 8.969   -5.649  -8.159  1.00 4.60  ? 20  ILE A CB  1 
ATOM   159  C CG1 . ILE A 1 19  ? 9.389   -6.307  -9.468  1.00 5.54  ? 20  ILE A CG1 1 
ATOM   160  C CG2 . ILE A 1 19  ? 9.376   -4.188  -8.125  1.00 5.91  ? 20  ILE A CG2 1 
ATOM   161  C CD1 . ILE A 1 19  ? 8.588   -5.896  -10.675 1.00 5.68  ? 20  ILE A CD1 1 
ATOM   162  N N   . VAL A 1 20  ? 8.134   -5.375  -5.188  1.00 4.86  ? 21  VAL A N   1 
ATOM   163  C CA  . VAL A 1 20  ? 7.929   -4.485  -4.055  1.00 4.31  ? 21  VAL A CA  1 
ATOM   164  C C   . VAL A 1 20  ? 8.597   -5.042  -2.803  1.00 4.71  ? 21  VAL A C   1 
ATOM   165  O O   . VAL A 1 20  ? 9.253   -4.310  -2.065  1.00 5.27  ? 21  VAL A O   1 
ATOM   166  C CB  . VAL A 1 20  ? 6.437   -4.206  -3.833  1.00 4.03  ? 21  VAL A CB  1 
ATOM   167  C CG1 . VAL A 1 20  ? 6.224   -3.351  -2.598  1.00 4.63  ? 21  VAL A CG1 1 
ATOM   168  C CG2 . VAL A 1 20  ? 5.865   -3.507  -5.069  1.00 5.27  ? 21  VAL A CG2 1 
ATOM   169  N N   . ARG A 1 21  ? 8.460   -6.344  -2.570  1.00 5.30  ? 22  ARG A N   1 
ATOM   170  C CA  . ARG A 1 21  ? 9.149   -6.978  -1.450  1.00 5.79  ? 22  ARG A CA  1 
ATOM   171  C C   . ARG A 1 21  ? 10.647  -6.746  -1.524  1.00 5.65  ? 22  ARG A C   1 
ATOM   172  O O   . ARG A 1 21  ? 11.292  -6.419  -0.523  1.00 6.21  ? 22  ARG A O   1 
ATOM   173  C CB  A ARG A 1 21  ? 8.855   -8.485  -1.405  0.42 8.15  ? 22  ARG A CB  1 
ATOM   174  C CB  B ARG A 1 21  ? 8.845   -8.480  -1.424  0.58 7.57  ? 22  ARG A CB  1 
ATOM   175  C CG  A ARG A 1 21  ? 9.831   -9.246  -0.528  0.42 11.31 ? 22  ARG A CG  1 
ATOM   176  C CG  B ARG A 1 21  ? 9.453   -9.217  -0.242  0.58 8.88  ? 22  ARG A CG  1 
ATOM   177  C CD  A ARG A 1 21  ? 9.623   -10.742 -0.541  0.42 13.46 ? 22  ARG A CD  1 
ATOM   178  C CD  B ARG A 1 21  ? 9.173   -10.709 -0.296  0.58 13.99 ? 22  ARG A CD  1 
ATOM   179  N NE  A ARG A 1 21  ? 8.324   -11.190 -0.089  0.42 18.15 ? 22  ARG A NE  1 
ATOM   180  N NE  B ARG A 1 21  ? 10.095  -11.493 0.514   0.58 17.17 ? 22  ARG A NE  1 
ATOM   181  C CZ  A ARG A 1 21  ? 7.943   -11.575 1.114   0.42 18.02 ? 22  ARG A CZ  1 
ATOM   182  C CZ  B ARG A 1 21  ? 11.249  -12.028 0.139   0.58 22.23 ? 22  ARG A CZ  1 
ATOM   183  N NH1 A ARG A 1 21  ? 6.687   -11.956 1.328   0.42 17.25 ? 22  ARG A NH1 1 
ATOM   184  N NH1 B ARG A 1 21  ? 11.987  -12.725 1.000   0.58 18.53 ? 22  ARG A NH1 1 
ATOM   185  N NH2 A ARG A 1 21  ? 8.787   -11.587 2.137   0.42 22.10 ? 22  ARG A NH2 1 
ATOM   186  N NH2 B ARG A 1 21  ? 11.696  -11.879 -1.103  0.58 26.94 ? 22  ARG A NH2 1 
ATOM   187  N N   . ASN A 1 22  ? 11.246  -6.903  -2.700  1.00 5.77  ? 23  ASN A N   1 
ATOM   188  C CA  . ASN A 1 22  ? 12.689  -6.741  -2.819  1.00 6.17  ? 23  ASN A CA  1 
ATOM   189  C C   . ASN A 1 22  ? 13.120  -5.299  -2.661  1.00 7.02  ? 23  ASN A C   1 
ATOM   190  O O   . ASN A 1 22  ? 14.165  -5.023  -2.067  1.00 8.94  ? 23  ASN A O   1 
ATOM   191  C CB  A ASN A 1 22  ? 13.213  -7.333  -4.143  0.58 8.73  ? 23  ASN A CB  1 
ATOM   192  C CB  B ASN A 1 22  ? 13.121  -7.294  -4.189  0.42 8.22  ? 23  ASN A CB  1 
ATOM   193  C CG  A ASN A 1 22  ? 13.749  -8.744  -3.917  0.58 11.80 ? 23  ASN A CG  1 
ATOM   194  C CG  B ASN A 1 22  ? 14.594  -7.649  -4.102  0.42 9.04  ? 23  ASN A CG  1 
ATOM   195  O OD1 A ASN A 1 22  ? 14.845  -9.080  -4.369  0.58 14.71 ? 23  ASN A OD1 1 
ATOM   196  O OD1 B ASN A 1 22  ? 15.437  -6.868  -4.528  0.42 15.43 ? 23  ASN A OD1 1 
ATOM   197  N ND2 A ASN A 1 22  ? 12.931  -9.517  -3.211  0.58 17.76 ? 23  ASN A ND2 1 
ATOM   198  N ND2 B ASN A 1 22  ? 14.871  -8.806  -3.521  0.42 15.81 ? 23  ASN A ND2 1 
ATOM   199  N N   . LEU A 1 23  ? 12.315  -4.362  -3.138  1.00 5.82  ? 24  LEU A N   1 
ATOM   200  C CA  . LEU A 1 23  ? 12.629  -2.957  -2.929  1.00 6.43  ? 24  LEU A CA  1 
ATOM   201  C C   . LEU A 1 23  ? 12.571  -2.635  -1.447  1.00 5.91  ? 24  LEU A C   1 
ATOM   202  O O   . LEU A 1 23  ? 13.423  -1.926  -0.910  1.00 7.63  ? 24  LEU A O   1 
ATOM   203  C CB  . LEU A 1 23  ? 11.676  -2.078  -3.728  1.00 6.65  ? 24  LEU A CB  1 
ATOM   204  C CG  . LEU A 1 23  ? 11.847  -2.099  -5.249  1.00 7.26  ? 24  LEU A CG  1 
ATOM   205  C CD1 . LEU A 1 23  ? 10.772  -1.240  -5.902  1.00 9.30  ? 24  LEU A CD1 1 
ATOM   206  C CD2 . LEU A 1 23  ? 13.221  -1.654  -5.697  1.00 9.22  ? 24  LEU A CD2 1 
ATOM   207  N N   . LEU A 1 24  ? 11.562  -3.157  -0.752  1.00 5.73  ? 25  LEU A N   1 
ATOM   208  C CA  . LEU A 1 24  ? 11.459  -2.933  0.690   1.00 6.41  ? 25  LEU A CA  1 
ATOM   209  C C   . LEU A 1 24  ? 12.698  -3.487  1.388   1.00 6.40  ? 25  LEU A C   1 
ATOM   210  O O   . LEU A 1 24  ? 13.264  -2.850  2.279   1.00 7.32  ? 25  LEU A O   1 
ATOM   211  C CB  . LEU A 1 24  ? 10.190  -3.567  1.270   1.00 5.64  ? 25  LEU A CB  1 
ATOM   212  C CG  . LEU A 1 24  ? 8.878   -2.835  0.960   1.00 5.32  ? 25  LEU A CG  1 
ATOM   213  C CD1 . LEU A 1 24  ? 7.688   -3.724  1.302   1.00 6.07  ? 25  LEU A CD1 1 
ATOM   214  C CD2 . LEU A 1 24  ? 8.806   -1.511  1.708   1.00 6.65  ? 25  LEU A CD2 1 
ATOM   215  N N   . LYS A 1 25  ? 13.142  -4.676  1.001   1.00 7.84  ? 26  LYS A N   1 
ATOM   216  C CA  . LYS A 1 25  ? 14.318  -5.293  1.617   1.00 9.96  ? 26  LYS A CA  1 
ATOM   217  C C   . LYS A 1 25  ? 15.530  -4.399  1.403   1.00 10.18 ? 26  LYS A C   1 
ATOM   218  O O   . LYS A 1 25  ? 16.366  -4.225  2.298   1.00 10.64 ? 26  LYS A O   1 
ATOM   219  C CB  . LYS A 1 25  ? 14.511  -6.704  1.048   1.00 14.47 ? 26  LYS A CB  1 
ATOM   220  C CG  . LYS A 1 25  ? 13.731  -7.752  1.820   1.00 22.19 ? 26  LYS A CG  1 
ATOM   221  C CD  . LYS A 1 25  ? 13.814  -9.149  1.269   1.00 32.48 ? 26  LYS A CD  1 
ATOM   222  C CE  . LYS A 1 25  ? 14.769  -10.073 1.992   1.00 28.97 ? 26  LYS A CE  1 
ATOM   223  N NZ  . LYS A 1 25  ? 14.510  -10.240 3.454   1.00 21.99 ? 26  LYS A NZ  1 
ATOM   224  N N   . GLU A 1 26  ? 15.650  -3.797  0.219   1.00 11.35 ? 27  GLU A N   1 
ATOM   225  C CA  . GLU A 1 26  ? 16.741  -2.885  -0.098  1.00 12.99 ? 27  GLU A CA  1 
ATOM   226  C C   . GLU A 1 26  ? 16.814  -1.696  0.861   1.00 11.79 ? 27  GLU A C   1 
ATOM   227  O O   . GLU A 1 26  ? 17.881  -1.148  1.131   1.00 17.32 ? 27  GLU A O   1 
ATOM   228  C CB  A GLU A 1 26  ? 16.571  -2.441  -1.544  0.52 13.19 ? 27  GLU A CB  1 
ATOM   229  C CB  B GLU A 1 26  ? 16.634  -2.265  -1.496  0.48 13.14 ? 27  GLU A CB  1 
ATOM   230  C CG  A GLU A 1 26  ? 17.560  -1.371  -1.948  0.52 14.76 ? 27  GLU A CG  1 
ATOM   231  C CG  B GLU A 1 26  ? 16.777  -3.129  -2.709  0.48 12.18 ? 27  GLU A CG  1 
ATOM   232  C CD  A GLU A 1 26  ? 17.609  -1.264  -3.464  0.52 13.07 ? 27  GLU A CD  1 
ATOM   233  C CD  B GLU A 1 26  ? 17.005  -2.455  -4.038  0.48 12.04 ? 27  GLU A CD  1 
ATOM   234  O OE1 A GLU A 1 26  ? 16.970  -2.094  -4.148  0.52 10.99 ? 27  GLU A OE1 1 
ATOM   235  O OE1 B GLU A 1 26  ? 17.527  -1.327  -4.155  0.48 11.02 ? 27  GLU A OE1 1 
ATOM   236  O OE2 A GLU A 1 26  ? 18.294  -0.328  -3.906  0.52 14.07 ? 27  GLU A OE2 1 
ATOM   237  O OE2 B GLU A 1 26  ? 16.657  -3.072  -5.070  0.48 11.06 ? 27  GLU A OE2 1 
ATOM   238  N N   . LEU A 1 27  ? 15.657  -1.279  1.368   1.00 9.80  ? 28  LEU A N   1 
ATOM   239  C CA  . LEU A 1 27  ? 15.552  -0.163  2.286   1.00 9.91  ? 28  LEU A CA  1 
ATOM   240  C C   . LEU A 1 27  ? 15.653  -0.598  3.744   1.00 8.76  ? 28  LEU A C   1 
ATOM   241  O O   . LEU A 1 27  ? 15.612  0.243   4.632   1.00 13.48 ? 28  LEU A O   1 
ATOM   242  C CB  . LEU A 1 27  ? 14.229  0.559   2.014   1.00 9.11  ? 28  LEU A CB  1 
ATOM   243  C CG  . LEU A 1 27  ? 14.042  1.089   0.579   1.00 8.53  ? 28  LEU A CG  1 
ATOM   244  C CD1 . LEU A 1 27  ? 12.712  1.819   0.470   1.00 10.11 ? 28  LEU A CD1 1 
ATOM   245  C CD2 . LEU A 1 27  ? 15.216  1.948   0.153   1.00 10.66 ? 28  LEU A CD2 1 
ATOM   246  N N   . GLY A 1 28  ? 15.734  -1.903  3.979   1.00 7.26  ? 29  GLY A N   1 
ATOM   247  C CA  . GLY A 1 28  ? 15.841  -2.442  5.320   1.00 6.42  ? 29  GLY A CA  1 
ATOM   248  C C   . GLY A 1 28  ? 14.536  -2.868  5.963   1.00 6.28  ? 29  GLY A C   1 
ATOM   249  O O   . GLY A 1 28  ? 14.535  -3.120  7.169   1.00 7.22  ? 29  GLY A O   1 
ATOM   250  N N   . PHE A 1 29  ? 13.470  -2.968  5.179   1.00 5.94  ? 30  PHE A N   1 
ATOM   251  C CA  . PHE A 1 29  ? 12.175  -3.437  5.657   1.00 5.75  ? 30  PHE A CA  1 
ATOM   252  C C   . PHE A 1 29  ? 11.964  -4.871  5.168   1.00 5.98  ? 30  PHE A C   1 
ATOM   253  O O   . PHE A 1 29  ? 11.637  -5.095  4.007   1.00 7.97  ? 30  PHE A O   1 
ATOM   254  C CB  . PHE A 1 29  ? 11.060  -2.532  5.167   1.00 5.64  ? 30  PHE A CB  1 
ATOM   255  C CG  . PHE A 1 29  ? 11.120  -1.108  5.678   1.00 6.27  ? 30  PHE A CG  1 
ATOM   256  C CD1 . PHE A 1 29  ? 10.828  -0.811  6.993   1.00 6.71  ? 30  PHE A CD1 1 
ATOM   257  C CD2 . PHE A 1 29  ? 11.451  -0.061  4.839   1.00 8.33  ? 30  PHE A CD2 1 
ATOM   258  C CE1 . PHE A 1 29  ? 10.868  0.480   7.459   1.00 7.98  ? 30  PHE A CE1 1 
ATOM   259  C CE2 . PHE A 1 29  ? 11.501  1.245   5.284   1.00 9.74  ? 30  PHE A CE2 1 
ATOM   260  C CZ  . PHE A 1 29  ? 11.207  1.516   6.603   1.00 10.08 ? 30  PHE A CZ  1 
ATOM   261  N N   . ASN A 1 30  ? 12.218  -5.835  6.067   1.00 5.69  ? 31  ASN A N   1 
ATOM   262  C CA  . ASN A 1 30  ? 12.209  -7.243  5.723   1.00 6.36  ? 31  ASN A CA  1 
ATOM   263  C C   . ASN A 1 30  ? 10.979  -7.988  6.229   1.00 5.93  ? 31  ASN A C   1 
ATOM   264  O O   . ASN A 1 30  ? 10.758  -9.138  5.846   1.00 7.40  ? 31  ASN A O   1 
ATOM   265  C CB  . ASN A 1 30  ? 13.441  -7.966  6.293   1.00 6.65  ? 31  ASN A CB  1 
ATOM   266  C CG  . ASN A 1 30  ? 14.720  -7.414  5.706   1.00 6.12  ? 31  ASN A CG  1 
ATOM   267  O OD1 . ASN A 1 30  ? 15.169  -7.862  4.655   1.00 8.04  ? 31  ASN A OD1 1 
ATOM   268  N ND2 . ASN A 1 30  ? 15.294  -6.434  6.383   1.00 7.48  ? 31  ASN A ND2 1 
ATOM   269  N N   . ASN A 1 31  ? 10.182  -7.342  7.072   1.00 5.97  ? 32  ASN A N   1 
ATOM   270  C CA  . ASN A 1 31  ? 9.014   -7.992  7.676   1.00 6.55  ? 32  ASN A CA  1 
ATOM   271  C C   . ASN A 1 31  ? 7.819   -7.769  6.759   1.00 6.12  ? 32  ASN A C   1 
ATOM   272  O O   . ASN A 1 31  ? 7.064   -6.805  6.933   1.00 7.37  ? 32  ASN A O   1 
ATOM   273  C CB  . ASN A 1 31  ? 8.780   -7.441  9.071   1.00 7.10  ? 32  ASN A CB  1 
ATOM   274  C CG  . ASN A 1 31  ? 7.763   -8.222  9.865   1.00 8.19  ? 32  ASN A CG  1 
ATOM   275  O OD1 . ASN A 1 31  ? 7.303   -9.282  9.451   1.00 10.80 ? 32  ASN A OD1 1 
ATOM   276  N ND2 . ASN A 1 31  ? 7.411   -7.667  11.023  1.00 8.91  ? 32  ASN A ND2 1 
ATOM   277  N N   . VAL A 1 32  ? 7.663   -8.612  5.756   1.00 6.15  ? 33  VAL A N   1 
ATOM   278  C CA  . VAL A 1 32  ? 6.778   -8.395  4.633   1.00 6.68  ? 33  VAL A CA  1 
ATOM   279  C C   . VAL A 1 32  ? 5.952   -9.648  4.372   1.00 6.53  ? 33  VAL A C   1 
ATOM   280  O O   . VAL A 1 32  ? 6.490   -10.754 4.282   1.00 9.93  ? 33  VAL A O   1 
ATOM   281  C CB  . VAL A 1 32  ? 7.550   -8.010  3.363   1.00 7.47  ? 33  VAL A CB  1 
ATOM   282  C CG1 . VAL A 1 32  ? 6.586   -7.811  2.203   1.00 9.92  ? 33  VAL A CG1 1 
ATOM   283  C CG2 . VAL A 1 32  ? 8.387   -6.759  3.571   1.00 9.70  ? 33  VAL A CG2 1 
ATOM   284  N N   . GLU A 1 33  ? 4.643   -9.469  4.266   1.00 5.62  ? 34  GLU A N   1 
ATOM   285  C CA  . GLU A 1 33  ? 3.722   -10.488 3.829   1.00 5.96  ? 34  GLU A CA  1 
ATOM   286  C C   . GLU A 1 33  ? 2.978   -10.025 2.589   1.00 5.13  ? 34  GLU A C   1 
ATOM   287  O O   . GLU A 1 33  ? 3.030   -8.843  2.270   1.00 5.85  ? 34  GLU A O   1 
ATOM   288  C CB  . GLU A 1 33  ? 2.727   -10.840 4.939   1.00 8.21  ? 34  GLU A CB  1 
ATOM   289  C CG  . GLU A 1 33  ? 3.409   -11.230 6.246   1.00 14.36 ? 34  GLU A CG  1 
ATOM   290  C CD  . GLU A 1 33  ? 4.280   -12.466 6.149   1.00 17.93 ? 34  GLU A CD  1 
ATOM   291  O OE1 . GLU A 1 33  ? 4.040   -13.321 5.264   1.00 23.50 ? 34  GLU A OE1 1 
ATOM   292  O OE2 . GLU A 1 33  ? 5.222   -12.618 6.957   1.00 24.35 ? 34  GLU A OE2 1 
ATOM   293  N N   . GLU A 1 34  ? 2.300   -10.942 1.927   1.00 5.65  ? 35  GLU A N   1 
ATOM   294  C CA  . GLU A 1 34  ? 1.698   -10.678 0.639   1.00 5.40  ? 35  GLU A CA  1 
ATOM   295  C C   . GLU A 1 34  ? 0.245   -11.111 0.597   1.00 4.92  ? 35  GLU A C   1 
ATOM   296  O O   . GLU A 1 34  ? -0.184  -12.038 1.278   1.00 6.50  ? 35  GLU A O   1 
ATOM   297  C CB  . GLU A 1 34  ? 2.477   -11.422 -0.461  1.00 6.49  ? 35  GLU A CB  1 
ATOM   298  C CG  . GLU A 1 34  ? 3.878   -10.870 -0.632  1.00 7.93  ? 35  GLU A CG  1 
ATOM   299  C CD  . GLU A 1 34  ? 4.707   -11.559 -1.686  1.00 9.08  ? 35  GLU A CD  1 
ATOM   300  O OE1 . GLU A 1 34  ? 4.162   -12.178 -2.621  1.00 9.18  ? 35  GLU A OE1 1 
ATOM   301  O OE2 . GLU A 1 34  ? 5.940   -11.443 -1.563  1.00 16.40 ? 35  GLU A OE2 1 
ATOM   302  N N   . ALA A 1 35  ? -0.540  -10.456 -0.251  1.00 4.96  ? 36  ALA A N   1 
ATOM   303  C CA  . ALA A 1 35  ? -1.915  -10.826 -0.524  1.00 4.52  ? 36  ALA A CA  1 
ATOM   304  C C   . ALA A 1 35  ? -2.213  -10.534 -2.000  1.00 4.28  ? 36  ALA A C   1 
ATOM   305  O O   . ALA A 1 35  ? -1.564  -9.696  -2.620  1.00 4.58  ? 36  ALA A O   1 
ATOM   306  C CB  . ALA A 1 35  ? -2.881  -10.096 0.381   1.00 5.47  ? 36  ALA A CB  1 
ATOM   307  N N   . GLU A 1 36  ? -3.222  -11.243 -2.539  1.00 4.88  ? 37  GLU A N   1 
ATOM   308  C CA  . GLU A 1 36  ? -3.402  -11.233 -3.989  1.00 5.50  ? 37  GLU A CA  1 
ATOM   309  C C   . GLU A 1 36  ? -4.608  -10.425 -4.472  1.00 5.24  ? 37  GLU A C   1 
ATOM   310  O O   . GLU A 1 36  ? -4.721  -10.261 -5.697  1.00 5.65  ? 37  GLU A O   1 
ATOM   311  C CB  . GLU A 1 36  ? -3.445  -12.654 -4.545  1.00 7.70  ? 37  GLU A CB  1 
ATOM   312  C CG  . GLU A 1 36  ? -4.611  -13.490 -4.131  1.00 10.31 ? 37  GLU A CG  1 
ATOM   313  C CD  . GLU A 1 36  ? -4.489  -14.955 -4.527  1.00 14.47 ? 37  GLU A CD  1 
ATOM   314  O OE1 . GLU A 1 36  ? -3.454  -15.352 -5.099  1.00 22.21 ? 37  GLU A OE1 1 
ATOM   315  O OE2 . GLU A 1 36  ? -5.433  -15.717 -4.271  1.00 23.07 ? 37  GLU A OE2 1 
ATOM   316  N N   . ASP A 1 37  ? -5.466  -9.962  -3.599  1.00 5.14  ? 38  ASP A N   1 
ATOM   317  C CA  . ASP A 1 37  ? -6.557  -9.042  -3.914  1.00 5.98  ? 38  ASP A CA  1 
ATOM   318  C C   . ASP A 1 37  ? -7.027  -8.414  -2.610  1.00 4.83  ? 38  ASP A C   1 
ATOM   319  O O   . ASP A 1 37  ? -6.497  -8.745  -1.536  1.00 5.24  ? 38  ASP A O   1 
ATOM   320  C CB  . ASP A 1 37  ? -7.664  -9.729  -4.703  1.00 6.24  ? 38  ASP A CB  1 
ATOM   321  C CG  . ASP A 1 37  ? -8.488  -10.752 -3.974  1.00 6.59  ? 38  ASP A CG  1 
ATOM   322  O OD1 . ASP A 1 37  ? -8.635  -10.666 -2.743  1.00 7.09  ? 38  ASP A OD1 1 
ATOM   323  O OD2 . ASP A 1 37  ? -9.036  -11.668 -4.638  1.00 8.62  ? 38  ASP A OD2 1 
ATOM   324  N N   . GLY A 1 38  ? -8.017  -7.527  -2.643  1.00 5.70  ? 39  GLY A N   1 
ATOM   325  C CA  . GLY A 1 38  ? -8.416  -6.842  -1.423  1.00 5.93  ? 39  GLY A CA  1 
ATOM   326  C C   . GLY A 1 38  ? -9.073  -7.739  -0.399  1.00 5.11  ? 39  GLY A C   1 
ATOM   327  O O   . GLY A 1 38  ? -8.973  -7.461  0.805   1.00 6.03  ? 39  GLY A O   1 
ATOM   328  N N   . VAL A 1 39  ? -9.758  -8.790  -0.842  1.00 5.83  ? 40  VAL A N   1 
ATOM   329  C CA  . VAL A 1 39  ? -10.394 -9.720  0.089   1.00 7.17  ? 40  VAL A CA  1 
ATOM   330  C C   . VAL A 1 39  ? -9.335  -10.516 0.842   1.00 6.40  ? 40  VAL A C   1 
ATOM   331  O O   . VAL A 1 39  ? -9.352  -10.637 2.066   1.00 7.81  ? 40  VAL A O   1 
ATOM   332  C CB  . VAL A 1 39  ? -11.370 -10.646 -0.656  1.00 8.21  ? 40  VAL A CB  1 
ATOM   333  C CG1 . VAL A 1 39  ? -12.021 -11.590 0.340   1.00 12.52 ? 40  VAL A CG1 1 
ATOM   334  C CG2 . VAL A 1 39  ? -12.433 -9.861  -1.407  1.00 10.94 ? 40  VAL A CG2 1 
ATOM   335  N N   . ASP A 1 40  ? -8.370  -11.057 0.103   1.00 6.63  ? 41  ASP A N   1 
ATOM   336  C CA  . ASP A 1 40  ? -7.253  -11.772 0.713   1.00 6.13  ? 41  ASP A CA  1 
ATOM   337  C C   . ASP A 1 40  ? -6.523  -10.863 1.693   1.00 5.73  ? 41  ASP A C   1 
ATOM   338  O O   . ASP A 1 40  ? -6.145  -11.255 2.789   1.00 6.81  ? 41  ASP A O   1 
ATOM   339  C CB  . ASP A 1 40  ? -6.320  -12.256 -0.381  1.00 5.93  ? 41  ASP A CB  1 
ATOM   340  C CG  . ASP A 1 40  ? -5.209  -13.179 0.035   1.00 5.64  ? 41  ASP A CG  1 
ATOM   341  O OD1 . ASP A 1 40  ? -5.416  -13.987 0.961   1.00 8.93  ? 41  ASP A OD1 1 
ATOM   342  O OD2 . ASP A 1 40  ? -4.140  -13.117 -0.606  1.00 6.53  ? 41  ASP A OD2 1 
ATOM   343  N N   . ALA A 1 41  ? -6.355  -9.598  1.293   1.00 5.50  ? 42  ALA A N   1 
ATOM   344  C CA  . ALA A 1 41  ? -5.679  -8.637  2.151   1.00 5.20  ? 42  ALA A CA  1 
ATOM   345  C C   . ALA A 1 41  ? -6.419  -8.466  3.470   1.00 5.31  ? 42  ALA A C   1 
ATOM   346  O O   . ALA A 1 41  ? -5.804  -8.488  4.545   1.00 6.77  ? 42  ALA A O   1 
ATOM   347  C CB  . ALA A 1 41  ? -5.538  -7.286  1.472   1.00 5.24  ? 42  ALA A CB  1 
ATOM   348  N N   . LEU A 1 42  ? -7.741  -8.292  3.429   1.00 5.69  ? 43  LEU A N   1 
ATOM   349  C CA  . LEU A 1 42  ? -8.495  -8.160  4.670   1.00 6.18  ? 43  LEU A CA  1 
ATOM   350  C C   . LEU A 1 42  ? -8.420  -9.428  5.513   1.00 6.01  ? 43  LEU A C   1 
ATOM   351  O O   . LEU A 1 42  ? -8.325  -9.319  6.741   1.00 7.78  ? 43  LEU A O   1 
ATOM   352  C CB  . LEU A 1 42  ? -9.931  -7.755  4.370   1.00 6.38  ? 43  LEU A CB  1 
ATOM   353  C CG  . LEU A 1 42  ? -10.148 -6.332  3.872   1.00 7.08  ? 43  LEU A CG  1 
ATOM   354  C CD1 . LEU A 1 42  ? -11.582 -6.180  3.409   1.00 10.90 ? 43  LEU A CD1 1 
ATOM   355  C CD2 . LEU A 1 42  ? -9.860  -5.300  4.943   1.00 7.77  ? 43  LEU A CD2 1 
ATOM   356  N N   . ASN A 1 43  ? -8.475  -10.603 4.890   1.00 6.60  ? 44  ASN A N   1 
ATOM   357  C CA  . ASN A 1 43  ? -8.301  -11.840 5.659   1.00 7.62  ? 44  ASN A CA  1 
ATOM   358  C C   . ASN A 1 43  ? -6.989  -11.803 6.433   1.00 8.50  ? 44  ASN A C   1 
ATOM   359  O O   . ASN A 1 43  ? -6.938  -12.199 7.589   1.00 10.94 ? 44  ASN A O   1 
ATOM   360  C CB  . ASN A 1 43  ? -8.371  -13.065 4.760   1.00 8.06  ? 44  ASN A CB  1 
ATOM   361  C CG  . ASN A 1 43  ? -9.768  -13.585 4.512   1.00 7.82  ? 44  ASN A CG  1 
ATOM   362  O OD1 . ASN A 1 43  ? -10.701 -13.401 5.297   1.00 9.07  ? 44  ASN A OD1 1 
ATOM   363  N ND2 . ASN A 1 43  ? -9.946  -14.319 3.412   1.00 9.62  ? 44  ASN A ND2 1 
ATOM   364  N N   . LYS A 1 44  ? -5.909  -11.317 5.835   1.00 8.01  ? 45  LYS A N   1 
ATOM   365  C CA  . LYS A 1 44  ? -4.610  -11.252 6.499   1.00 8.82  ? 45  LYS A CA  1 
ATOM   366  C C   . LYS A 1 44  ? -4.563  -10.150 7.555   1.00 8.08  ? 45  LYS A C   1 
ATOM   367  O O   . LYS A 1 44  ? -4.056  -10.373 8.664   1.00 10.05 ? 45  LYS A O   1 
ATOM   368  C CB  . LYS A 1 44  ? -3.497  -11.109 5.453   1.00 9.85  ? 45  LYS A CB  1 
ATOM   369  C CG  . LYS A 1 44  ? -3.306  -12.385 4.655   1.00 13.12 ? 45  LYS A CG  1 
ATOM   370  C CD  . LYS A 1 44  ? -1.941  -12.502 4.015   1.00 17.31 ? 45  LYS A CD  1 
ATOM   371  C CE  A LYS A 1 44  ? -1.611  -13.954 3.700   0.33 16.55 ? 45  LYS A CE  1 
ATOM   372  C CE  B LYS A 1 44  ? -1.835  -13.766 3.177   0.67 16.31 ? 45  LYS A CE  1 
ATOM   373  N NZ  A LYS A 1 44  ? -2.671  -14.582 2.858   0.33 22.88 ? 45  LYS A NZ  1 
ATOM   374  N NZ  B LYS A 1 44  ? -0.404  -14.133 2.975   0.67 21.12 ? 45  LYS A NZ  1 
ATOM   375  N N   . LEU A 1 45  ? -5.094  -8.966  7.250   1.00 7.38  ? 46  LEU A N   1 
ATOM   376  C CA  . LEU A 1 45  ? -5.044  -7.852  8.189   1.00 7.52  ? 46  LEU A CA  1 
ATOM   377  C C   . LEU A 1 45  ? -5.794  -8.161  9.477   1.00 8.81  ? 46  LEU A C   1 
ATOM   378  O O   . LEU A 1 45  ? -5.416  -7.675  10.541  1.00 8.95  ? 46  LEU A O   1 
ATOM   379  C CB  . LEU A 1 45  ? -5.604  -6.585  7.546   1.00 7.96  ? 46  LEU A CB  1 
ATOM   380  C CG  . LEU A 1 45  ? -4.771  -5.978  6.421   1.00 6.76  ? 46  LEU A CG  1 
ATOM   381  C CD1 . LEU A 1 45  ? -5.533  -4.858  5.729   1.00 10.00 ? 46  LEU A CD1 1 
ATOM   382  C CD2 . LEU A 1 45  ? -3.438  -5.483  6.957   1.00 7.38  ? 46  LEU A CD2 1 
ATOM   383  N N   . GLN A 1 46  ? -6.836  -8.970  9.385   1.00 9.29  ? 47  GLN A N   1 
ATOM   384  C CA  . GLN A 1 46  ? -7.593  -9.380  10.569  1.00 10.24 ? 47  GLN A CA  1 
ATOM   385  C C   . GLN A 1 46  ? -6.752  -10.199 11.530  1.00 10.92 ? 47  GLN A C   1 
ATOM   386  O O   . GLN A 1 46  ? -7.143  -10.297 12.700  1.00 14.54 ? 47  GLN A O   1 
ATOM   387  C CB  . GLN A 1 46  ? -8.842  -10.182 10.163  1.00 9.86  ? 47  GLN A CB  1 
ATOM   388  C CG  . GLN A 1 46  ? -9.907  -9.306  9.548   1.00 9.38  ? 47  GLN A CG  1 
ATOM   389  C CD  . GLN A 1 46  ? -11.168 -10.055 9.182   1.00 8.50  ? 47  GLN A CD  1 
ATOM   390  O OE1 . GLN A 1 46  ? -11.225 -11.290 9.039   1.00 12.68 ? 47  GLN A OE1 1 
ATOM   391  N NE2 . GLN A 1 46  ? -12.226 -9.297  9.020   1.00 7.91  ? 47  GLN A NE2 1 
ATOM   392  N N   . ALA A 1 47  ? -5.648  -10.788 11.124  1.00 10.97 ? 48  ALA A N   1 
ATOM   393  C CA  . ALA A 1 47  ? -4.774  -11.548 12.005  1.00 13.38 ? 48  ALA A CA  1 
ATOM   394  C C   . ALA A 1 47  ? -3.998  -10.638 12.945  1.00 14.76 ? 48  ALA A C   1 
ATOM   395  O O   . ALA A 1 47  ? -3.460  -11.108 13.952  1.00 17.28 ? 48  ALA A O   1 
ATOM   396  C CB  . ALA A 1 47  ? -3.802  -12.392 11.194  1.00 16.46 ? 48  ALA A CB  1 
ATOM   397  N N   . GLY A 1 48  ? -3.928  -9.357  12.621  1.00 12.72 ? 49  GLY A N   1 
ATOM   398  C CA  . GLY A 1 48  ? -3.315  -8.371  13.482  1.00 13.88 ? 49  GLY A CA  1 
ATOM   399  C C   . GLY A 1 48  ? -1.826  -8.209  13.218  1.00 11.32 ? 49  GLY A C   1 
ATOM   400  O O   . GLY A 1 48  ? -1.202  -9.011  12.530  1.00 13.10 ? 49  GLY A O   1 
ATOM   401  N N   . GLY A 1 49  ? -1.279  -7.146  13.802  1.00 11.35 ? 50  GLY A N   1 
ATOM   402  C CA  . GLY A 1 49  ? 0.124   -6.884  13.839  1.00 12.26 ? 50  GLY A CA  1 
ATOM   403  C C   . GLY A 1 49  ? 0.691   -6.132  12.656  1.00 10.16 ? 50  GLY A C   1 
ATOM   404  O O   . GLY A 1 49  ? 1.887   -5.821  12.651  1.00 11.02 ? 50  GLY A O   1 
ATOM   405  N N   . TYR A 1 50  ? -0.129  -5.834  11.643  1.00 8.89  ? 51  TYR A N   1 
ATOM   406  C CA  . TYR A 1 50  ? 0.376   -5.078  10.503  1.00 7.00  ? 51  TYR A CA  1 
ATOM   407  C C   . TYR A 1 50  ? 0.590   -3.618  10.830  1.00 6.96  ? 51  TYR A C   1 
ATOM   408  O O   . TYR A 1 50  ? -0.064  -3.030  11.680  1.00 9.69  ? 51  TYR A O   1 
ATOM   409  C CB  . TYR A 1 50  ? -0.574  -5.234  9.302   1.00 7.38  ? 51  TYR A CB  1 
ATOM   410  C CG  . TYR A 1 50  ? -0.397  -6.615  8.702   1.00 7.00  ? 51  TYR A CG  1 
ATOM   411  C CD1 . TYR A 1 50  ? 0.568   -6.838  7.730   1.00 6.95  ? 51  TYR A CD1 1 
ATOM   412  C CD2 . TYR A 1 50  ? -1.172  -7.686  9.094   1.00 7.64  ? 51  TYR A CD2 1 
ATOM   413  C CE1 . TYR A 1 50  ? 0.753   -8.090  7.169   1.00 7.60  ? 51  TYR A CE1 1 
ATOM   414  C CE2 . TYR A 1 50  ? -1.001  -8.941  8.550   1.00 8.30  ? 51  TYR A CE2 1 
ATOM   415  C CZ  . TYR A 1 50  ? -0.041  -9.140  7.583   1.00 7.77  ? 51  TYR A CZ  1 
ATOM   416  O OH  . TYR A 1 50  ? 0.152   -10.374 7.024   1.00 9.92  ? 51  TYR A OH  1 
ATOM   417  N N   . GLY A 1 51  ? 1.553   -3.027  10.124  1.00 6.21  ? 52  GLY A N   1 
ATOM   418  C CA  . GLY A 1 51  ? 1.919   -1.644  10.311  1.00 6.52  ? 52  GLY A CA  1 
ATOM   419  C C   . GLY A 1 51  ? 1.910   -0.792  9.065   1.00 5.95  ? 52  GLY A C   1 
ATOM   420  O O   . GLY A 1 51  ? 2.045   0.422   9.165   1.00 6.76  ? 52  GLY A O   1 
ATOM   421  N N   . PHE A 1 52  ? 1.763   -1.380  7.875   1.00 5.55  ? 53  PHE A N   1 
ATOM   422  C CA  . PHE A 1 52  ? 1.798   -0.617  6.631   1.00 5.08  ? 53  PHE A CA  1 
ATOM   423  C C   . PHE A 1 52  ? 1.230   -1.486  5.516   1.00 4.34  ? 53  PHE A C   1 
ATOM   424  O O   . PHE A 1 52  ? 1.544   -2.681  5.471   1.00 5.60  ? 53  PHE A O   1 
ATOM   425  C CB  . PHE A 1 52  ? 3.231   -0.214  6.307   1.00 5.24  ? 53  PHE A CB  1 
ATOM   426  C CG  . PHE A 1 52  ? 3.380   1.042   5.469   1.00 5.10  ? 53  PHE A CG  1 
ATOM   427  C CD1 . PHE A 1 52  ? 3.039   1.042   4.124   1.00 5.51  ? 53  PHE A CD1 1 
ATOM   428  C CD2 . PHE A 1 52  ? 3.871   2.212   6.015   1.00 6.83  ? 53  PHE A CD2 1 
ATOM   429  C CE1 . PHE A 1 52  ? 3.171   2.185   3.361   1.00 6.98  ? 53  PHE A CE1 1 
ATOM   430  C CE2 . PHE A 1 52  ? 3.998   3.353   5.261   1.00 7.21  ? 53  PHE A CE2 1 
ATOM   431  C CZ  . PHE A 1 52  ? 3.635   3.353   3.928   1.00 7.29  ? 53  PHE A CZ  1 
ATOM   432  N N   . VAL A 1 53  ? 0.419   -0.920  4.643   1.00 4.39  ? 54  VAL A N   1 
ATOM   433  C CA  . VAL A 1 53  ? -0.148  -1.594  3.486   1.00 4.09  ? 54  VAL A CA  1 
ATOM   434  C C   . VAL A 1 53  ? 0.311   -0.904  2.214   1.00 3.88  ? 54  VAL A C   1 
ATOM   435  O O   . VAL A 1 53  ? 0.198   0.318   2.111   1.00 4.32  ? 54  VAL A O   1 
ATOM   436  C CB  . VAL A 1 53  ? -1.686  -1.598  3.550   1.00 4.73  ? 54  VAL A CB  1 
ATOM   437  C CG1 . VAL A 1 53  ? -2.253  -2.219  2.278   1.00 6.12  ? 54  VAL A CG1 1 
ATOM   438  C CG2 . VAL A 1 53  ? -2.175  -2.322  4.787   1.00 6.08  ? 54  VAL A CG2 1 
ATOM   439  N N   . ILE A 1 54  ? 0.819   -1.660  1.252   1.00 3.70  ? 55  ILE A N   1 
ATOM   440  C CA  . ILE A 1 54  ? 1.072   -1.186  -0.098  1.00 3.62  ? 55  ILE A CA  1 
ATOM   441  C C   . ILE A 1 54  ? 0.133   -1.979  -1.001  1.00 3.61  ? 55  ILE A C   1 
ATOM   442  O O   . ILE A 1 54  ? 0.228   -3.216  -1.016  1.00 4.97  ? 55  ILE A O   1 
ATOM   443  C CB  . ILE A 1 54  ? 2.534   -1.371  -0.515  1.00 3.76  ? 55  ILE A CB  1 
ATOM   444  C CG1 . ILE A 1 54  ? 3.459   -0.640  0.449   1.00 4.51  ? 55  ILE A CG1 1 
ATOM   445  C CG2 . ILE A 1 54  ? 2.734   -0.957  -1.958  1.00 4.69  ? 55  ILE A CG2 1 
ATOM   446  C CD1 . ILE A 1 54  ? 4.931   -0.841  0.182   1.00 4.87  ? 55  ILE A CD1 1 
ATOM   447  N N   . SER A 1 55  ? -0.801  -1.316  -1.665  1.00 3.72  ? 56  SER A N   1 
ATOM   448  C CA  . SER A 1 55  ? -1.806  -1.999  -2.439  1.00 3.78  ? 56  SER A CA  1 
ATOM   449  C C   . SER A 1 55  ? -1.933  -1.438  -3.850  1.00 3.54  ? 56  SER A C   1 
ATOM   450  O O   . SER A 1 55  ? -1.939  -0.211  -4.025  1.00 4.00  ? 56  SER A O   1 
ATOM   451  C CB  A SER A 1 55  ? -3.186  -1.852  -1.786  0.75 4.14  ? 56  SER A CB  1 
ATOM   452  C CB  B SER A 1 55  ? -3.176  -1.896  -1.759  0.25 4.87  ? 56  SER A CB  1 
ATOM   453  O OG  A SER A 1 55  ? -4.199  -2.547  -2.492  0.75 5.55  ? 56  SER A OG  1 
ATOM   454  O OG  B SER A 1 55  ? -3.499  -0.543  -1.478  0.25 6.95  ? 56  SER A OG  1 
ATOM   455  N N   . ASP A 1 56  ? -2.107  -2.302  -4.839  1.00 4.24  ? 57  ASP A N   1 
ATOM   456  C CA  . ASP A 1 56  ? -2.435  -1.801  -6.157  1.00 4.43  ? 57  ASP A CA  1 
ATOM   457  C C   . ASP A 1 56  ? -3.863  -1.268  -6.177  1.00 3.93  ? 57  ASP A C   1 
ATOM   458  O O   . ASP A 1 56  ? -4.756  -1.749  -5.509  1.00 5.42  ? 57  ASP A O   1 
ATOM   459  C CB  . ASP A 1 56  ? -2.281  -2.883  -7.234  1.00 5.59  ? 57  ASP A CB  1 
ATOM   460  C CG  . ASP A 1 56  ? -1.940  -2.261  -8.576  1.00 5.80  ? 57  ASP A CG  1 
ATOM   461  O OD1 . ASP A 1 56  ? -0.744  -1.988  -8.801  1.00 6.52  ? 57  ASP A OD1 1 
ATOM   462  O OD2 . ASP A 1 56  ? -2.871  -2.073  -9.408  1.00 7.01  ? 57  ASP A OD2 1 
ATOM   463  N N   . TRP A 1 57  ? -4.040  -0.262  -7.028  1.00 4.30  ? 58  TRP A N   1 
ATOM   464  C CA  . TRP A 1 57  ? -5.345  0.309   -7.323  1.00 4.30  ? 58  TRP A CA  1 
ATOM   465  C C   . TRP A 1 57  ? -6.268  -0.691  -8.011  1.00 4.33  ? 58  TRP A C   1 
ATOM   466  O O   . TRP A 1 57  ? -7.475  -0.746  -7.746  1.00 4.81  ? 58  TRP A O   1 
ATOM   467  C CB  . TRP A 1 57  ? -5.162  1.538   -8.193  1.00 5.22  ? 58  TRP A CB  1 
ATOM   468  C CG  . TRP A 1 57  ? -6.349  2.328   -8.596  1.00 5.22  ? 58  TRP A CG  1 
ATOM   469  C CD1 . TRP A 1 57  ? -6.901  2.382   -9.850  1.00 5.85  ? 58  TRP A CD1 1 
ATOM   470  C CD2 . TRP A 1 57  ? -7.132  3.191   -7.770  1.00 5.50  ? 58  TRP A CD2 1 
ATOM   471  N NE1 . TRP A 1 57  ? -7.983  3.220   -9.837  1.00 7.03  ? 58  TRP A NE1 1 
ATOM   472  C CE2 . TRP A 1 57  ? -8.147  3.733   -8.581  1.00 6.74  ? 58  TRP A CE2 1 
ATOM   473  C CE3 . TRP A 1 57  ? -7.080  3.558   -6.427  1.00 7.26  ? 58  TRP A CE3 1 
ATOM   474  C CZ2 . TRP A 1 57  ? -9.109  4.628   -8.096  1.00 8.45  ? 58  TRP A CZ2 1 
ATOM   475  C CZ3 . TRP A 1 57  ? -8.036  4.443   -5.962  1.00 8.37  ? 58  TRP A CZ3 1 
ATOM   476  C CH2 . TRP A 1 57  ? -9.028  4.972   -6.781  1.00 8.20  ? 58  TRP A CH2 1 
ATOM   477  N N   . ASN A 1 58  ? -5.707  -1.486  -8.920  1.00 5.11  ? 59  ASN A N   1 
ATOM   478  C CA  . ASN A 1 58  ? -6.482  -2.353  -9.790  1.00 5.16  ? 59  ASN A CA  1 
ATOM   479  C C   . ASN A 1 58  ? -6.272  -3.823  -9.414  1.00 4.47  ? 59  ASN A C   1 
ATOM   480  O O   . ASN A 1 58  ? -5.206  -4.364  -9.683  1.00 5.48  ? 59  ASN A O   1 
ATOM   481  C CB  . ASN A 1 58  ? -6.073  -2.134  -11.248 1.00 5.90  ? 59  ASN A CB  1 
ATOM   482  C CG  . ASN A 1 58  ? -6.839  -3.064  -12.165 1.00 5.46  ? 59  ASN A CG  1 
ATOM   483  O OD1 . ASN A 1 58  ? -7.982  -3.424  -11.883 1.00 6.39  ? 59  ASN A OD1 1 
ATOM   484  N ND2 . ASN A 1 58  ? -6.206  -3.488  -13.244 1.00 7.89  ? 59  ASN A ND2 1 
ATOM   485  N N   . MET A 1 59  ? -7.268  -4.433  -8.773  1.00 4.38  ? 60  MET A N   1 
ATOM   486  C CA  . MET A 1 59  ? -7.222  -5.833  -8.414  1.00 4.44  ? 60  MET A CA  1 
ATOM   487  C C   . MET A 1 59  ? -8.637  -6.386  -8.550  1.00 4.62  ? 60  MET A C   1 
ATOM   488  O O   . MET A 1 59  ? -9.607  -5.629  -8.380  1.00 5.37  ? 60  MET A O   1 
ATOM   489  C CB  . MET A 1 59  ? -6.721  -6.057  -6.981  1.00 5.60  ? 60  MET A CB  1 
ATOM   490  C CG  . MET A 1 59  ? -5.401  -5.399  -6.659  1.00 6.10  ? 60  MET A CG  1 
ATOM   491  S SD  . MET A 1 59  ? -4.861  -5.651  -4.971  1.00 6.59  ? 60  MET A SD  1 
ATOM   492  C CE  . MET A 1 59  ? -6.016  -4.585  -4.106  1.00 6.61  ? 60  MET A CE  1 
ATOM   493  N N   . PRO A 1 60  ? -8.778  -7.679  -8.806  1.00 4.99  ? 61  PRO A N   1 
ATOM   494  C CA  . PRO A 1 60  ? -10.107 -8.280  -8.909  1.00 5.31  ? 61  PRO A CA  1 
ATOM   495  C C   . PRO A 1 60  ? -10.728 -8.454  -7.530  1.00 4.67  ? 61  PRO A C   1 
ATOM   496  O O   . PRO A 1 60  ? -10.038 -8.485  -6.511  1.00 5.43  ? 61  PRO A O   1 
ATOM   497  C CB  . PRO A 1 60  ? -9.813  -9.638  -9.539  1.00 6.98  ? 61  PRO A CB  1 
ATOM   498  C CG  . PRO A 1 60  ? -8.429  -9.982  -9.077  1.00 7.32  ? 61  PRO A CG  1 
ATOM   499  C CD  . PRO A 1 60  ? -7.707  -8.663  -9.024  1.00 5.61  ? 61  PRO A CD  1 
ATOM   500  N N   . ASN A 1 61  ? -12.049 -8.586  -7.532  1.00 5.01  ? 62  ASN A N   1 
ATOM   501  C CA  . ASN A 1 61  ? -12.896 -8.930  -6.395  1.00 5.19  ? 62  ASN A CA  1 
ATOM   502  C C   . ASN A 1 61  ? -13.049 -7.742  -5.453  1.00 5.41  ? 62  ASN A C   1 
ATOM   503  O O   . ASN A 1 61  ? -14.155 -7.285  -5.210  1.00 8.94  ? 62  ASN A O   1 
ATOM   504  C CB  . ASN A 1 61  ? -12.381 -10.180 -5.674  1.00 6.34  ? 62  ASN A CB  1 
ATOM   505  C CG  . ASN A 1 61  ? -12.292 -11.348 -6.640  1.00 6.14  ? 62  ASN A CG  1 
ATOM   506  O OD1 . ASN A 1 61  ? -13.226 -11.666 -7.375  1.00 6.74  ? 62  ASN A OD1 1 
ATOM   507  N ND2 . ASN A 1 61  ? -11.152 -12.016 -6.624  1.00 7.22  ? 62  ASN A ND2 1 
ATOM   508  N N   . MET A 1 62  ? -11.948 -7.227  -4.932  1.00 5.21  ? 63  MET A N   1 
ATOM   509  C CA  . MET A 1 62  ? -11.923 -5.986  -4.179  1.00 5.12  ? 63  MET A CA  1 
ATOM   510  C C   . MET A 1 62  ? -10.690 -5.204  -4.613  1.00 4.59  ? 63  MET A C   1 
ATOM   511  O O   . MET A 1 62  ? -9.570  -5.698  -4.477  1.00 5.36  ? 63  MET A O   1 
ATOM   512  C CB  A MET A 1 62  ? -11.899 -6.273  -2.677  0.48 6.77  ? 63  MET A CB  1 
ATOM   513  C CB  B MET A 1 62  ? -11.956 -6.213  -2.683  0.52 5.87  ? 63  MET A CB  1 
ATOM   514  C CG  A MET A 1 62  ? -11.964 -5.004  -1.852  0.48 4.38  ? 63  MET A CG  1 
ATOM   515  C CG  B MET A 1 62  ? -13.333 -6.300  -2.050  0.52 10.49 ? 63  MET A CG  1 
ATOM   516  S SD  A MET A 1 62  ? -11.893 -5.276  -0.077  0.48 5.64  ? 63  MET A SD  1 
ATOM   517  S SD  B MET A 1 62  ? -13.315 -6.450  -0.246  0.52 11.87 ? 63  MET A SD  1 
ATOM   518  C CE  A MET A 1 62  ? -13.631 -5.226  0.317   0.48 16.85 ? 63  MET A CE  1 
ATOM   519  C CE  B MET A 1 62  ? -11.718 -5.683  0.067   0.52 6.42  ? 63  MET A CE  1 
ATOM   520  N N   . ASP A 1 63  ? -10.929 -4.023  -5.166  1.00 5.31  ? 64  ASP A N   1 
ATOM   521  C CA  . ASP A 1 63  ? -9.849  -3.189  -5.693  1.00 4.91  ? 64  ASP A CA  1 
ATOM   522  C C   . ASP A 1 63  ? -9.244  -2.356  -4.571  1.00 4.53  ? 64  ASP A C   1 
ATOM   523  O O   . ASP A 1 63  ? -9.616  -2.442  -3.396  1.00 5.07  ? 64  ASP A O   1 
ATOM   524  C CB  . ASP A 1 63  ? -10.318 -2.361  -6.881  1.00 5.29  ? 64  ASP A CB  1 
ATOM   525  C CG  . ASP A 1 63  ? -11.395 -1.344  -6.636  1.00 5.50  ? 64  ASP A CG  1 
ATOM   526  O OD1 . ASP A 1 63  ? -11.629 -0.935  -5.494  1.00 6.55  ? 64  ASP A OD1 1 
ATOM   527  O OD2 . ASP A 1 63  ? -12.001 -0.928  -7.678  1.00 7.04  ? 64  ASP A OD2 1 
ATOM   528  N N   . GLY A 1 64  ? -8.223  -1.565  -4.926  1.00 4.68  ? 65  GLY A N   1 
ATOM   529  C CA  . GLY A 1 64  ? -7.510  -0.818  -3.918  1.00 4.90  ? 65  GLY A CA  1 
ATOM   530  C C   . GLY A 1 64  ? -8.364  0.188   -3.181  1.00 4.55  ? 65  GLY A C   1 
ATOM   531  O O   . GLY A 1 64  ? -8.234  0.371   -1.964  1.00 4.79  ? 65  GLY A O   1 
ATOM   532  N N   . LEU A 1 65  ? -9.245  0.892   -3.894  1.00 4.89  ? 66  LEU A N   1 
ATOM   533  C CA  . LEU A 1 65  ? -10.100 1.878   -3.257  1.00 5.22  ? 66  LEU A CA  1 
ATOM   534  C C   . LEU A 1 65  ? -11.030 1.217   -2.239  1.00 5.10  ? 66  LEU A C   1 
ATOM   535  O O   . LEU A 1 65  ? -11.249 1.706   -1.125  1.00 5.73  ? 66  LEU A O   1 
ATOM   536  C CB  . LEU A 1 65  ? -10.907 2.631   -4.307  1.00 5.73  ? 66  LEU A CB  1 
ATOM   537  C CG  . LEU A 1 65  ? -11.804 3.758   -3.784  1.00 7.05  ? 66  LEU A CG  1 
ATOM   538  C CD1 . LEU A 1 65  ? -10.984 4.811   -3.069  1.00 8.28  ? 66  LEU A CD1 1 
ATOM   539  C CD2 . LEU A 1 65  ? -12.600 4.348   -4.940  1.00 9.40  ? 66  LEU A CD2 1 
ATOM   540  N N   . GLU A 1 66  ? -11.606 0.076   -2.626  1.00 4.92  ? 67  GLU A N   1 
ATOM   541  C CA  . GLU A 1 66  ? -12.493 -0.634  -1.716  1.00 5.62  ? 67  GLU A CA  1 
ATOM   542  C C   . GLU A 1 66  ? -11.762 -1.168  -0.485  1.00 5.24  ? 67  GLU A C   1 
ATOM   543  O O   . GLU A 1 66  ? -12.263 -1.115  0.642   1.00 6.06  ? 67  GLU A O   1 
ATOM   544  C CB  . GLU A 1 66  ? -13.185 -1.784  -2.452  1.00 6.68  ? 67  GLU A CB  1 
ATOM   545  C CG  . GLU A 1 66  ? -14.170 -1.423  -3.535  1.00 9.13  ? 67  GLU A CG  1 
ATOM   546  C CD  . GLU A 1 66  ? -14.606 -2.544  -4.443  1.00 10.34 ? 67  GLU A CD  1 
ATOM   547  O OE1 . GLU A 1 66  ? -13.805 -3.393  -4.890  1.00 10.81 ? 67  GLU A OE1 1 
ATOM   548  O OE2 . GLU A 1 66  ? -15.811 -2.588  -4.811  1.00 17.08 ? 67  GLU A OE2 1 
ATOM   549  N N   . LEU A 1 67  ? -10.558 -1.707  -0.704  1.00 5.10  ? 68  LEU A N   1 
ATOM   550  C CA  . LEU A 1 67  ? -9.734  -2.155  0.421   1.00 4.80  ? 68  LEU A CA  1 
ATOM   551  C C   . LEU A 1 67  ? -9.474  -1.016  1.393   1.00 4.74  ? 68  LEU A C   1 
ATOM   552  O O   . LEU A 1 67  ? -9.658  -1.142  2.602   1.00 5.34  ? 68  LEU A O   1 
ATOM   553  C CB  . LEU A 1 67  ? -8.428  -2.745  -0.120  1.00 5.06  ? 68  LEU A CB  1 
ATOM   554  C CG  . LEU A 1 67  ? -7.385  -3.094  0.941   1.00 4.50  ? 68  LEU A CG  1 
ATOM   555  C CD1 . LEU A 1 67  ? -7.923  -4.104  1.946   1.00 5.97  ? 68  LEU A CD1 1 
ATOM   556  C CD2 . LEU A 1 67  ? -6.105  -3.590  0.288   1.00 5.72  ? 68  LEU A CD2 1 
ATOM   557  N N   . LEU A 1 68  ? -9.036  0.107   0.840   1.00 4.70  ? 69  LEU A N   1 
ATOM   558  C CA  . LEU A 1 68  ? -8.756  1.295   1.632   1.00 5.01  ? 69  LEU A CA  1 
ATOM   559  C C   . LEU A 1 68  ? -9.969  1.744   2.425   1.00 5.45  ? 69  LEU A C   1 
ATOM   560  O O   . LEU A 1 68  ? -9.878  2.014   3.622   1.00 6.04  ? 69  LEU A O   1 
ATOM   561  C CB  . LEU A 1 68  ? -8.285  2.407   0.703   1.00 5.32  ? 69  LEU A CB  1 
ATOM   562  C CG  . LEU A 1 68  ? -8.173  3.815   1.293   1.00 5.56  ? 69  LEU A CG  1 
ATOM   563  C CD1 . LEU A 1 68  ? -7.130  3.877   2.385   1.00 5.96  ? 69  LEU A CD1 1 
ATOM   564  C CD2 . LEU A 1 68  ? -7.859  4.814   0.186   1.00 6.49  ? 69  LEU A CD2 1 
ATOM   565  N N   . LYS A 1 69  ? -11.129 1.817   1.754   1.00 5.41  ? 70  LYS A N   1 
ATOM   566  C CA  . LYS A 1 69  ? -12.321 2.274   2.460   1.00 5.81  ? 70  LYS A CA  1 
ATOM   567  C C   . LYS A 1 69  ? -12.666 1.345   3.610   1.00 6.69  ? 70  LYS A C   1 
ATOM   568  O O   . LYS A 1 69  ? -13.099 1.763   4.684   1.00 7.41  ? 70  LYS A O   1 
ATOM   569  C CB  . LYS A 1 69  ? -13.513 2.396   1.502   1.00 7.03  ? 70  LYS A CB  1 
ATOM   570  C CG  . LYS A 1 69  ? -13.417 3.600   0.587   1.00 8.20  ? 70  LYS A CG  1 
ATOM   571  C CD  . LYS A 1 69  ? -14.524 3.608   -0.436  1.00 9.58  ? 70  LYS A CD  1 
ATOM   572  C CE  . LYS A 1 69  ? -14.544 4.863   -1.282  1.00 10.54 ? 70  LYS A CE  1 
ATOM   573  N NZ  . LYS A 1 69  ? -15.667 4.770   -2.262  1.00 16.44 ? 70  LYS A NZ  1 
ATOM   574  N N   . THR A 1 70  ? -12.496 0.048   3.396   1.00 6.05  ? 71  THR A N   1 
ATOM   575  C CA  . THR A 1 70  ? -12.874 -0.938  4.393   1.00 6.77  ? 71  THR A CA  1 
ATOM   576  C C   . THR A 1 70  ? -11.958 -0.844  5.604   1.00 7.05  ? 71  THR A C   1 
ATOM   577  O O   . THR A 1 70  ? -12.404 -0.905  6.747   1.00 7.93  ? 71  THR A O   1 
ATOM   578  C CB  . THR A 1 70  ? -12.841 -2.360  3.793   1.00 6.91  ? 71  THR A CB  1 
ATOM   579  O OG1 . THR A 1 70  ? -13.750 -2.424  2.682   1.00 8.85  ? 71  THR A OG1 1 
ATOM   580  C CG2 . THR A 1 70  ? -13.188 -3.318  4.911   1.00 8.38  ? 71  THR A CG2 1 
ATOM   581  N N   . ILE A 1 71  ? -10.662 -0.696  5.336   1.00 6.54  ? 72  ILE A N   1 
ATOM   582  C CA  . ILE A 1 71  ? -9.727  -0.460  6.437   1.00 6.84  ? 72  ILE A CA  1 
ATOM   583  C C   . ILE A 1 71  ? -10.132 0.756   7.255   1.00 8.04  ? 72  ILE A C   1 
ATOM   584  O O   . ILE A 1 71  ? -10.261 0.698   8.476   1.00 9.30  ? 72  ILE A O   1 
ATOM   585  C CB  . ILE A 1 71  ? -8.290  -0.312  5.899   1.00 6.57  ? 72  ILE A CB  1 
ATOM   586  C CG1 . ILE A 1 71  ? -7.770  -1.613  5.298   1.00 6.72  ? 72  ILE A CG1 1 
ATOM   587  C CG2 . ILE A 1 71  ? -7.321  0.209   6.951   1.00 7.99  ? 72  ILE A CG2 1 
ATOM   588  C CD1 . ILE A 1 71  ? -6.497  -1.496  4.485   1.00 6.94  ? 72  ILE A CD1 1 
ATOM   589  N N   . ARG A 1 72  ? -10.313 1.875   6.558   1.00 6.75  ? 73  ARG A N   1 
ATOM   590  C CA  . ARG A 1 72  ? -10.535 3.154   7.213   1.00 7.28  ? 73  ARG A CA  1 
ATOM   591  C C   . ARG A 1 72  ? -11.838 3.176   8.012   1.00 9.14  ? 73  ARG A C   1 
ATOM   592  O O   . ARG A 1 72  ? -11.934 3.911   9.001   1.00 10.58 ? 73  ARG A O   1 
ATOM   593  C CB  . ARG A 1 72  ? -10.508 4.296   6.194   1.00 6.82  ? 73  ARG A CB  1 
ATOM   594  C CG  . ARG A 1 72  ? -9.124  4.605   5.644   1.00 6.68  ? 73  ARG A CG  1 
ATOM   595  C CD  . ARG A 1 72  ? -8.297  5.496   6.580   1.00 6.64  ? 73  ARG A CD  1 
ATOM   596  N NE  . ARG A 1 72  ? -6.958  5.639   6.020   1.00 6.61  ? 73  ARG A NE  1 
ATOM   597  C CZ  . ARG A 1 72  ? -5.946  4.824   6.229   1.00 5.24  ? 73  ARG A CZ  1 
ATOM   598  N NH1 . ARG A 1 72  ? -6.036  3.777   7.034   1.00 7.07  ? 73  ARG A NH1 1 
ATOM   599  N NH2 . ARG A 1 72  ? -4.798  5.059   5.619   1.00 7.06  ? 73  ARG A NH2 1 
ATOM   600  N N   . ALA A 1 73  ? -12.830 2.399   7.596   1.00 9.40  ? 74  ALA A N   1 
ATOM   601  C CA  . ALA A 1 73  ? -14.152 2.429   8.226   1.00 11.26 ? 74  ALA A CA  1 
ATOM   602  C C   . ALA A 1 73  ? -14.228 1.560   9.458   1.00 13.02 ? 74  ALA A C   1 
ATOM   603  O O   . ALA A 1 73  ? -15.248 1.542   10.141  1.00 16.02 ? 74  ALA A O   1 
ATOM   604  C CB  . ALA A 1 73  ? -15.201 1.961   7.227   1.00 15.69 ? 74  ALA A CB  1 
HETATM 605  N N1  . SNN A 1 74  ? -12.003 -0.741  12.679  1.00 13.76 ? 75  SNN A N1  1 
HETATM 606  C C   . SNN A 1 74  ? -12.743 0.278   12.167  1.00 12.79 ? 75  SNN A C   1 
HETATM 607  C CA  . SNN A 1 74  ? -13.230 -0.167  10.795  1.00 11.71 ? 75  SNN A CA  1 
HETATM 608  N N   . SNN A 1 74  ? -13.166 0.823   9.746   1.00 11.34 ? 75  SNN A N   1 
HETATM 609  C C4  . SNN A 1 74  ? -12.331 -1.380  10.528  1.00 12.39 ? 75  SNN A C4  1 
HETATM 610  C C5  . SNN A 1 74  ? -11.668 -1.884  11.787  1.00 12.20 ? 75  SNN A C5  1 
HETATM 611  O O   . SNN A 1 74  ? -12.963 1.332   12.733  1.00 17.38 ? 75  SNN A O   1 
HETATM 612  O O5  . SNN A 1 74  ? -11.084 -2.950  11.951  1.00 17.87 ? 75  SNN A O5  1 
ATOM   613  C CA  . GLY A 1 75  ? -11.650 -0.885  14.071  1.00 16.85 ? 76  GLY A CA  1 
ATOM   614  C C   . GLY A 1 75  ? -10.178 -0.680  14.317  1.00 16.21 ? 76  GLY A C   1 
ATOM   615  O O   . GLY A 1 75  ? -9.632  0.347   13.914  1.00 17.55 ? 76  GLY A O   1 
ATOM   616  N N   . ALA A 1 76  ? -9.508  -1.635  14.943  1.00 17.53 ? 77  ALA A N   1 
ATOM   617  C CA  . ALA A 1 76  ? -8.127  -1.428  15.356  1.00 17.22 ? 77  ALA A CA  1 
ATOM   618  C C   . ALA A 1 76  ? -7.220  -1.096  14.175  1.00 15.73 ? 77  ALA A C   1 
ATOM   619  O O   . ALA A 1 76  ? -6.270  -0.344  14.355  1.00 16.94 ? 77  ALA A O   1 
ATOM   620  C CB  . ALA A 1 76  ? -7.610  -2.653  16.107  1.00 27.39 ? 77  ALA A CB  1 
ATOM   621  N N   . MET A 1 77  ? -7.493  -1.637  12.999  1.00 14.56 ? 78  MET A N   1 
ATOM   622  C CA  . MET A 1 77  ? -6.642  -1.399  11.839  1.00 13.02 ? 78  MET A CA  1 
ATOM   623  C C   . MET A 1 77  ? -6.897  -0.053  11.147  1.00 11.57 ? 78  MET A C   1 
ATOM   624  O O   . MET A 1 77  ? -6.235  0.234   10.143  1.00 11.66 ? 78  MET A O   1 
ATOM   625  C CB  A MET A 1 77  ? -6.818  -2.529  10.812  0.73 11.71 ? 78  MET A CB  1 
ATOM   626  C CB  B MET A 1 77  ? -6.809  -2.448  10.752  0.27 13.32 ? 78  MET A CB  1 
ATOM   627  C CG  A MET A 1 77  ? -8.169  -2.608  10.132  0.73 8.16  ? 78  MET A CG  1 
ATOM   628  C CG  B MET A 1 77  ? -6.926  -3.912  11.064  0.27 17.32 ? 78  MET A CG  1 
ATOM   629  S SD  A MET A 1 77  ? -8.294  -3.764  8.775   0.73 8.27  ? 78  MET A SD  1 
ATOM   630  S SD  B MET A 1 77  ? -8.215  -4.735  10.109  0.27 31.34 ? 78  MET A SD  1 
ATOM   631  C CE  A MET A 1 77  ? -8.460  -5.341  9.621   0.73 9.08  ? 78  MET A CE  1 
ATOM   632  C CE  B MET A 1 77  ? -7.930  -4.100  8.459   0.27 20.29 ? 78  MET A CE  1 
ATOM   633  N N   . SER A 1 78  ? -7.823  0.776   11.600  1.00 11.80 ? 79  SER A N   1 
ATOM   634  C CA  . SER A 1 78  ? -8.367  1.816   10.743  1.00 11.72 ? 79  SER A CA  1 
ATOM   635  C C   . SER A 1 78  ? -7.402  2.947   10.369  1.00 10.78 ? 79  SER A C   1 
ATOM   636  O O   . SER A 1 78  ? -7.686  3.617   9.366   1.00 12.01 ? 79  SER A O   1 
ATOM   637  C CB  . SER A 1 78  ? -9.636  2.414   11.362  1.00 14.16 ? 79  SER A CB  1 
ATOM   638  O OG  . SER A 1 78  ? -9.294  3.109   12.551  1.00 19.12 ? 79  SER A OG  1 
ATOM   639  N N   . ALA A 1 79  ? -6.327  3.161   11.110  1.00 10.45 ? 80  ALA A N   1 
ATOM   640  C CA  . ALA A 1 79  ? -5.352  4.206   10.780  1.00 10.75 ? 80  ALA A CA  1 
ATOM   641  C C   . ALA A 1 79  ? -4.112  3.650   10.090  1.00 8.29  ? 80  ALA A C   1 
ATOM   642  O O   . ALA A 1 79  ? -3.117  4.361   9.953   1.00 9.78  ? 80  ALA A O   1 
ATOM   643  C CB  . ALA A 1 79  ? -4.929  4.983   12.019  1.00 12.58 ? 80  ALA A CB  1 
ATOM   644  N N   . LEU A 1 80  ? -4.137  2.395   9.660   1.00 8.18  ? 81  LEU A N   1 
ATOM   645  C CA  . LEU A 1 80  ? -2.989  1.805   8.998   1.00 7.73  ? 81  LEU A CA  1 
ATOM   646  C C   . LEU A 1 80  ? -2.551  2.651   7.813   1.00 6.42  ? 81  LEU A C   1 
ATOM   647  O O   . LEU A 1 80  ? -3.391  2.994   6.984   1.00 6.92  ? 81  LEU A O   1 
ATOM   648  C CB  . LEU A 1 80  ? -3.377  0.431   8.479   1.00 11.06 ? 81  LEU A CB  1 
ATOM   649  C CG  . LEU A 1 80  ? -3.106  -0.800  9.322   1.00 14.99 ? 81  LEU A CG  1 
ATOM   650  C CD1 . LEU A 1 80  ? -3.643  -2.023  8.581   1.00 18.35 ? 81  LEU A CD1 1 
ATOM   651  C CD2 . LEU A 1 80  ? -1.628  -0.964  9.617   1.00 18.78 ? 81  LEU A CD2 1 
ATOM   652  N N   . PRO A 1 81  ? -1.277  2.957   7.672   1.00 5.89  ? 82  PRO A N   1 
ATOM   653  C CA  . PRO A 1 81  ? -0.840  3.629   6.442   1.00 5.83  ? 82  PRO A CA  1 
ATOM   654  C C   . PRO A 1 81  ? -1.160  2.762   5.236   1.00 4.96  ? 82  PRO A C   1 
ATOM   655  O O   . PRO A 1 81  ? -0.978  1.543   5.263   1.00 5.69  ? 82  PRO A O   1 
ATOM   656  C CB  . PRO A 1 81  ? 0.673   3.772   6.619   1.00 7.51  ? 82  PRO A CB  1 
ATOM   657  C CG  . PRO A 1 81  ? 0.869   3.720   8.098   1.00 7.78  ? 82  PRO A CG  1 
ATOM   658  C CD  . PRO A 1 81  ? -0.166  2.750   8.613   1.00 6.96  ? 82  PRO A CD  1 
ATOM   659  N N   . VAL A 1 82  ? -1.600  3.408   4.161   1.00 4.82  ? 83  VAL A N   1 
ATOM   660  C CA  . VAL A 1 82  ? -1.891  2.756   2.898   1.00 4.60  ? 83  VAL A CA  1 
ATOM   661  C C   . VAL A 1 82  ? -1.245  3.557   1.775   1.00 4.46  ? 83  VAL A C   1 
ATOM   662  O O   . VAL A 1 82  ? -1.609  4.725   1.551   1.00 5.55  ? 83  VAL A O   1 
ATOM   663  C CB  . VAL A 1 82  ? -3.397  2.603   2.633   1.00 5.57  ? 83  VAL A CB  1 
ATOM   664  C CG1 . VAL A 1 82  ? -3.639  1.986   1.266   1.00 7.11  ? 83  VAL A CG1 1 
ATOM   665  C CG2 . VAL A 1 82  ? -4.074  1.775   3.724   1.00 7.51  ? 83  VAL A CG2 1 
ATOM   666  N N   . LEU A 1 83  ? -0.302  2.942   1.075   1.00 3.85  ? 84  LEU A N   1 
ATOM   667  C CA  . LEU A 1 83  ? 0.297   3.472   -0.135  1.00 3.86  ? 84  LEU A CA  1 
ATOM   668  C C   . LEU A 1 83  ? -0.342  2.775   -1.333  1.00 3.63  ? 84  LEU A C   1 
ATOM   669  O O   . LEU A 1 83  ? -0.247  1.554   -1.461  1.00 4.16  ? 84  LEU A O   1 
ATOM   670  C CB  . LEU A 1 83  ? 1.807   3.242   -0.133  1.00 3.99  ? 84  LEU A CB  1 
ATOM   671  C CG  . LEU A 1 83  ? 2.569   3.574   -1.413  1.00 4.19  ? 84  LEU A CG  1 
ATOM   672  C CD1 . LEU A 1 83  ? 2.439   5.040   -1.793  1.00 5.41  ? 84  LEU A CD1 1 
ATOM   673  C CD2 . LEU A 1 83  ? 4.034   3.183   -1.297  1.00 6.01  ? 84  LEU A CD2 1 
ATOM   674  N N   . MET A 1 84  ? -0.991  3.544   -2.194  1.00 3.61  ? 85  MET A N   1 
ATOM   675  C CA  . MET A 1 84  ? -1.643  3.031   -3.379  1.00 3.54  ? 85  MET A CA  1 
ATOM   676  C C   . MET A 1 84  ? -0.662  3.018   -4.553  1.00 3.66  ? 85  MET A C   1 
ATOM   677  O O   . MET A 1 84  ? 0.037   4.010   -4.774  1.00 6.28  ? 85  MET A O   1 
ATOM   678  C CB  . MET A 1 84  ? -2.852  3.892   -3.733  1.00 5.12  ? 85  MET A CB  1 
ATOM   679  C CG  . MET A 1 84  ? -3.873  3.200   -4.627  1.00 7.26  ? 85  MET A CG  1 
ATOM   680  S SD  . MET A 1 84  ? -4.798  1.902   -3.770  1.00 7.21  ? 85  MET A SD  1 
ATOM   681  C CE  . MET A 1 84  ? -5.845  2.880   -2.728  1.00 7.44  ? 85  MET A CE  1 
ATOM   682  N N   . VAL A 1 85  ? -0.604  1.942   -5.301  1.00 4.62  ? 86  VAL A N   1 
ATOM   683  C CA  . VAL A 1 85  ? 0.214   1.792   -6.488  1.00 4.32  ? 86  VAL A CA  1 
ATOM   684  C C   . VAL A 1 85  ? -0.691  1.790   -7.714  1.00 3.91  ? 86  VAL A C   1 
ATOM   685  O O   . VAL A 1 85  ? -1.724  1.118   -7.716  1.00 5.54  ? 86  VAL A O   1 
ATOM   686  C CB  . VAL A 1 85  ? 1.024   0.487   -6.437  1.00 4.44  ? 86  VAL A CB  1 
ATOM   687  C CG1 . VAL A 1 85  ? 1.856   0.327   -7.697  1.00 5.59  ? 86  VAL A CG1 1 
ATOM   688  C CG2 . VAL A 1 85  ? 1.898   0.440   -5.185  1.00 5.80  ? 86  VAL A CG2 1 
ATOM   689  N N   . THR A 1 86  ? -0.298  2.491   -8.762  1.00 4.69  ? 87  THR A N   1 
ATOM   690  C CA  . THR A 1 86  ? -1.121  2.532   -9.962  1.00 5.39  ? 87  THR A CA  1 
ATOM   691  C C   . THR A 1 86  ? -0.247  2.561   -11.212 1.00 5.36  ? 87  THR A C   1 
ATOM   692  O O   . THR A 1 86  ? 0.871   3.083   -11.212 1.00 6.48  ? 87  THR A O   1 
ATOM   693  C CB  . THR A 1 86  ? -2.061  3.750   -9.951  1.00 7.77  ? 87  THR A CB  1 
ATOM   694  O OG1 . THR A 1 86  ? -2.866  3.745   -11.130 1.00 10.09 ? 87  THR A OG1 1 
ATOM   695  C CG2 . THR A 1 86  ? -1.285  5.059   -9.965  1.00 11.63 ? 87  THR A CG2 1 
ATOM   696  N N   A ALA A 1 87  ? -0.740  1.994   -12.313 0.53 7.52  ? 88  ALA A N   1 
ATOM   697  N N   B ALA A 1 87  ? -0.778  2.032   -12.312 0.47 7.76  ? 88  ALA A N   1 
ATOM   698  C CA  A ALA A 1 87  ? -0.006  1.926   -13.573 0.53 8.17  ? 88  ALA A CA  1 
ATOM   699  C CA  B ALA A 1 87  ? -0.228  2.195   -13.650 0.47 7.09  ? 88  ALA A CA  1 
ATOM   700  C C   A ALA A 1 87  ? -0.038  3.251   -14.322 0.53 8.82  ? 88  ALA A C   1 
ATOM   701  C C   B ALA A 1 87  ? -0.421  3.610   -14.185 0.47 7.47  ? 88  ALA A C   1 
ATOM   702  O O   A ALA A 1 87  ? 0.767   3.499   -15.223 0.53 9.41  ? 88  ALA A O   1 
ATOM   703  O O   B ALA A 1 87  ? 0.378   4.062   -15.008 0.47 9.13  ? 88  ALA A O   1 
ATOM   704  C CB  A ALA A 1 87  ? -0.569  0.819   -14.454 0.53 15.05 ? 88  ALA A CB  1 
ATOM   705  C CB  B ALA A 1 87  ? -0.864  1.189   -14.604 0.47 9.67  ? 88  ALA A CB  1 
ATOM   706  N N   A GLU A 1 88  ? -0.975  4.115   -13.960 0.55 7.86  ? 89  GLU A N   1 
ATOM   707  N N   B GLU A 1 88  ? -1.469  4.287   -13.732 0.45 8.07  ? 89  GLU A N   1 
ATOM   708  C CA  A GLU A 1 88  ? -1.168  5.388   -14.650 0.55 8.92  ? 89  GLU A CA  1 
ATOM   709  C CA  B GLU A 1 88  ? -1.827  5.606   -14.249 0.45 8.99  ? 89  GLU A CA  1 
ATOM   710  C C   A GLU A 1 88  ? -1.906  6.348   -13.724 0.55 7.76  ? 89  GLU A C   1 
ATOM   711  C C   B GLU A 1 88  ? -2.698  6.349   -13.244 0.45 7.90  ? 89  GLU A C   1 
ATOM   712  O O   A GLU A 1 88  ? -3.016  6.073   -13.268 0.55 10.58 ? 89  GLU A O   1 
ATOM   713  O O   B GLU A 1 88  ? -3.846  5.996   -12.979 0.45 8.21  ? 89  GLU A O   1 
ATOM   714  C CB  A GLU A 1 88  ? -1.926  5.195   -15.956 0.55 16.63 ? 89  GLU A CB  1 
ATOM   715  C CB  B GLU A 1 88  ? -2.534  5.498   -15.602 0.45 16.23 ? 89  GLU A CB  1 
ATOM   716  C CG  A GLU A 1 88  ? -1.796  6.338   -16.959 0.55 26.82 ? 89  GLU A CG  1 
ATOM   717  C CG  B GLU A 1 88  ? -2.603  6.812   -16.367 0.45 25.93 ? 89  GLU A CG  1 
ATOM   718  C CD  A GLU A 1 88  ? -2.453  5.922   -18.265 0.55 33.14 ? 89  GLU A CD  1 
ATOM   719  C CD  B GLU A 1 88  ? -3.811  6.886   -17.280 0.45 28.34 ? 89  GLU A CD  1 
ATOM   720  O OE1 A GLU A 1 88  ? -1.779  5.959   -19.314 0.55 45.21 ? 89  GLU A OE1 1 
ATOM   721  O OE1 B GLU A 1 88  ? -3.626  7.185   -18.475 0.45 37.15 ? 89  GLU A OE1 1 
ATOM   722  O OE2 A GLU A 1 88  ? -3.646  5.552   -18.203 0.55 36.16 ? 89  GLU A OE2 1 
ATOM   723  O OE2 B GLU A 1 88  ? -4.935  6.644   -16.793 0.45 33.35 ? 89  GLU A OE2 1 
ATOM   724  N N   A ALA A 1 89  ? -1.270  7.487   -13.460 0.61 9.09  ? 90  ALA A N   1 
ATOM   725  N N   B ALA A 1 89  ? -2.124  7.398   -12.663 0.39 7.90  ? 90  ALA A N   1 
ATOM   726  C CA  A ALA A 1 89  ? -1.920  8.508   -12.643 0.61 10.23 ? 90  ALA A CA  1 
ATOM   727  C CA  B ALA A 1 89  ? -2.802  8.150   -11.615 0.39 8.61  ? 90  ALA A CA  1 
ATOM   728  C C   A ALA A 1 89  ? -3.096  9.172   -13.351 0.61 10.87 ? 90  ALA A C   1 
ATOM   729  C C   B ALA A 1 89  ? -3.612  9.289   -12.220 0.39 7.95  ? 90  ALA A C   1 
ATOM   730  O O   A ALA A 1 89  ? -3.041  9.445   -14.546 0.61 13.46 ? 90  ALA A O   1 
ATOM   731  O O   B ALA A 1 89  ? -3.147  10.421  -12.330 0.39 15.68 ? 90  ALA A O   1 
ATOM   732  C CB  A ALA A 1 89  ? -0.920  9.575   -12.235 0.61 14.35 ? 90  ALA A CB  1 
ATOM   733  C CB  B ALA A 1 89  ? -1.805  8.681   -10.598 0.39 8.63  ? 90  ALA A CB  1 
ATOM   734  N N   A LYS A 1 90  ? -4.146  9.414   -12.566 0.59 9.25  ? 91  LYS A N   1 
ATOM   735  N N   B LYS A 1 90  ? -4.840  8.979   -12.630 0.41 9.71  ? 91  LYS A N   1 
ATOM   736  C CA  A LYS A 1 90  ? -5.357  10.081  -13.023 0.59 10.23 ? 91  LYS A CA  1 
ATOM   737  C CA  B LYS A 1 90  ? -5.743  10.017  -13.111 0.41 11.14 ? 91  LYS A CA  1 
ATOM   738  C C   A LYS A 1 90  ? -5.918  10.983  -11.925 0.59 9.40  ? 91  LYS A C   1 
ATOM   739  C C   B LYS A 1 90  ? -6.095  10.951  -11.953 0.41 10.75 ? 91  LYS A C   1 
ATOM   740  O O   A LYS A 1 90  ? -6.097  10.531  -10.794 0.59 8.27  ? 91  LYS A O   1 
ATOM   741  O O   B LYS A 1 90  ? -6.247  10.441  -10.842 0.41 8.23  ? 91  LYS A O   1 
ATOM   742  C CB  A LYS A 1 90  ? -6.402  9.050   -13.459 0.59 12.67 ? 91  LYS A CB  1 
ATOM   743  C CB  B LYS A 1 90  ? -7.009  9.405   -13.697 0.41 15.36 ? 91  LYS A CB  1 
ATOM   744  C CG  A LYS A 1 90  ? -5.969  8.113   -14.574 0.59 17.14 ? 91  LYS A CG  1 
ATOM   745  C CG  B LYS A 1 90  ? -6.788  8.510   -14.904 0.41 19.36 ? 91  LYS A CG  1 
ATOM   746  C CD  A LYS A 1 90  ? -7.021  7.048   -14.852 0.59 21.68 ? 91  LYS A CD  1 
ATOM   747  C CD  B LYS A 1 90  ? -7.858  7.437   -15.010 0.41 23.93 ? 91  LYS A CD  1 
ATOM   748  C CE  A LYS A 1 90  ? -6.695  6.269   -16.118 0.59 23.13 ? 91  LYS A CE  1 
ATOM   749  C CE  B LYS A 1 90  ? -7.265  6.068   -15.351 0.41 23.73 ? 91  LYS A CE  1 
ATOM   750  N NZ  A LYS A 1 90  ? -7.604  5.102   -16.322 0.59 24.74 ? 91  LYS A NZ  1 
ATOM   751  N NZ  B LYS A 1 90  ? -7.946  5.434   -16.523 0.41 27.44 ? 91  LYS A NZ  1 
ATOM   752  N N   . LYS A 1 91  ? -6.213  12.239  -12.240 1.00 12.61 ? 92  LYS A N   1 
ATOM   753  C CA  . LYS A 1 91  ? -6.638  13.228  -11.260 1.00 11.93 ? 92  LYS A CA  1 
ATOM   754  C C   . LYS A 1 91  ? -7.753  12.725  -10.346 1.00 9.36  ? 92  LYS A C   1 
ATOM   755  O O   . LYS A 1 91  ? -7.711  12.789  -9.124  1.00 9.78  ? 92  LYS A O   1 
ATOM   756  C CB  . LYS A 1 91  ? -7.121  14.513  -11.951 1.00 14.14 ? 92  LYS A CB  1 
ATOM   757  C CG  . LYS A 1 91  ? -7.726  15.511  -10.978 1.00 13.30 ? 92  LYS A CG  1 
ATOM   758  C CD  . LYS A 1 91  ? -8.269  16.754  -11.670 1.00 14.34 ? 92  LYS A CD  1 
ATOM   759  C CE  . LYS A 1 91  ? -8.971  17.672  -10.685 1.00 15.47 ? 92  LYS A CE  1 
ATOM   760  N NZ  . LYS A 1 91  ? -9.570  18.869  -11.337 1.00 19.48 ? 92  LYS A NZ  1 
ATOM   761  N N   . GLU A 1 92  ? -8.779  12.165  -10.982 1.00 10.96 ? 93  GLU A N   1 
ATOM   762  C CA  . GLU A 1 92  ? -9.950  11.692  -10.254 1.00 11.89 ? 93  GLU A CA  1 
ATOM   763  C C   . GLU A 1 92  ? -9.633  10.512  -9.349  1.00 8.40  ? 93  GLU A C   1 
ATOM   764  O O   . GLU A 1 92  ? -10.205 10.406  -8.248  1.00 9.04  ? 93  GLU A O   1 
ATOM   765  C CB  . GLU A 1 92  ? -11.062 11.330  -11.250 1.00 19.61 ? 93  GLU A CB  1 
ATOM   766  C CG  . GLU A 1 92  ? -11.417 12.458  -12.193 1.00 33.81 ? 93  GLU A CG  1 
ATOM   767  C CD  . GLU A 1 92  ? -10.699 12.471  -13.526 1.00 42.87 ? 93  GLU A CD  1 
ATOM   768  O OE1 . GLU A 1 92  ? -9.486  12.173  -13.628 1.00 33.77 ? 93  GLU A OE1 1 
ATOM   769  O OE2 . GLU A 1 92  ? -11.369 12.799  -14.529 1.00 61.93 ? 93  GLU A OE2 1 
ATOM   770  N N   . ASN A 1 93  ? -8.745  9.628   -9.797  1.00 8.02  ? 94  ASN A N   1 
ATOM   771  C CA  . ASN A 1 93  ? -8.331  8.515   -8.942  1.00 6.77  ? 94  ASN A CA  1 
ATOM   772  C C   . ASN A 1 93  ? -7.546  9.009   -7.730  1.00 7.07  ? 94  ASN A C   1 
ATOM   773  O O   . ASN A 1 93  ? -7.722  8.557   -6.600  1.00 7.05  ? 94  ASN A O   1 
ATOM   774  C CB  . ASN A 1 93  ? -7.443  7.537   -9.699  1.00 7.11  ? 94  ASN A CB  1 
ATOM   775  C CG  . ASN A 1 93  ? -8.095  6.775   -10.816 1.00 8.26  ? 94  ASN A CG  1 
ATOM   776  O OD1 . ASN A 1 93  ? -9.306  6.786   -11.039 1.00 12.13 ? 94  ASN A OD1 1 
ATOM   777  N ND2 . ASN A 1 93  ? -7.253  6.058   -11.553 1.00 9.35  ? 94  ASN A ND2 1 
ATOM   778  N N   . ILE A 1 94  ? -6.653  9.964   -7.962  1.00 6.39  ? 95  ILE A N   1 
ATOM   779  C CA  . ILE A 1 94  ? -5.847  10.514  -6.876  1.00 6.73  ? 95  ILE A CA  1 
ATOM   780  C C   . ILE A 1 94  ? -6.723  11.148  -5.807  1.00 6.72  ? 95  ILE A C   1 
ATOM   781  O O   . ILE A 1 94  ? -6.555  10.926  -4.616  1.00 7.15  ? 95  ILE A O   1 
ATOM   782  C CB  . ILE A 1 94  ? -4.829  11.530  -7.419  1.00 7.48  ? 95  ILE A CB  1 
ATOM   783  C CG1 . ILE A 1 94  ? -3.785  10.836  -8.295  1.00 8.79  ? 95  ILE A CG1 1 
ATOM   784  C CG2 . ILE A 1 94  ? -4.207  12.318  -6.282  1.00 9.52  ? 95  ILE A CG2 1 
ATOM   785  C CD1 . ILE A 1 94  ? -3.013  11.777  -9.187  1.00 11.23 ? 95  ILE A CD1 1 
ATOM   786  N N   . ILE A 1 95  ? -7.699  11.929  -6.241  1.00 7.23  ? 96  ILE A N   1 
ATOM   787  C CA  . ILE A 1 95  ? -8.595  12.591  -5.285  1.00 7.80  ? 96  ILE A CA  1 
ATOM   788  C C   . ILE A 1 95  ? -9.475  11.584  -4.572  1.00 6.42  ? 96  ILE A C   1 
ATOM   789  O O   . ILE A 1 95  ? -9.651  11.674  -3.361  1.00 7.85  ? 96  ILE A O   1 
ATOM   790  C CB  . ILE A 1 95  ? -9.419  13.662  -6.014  1.00 9.01  ? 96  ILE A CB  1 
ATOM   791  C CG1 . ILE A 1 95  ? -8.522  14.813  -6.508  1.00 9.91  ? 96  ILE A CG1 1 
ATOM   792  C CG2 . ILE A 1 95  ? -10.578 14.156  -5.175  1.00 11.35 ? 96  ILE A CG2 1 
ATOM   793  C CD1 . ILE A 1 95  ? -9.201  15.733  -7.500  1.00 15.13 ? 96  ILE A CD1 1 
ATOM   794  N N   . ALA A 1 96  ? -10.014 10.608  -5.299  1.00 7.02  ? 97  ALA A N   1 
ATOM   795  C CA  . ALA A 1 96  ? -10.848 9.609   -4.651  1.00 8.08  ? 97  ALA A CA  1 
ATOM   796  C C   . ALA A 1 96  ? -10.069 8.847   -3.577  1.00 6.87  ? 97  ALA A C   1 
ATOM   797  O O   . ALA A 1 96  ? -10.564 8.612   -2.482  1.00 8.31  ? 97  ALA A O   1 
ATOM   798  C CB  . ALA A 1 96  ? -11.401 8.620   -5.667  1.00 8.78  ? 97  ALA A CB  1 
ATOM   799  N N   . ALA A 1 97  ? -8.844  8.452   -3.938  1.00 6.91  ? 98  ALA A N   1 
ATOM   800  C CA  . ALA A 1 97  ? -8.020  7.723   -2.983  1.00 7.77  ? 98  ALA A CA  1 
ATOM   801  C C   . ALA A 1 97  ? -7.666  8.589   -1.780  1.00 6.03  ? 98  ALA A C   1 
ATOM   802  O O   . ALA A 1 97  ? -7.754  8.138   -0.630  1.00 7.14  ? 98  ALA A O   1 
ATOM   803  C CB  . ALA A 1 97  ? -6.773  7.209   -3.670  1.00 9.07  ? 98  ALA A CB  1 
ATOM   804  N N   . ALA A 1 98  ? -7.257  9.832   -2.018  1.00 6.04  ? 99  ALA A N   1 
ATOM   805  C CA  . ALA A 1 98  ? -6.903  10.718  -0.906  1.00 6.88  ? 99  ALA A CA  1 
ATOM   806  C C   . ALA A 1 98  ? -8.079  10.968  0.011   1.00 6.60  ? 99  ALA A C   1 
ATOM   807  O O   . ALA A 1 98  ? -7.969  10.870  1.238   1.00 6.72  ? 99  ALA A O   1 
ATOM   808  C CB  . ALA A 1 98  ? -6.387  12.043  -1.444  1.00 8.41  ? 99  ALA A CB  1 
ATOM   809  N N   . GLN A 1 99  ? -9.237  11.288  -0.563  1.00 6.55  ? 100 GLN A N   1 
ATOM   810  C CA  . GLN A 1 99  ? -10.412 11.556  0.256   1.00 7.10  ? 100 GLN A CA  1 
ATOM   811  C C   . GLN A 1 99  ? -10.857 10.316  1.017   1.00 7.76  ? 100 GLN A C   1 
ATOM   812  O O   . GLN A 1 99  ? -11.435 10.460  2.086   1.00 11.45 ? 100 GLN A O   1 
ATOM   813  C CB  . GLN A 1 99  ? -11.575 12.057  -0.595  1.00 9.17  ? 100 GLN A CB  1 
ATOM   814  C CG  . GLN A 1 99  ? -11.318 13.448  -1.153  1.00 8.74  ? 100 GLN A CG  1 
ATOM   815  C CD  . GLN A 1 99  ? -12.443 13.929  -2.051  1.00 14.65 ? 100 GLN A CD  1 
ATOM   816  O OE1 . GLN A 1 99  ? -13.230 13.109  -2.507  1.00 25.33 ? 100 GLN A OE1 1 
ATOM   817  N NE2 . GLN A 1 99  ? -12.492 15.229  -2.261  1.00 12.37 ? 100 GLN A NE2 1 
ATOM   818  N N   . ALA A 1 100 ? -10.597 9.128   0.485   1.00 6.86  ? 101 ALA A N   1 
ATOM   819  C CA  . ALA A 1 100 ? -10.934 7.881   1.168   1.00 6.95  ? 101 ALA A CA  1 
ATOM   820  C C   . ALA A 1 100 ? -9.898  7.509   2.223   1.00 6.77  ? 101 ALA A C   1 
ATOM   821  O O   . ALA A 1 100 ? -10.092 6.539   2.952   1.00 8.06  ? 101 ALA A O   1 
ATOM   822  C CB  . ALA A 1 100 ? -11.121 6.756   0.164   1.00 8.12  ? 101 ALA A CB  1 
ATOM   823  N N   . GLY A 1 101 ? -8.800  8.261   2.315   1.00 6.66  ? 102 GLY A N   1 
ATOM   824  C CA  . GLY A 1 101 ? -7.846  8.100   3.385   1.00 6.29  ? 102 GLY A CA  1 
ATOM   825  C C   . GLY A 1 101 ? -6.494  7.560   2.974   1.00 5.49  ? 102 GLY A C   1 
ATOM   826  O O   . GLY A 1 101 ? -5.701  7.191   3.841   1.00 6.23  ? 102 GLY A O   1 
ATOM   827  N N   . ALA A 1 102 ? -6.167  7.506   1.677   1.00 5.36  ? 103 ALA A N   1 
ATOM   828  C CA  . ALA A 1 102 ? -4.861  6.997   1.284   1.00 5.15  ? 103 ALA A CA  1 
ATOM   829  C C   . ALA A 1 102 ? -3.755  7.851   1.867   1.00 5.26  ? 103 ALA A C   1 
ATOM   830  O O   . ALA A 1 102 ? -3.854  9.070   1.914   1.00 5.54  ? 103 ALA A O   1 
ATOM   831  C CB  . ALA A 1 102 ? -4.737  6.977   -0.233  1.00 6.85  ? 103 ALA A CB  1 
ATOM   832  N N   . SER A 1 103 ? -2.672  7.195   2.273   1.00 5.04  ? 104 SER A N   1 
ATOM   833  C CA  . SER A 1 103 ? -1.519  7.921   2.787   1.00 4.99  ? 104 SER A CA  1 
ATOM   834  C C   . SER A 1 103 ? -0.655  8.503   1.681   1.00 4.55  ? 104 SER A C   1 
ATOM   835  O O   . SER A 1 103 ? 0.037   9.496   1.896   1.00 5.48  ? 104 SER A O   1 
ATOM   836  C CB  . SER A 1 103 ? -0.676  6.988   3.651   1.00 5.99  ? 104 SER A CB  1 
ATOM   837  O OG  . SER A 1 103 ? -1.465  6.289   4.601   1.00 6.70  ? 104 SER A OG  1 
ATOM   838  N N   . GLY A 1 104 ? -0.667  7.868   0.521   1.00 5.45  ? 105 GLY A N   1 
ATOM   839  C CA  . GLY A 1 104 ? 0.056   8.333   -0.649  1.00 5.50  ? 105 GLY A CA  1 
ATOM   840  C C   . GLY A 1 104 ? -0.287  7.422   -1.822  1.00 4.64  ? 105 GLY A C   1 
ATOM   841  O O   . GLY A 1 104 ? -0.987  6.432   -1.657  1.00 5.29  ? 105 GLY A O   1 
ATOM   842  N N   . TYR A 1 105 ? 0.249   7.788   -2.977  1.00 4.46  ? 106 TYR A N   1 
ATOM   843  C CA  A TYR A 1 105 ? -0.047  7.179   -4.286  0.41 5.27  ? 106 TYR A CA  1 
ATOM   844  C CA  B TYR A 1 105 ? 0.196   6.924   -4.135  0.59 6.00  ? 106 TYR A CA  1 
ATOM   845  C C   A TYR A 1 105 ? 1.202   7.182   -5.163  0.41 6.23  ? 106 TYR A C   1 
ATOM   846  C C   B TYR A 1 105 ? 1.558   7.018   -4.824  0.59 5.64  ? 106 TYR A C   1 
ATOM   847  O O   A TYR A 1 105 ? 1.773   8.272   -5.303  0.41 8.48  ? 106 TYR A O   1 
ATOM   848  O O   B TYR A 1 105 ? 2.369   7.903   -4.626  0.59 6.02  ? 106 TYR A O   1 
ATOM   849  C CB  A TYR A 1 105 ? -1.227  7.961   -4.808  0.41 7.67  ? 106 TYR A CB  1 
ATOM   850  C CB  B TYR A 1 105 ? -0.912  7.243   -5.143  0.59 6.82  ? 106 TYR A CB  1 
ATOM   851  C CG  A TYR A 1 105 ? -1.919  7.752   -6.108  0.41 6.91  ? 106 TYR A CG  1 
ATOM   852  C CG  B TYR A 1 105 ? -0.639  8.499   -5.939  0.59 5.87  ? 106 TYR A CG  1 
ATOM   853  C CD1 A TYR A 1 105 ? -1.269  8.130   -7.283  0.41 8.17  ? 106 TYR A CD1 1 
ATOM   854  C CD1 B TYR A 1 105 ? -0.909  9.749   -5.392  0.59 5.57  ? 106 TYR A CD1 1 
ATOM   855  C CD2 A TYR A 1 105 ? -3.201  7.225   -6.233  0.41 11.61 ? 106 TYR A CD2 1 
ATOM   856  C CD2 B TYR A 1 105 ? -0.121  8.463   -7.230  0.59 7.14  ? 106 TYR A CD2 1 
ATOM   857  C CE1 A TYR A 1 105 ? -1.857  7.969   -8.520  0.41 9.13  ? 106 TYR A CE1 1 
ATOM   858  C CE1 B TYR A 1 105 ? -0.669  10.909  -6.102  0.59 5.78  ? 106 TYR A CE1 1 
ATOM   859  C CE2 A TYR A 1 105 ? -3.793  7.061   -7.472  0.41 9.28  ? 106 TYR A CE2 1 
ATOM   860  C CE2 B TYR A 1 105 ? 0.133   9.611   -7.939  0.59 8.35  ? 106 TYR A CE2 1 
ATOM   861  C CZ  A TYR A 1 105 ? -3.125  7.434   -8.613  0.41 7.57  ? 106 TYR A CZ  1 
ATOM   862  C CZ  B TYR A 1 105 ? -0.143  10.830  -7.370  0.59 7.28  ? 106 TYR A CZ  1 
ATOM   863  O OH  A TYR A 1 105 ? -3.700  7.289   -9.860  0.41 10.74 ? 106 TYR A OH  1 
ATOM   864  O OH  B TYR A 1 105 ? 0.111   11.963  -8.100  0.59 10.12 ? 106 TYR A OH  1 
ATOM   865  N N   . VAL A 1 106 ? 1.660   6.058   -5.731  1.00 6.25  ? 107 VAL A N   1 
ATOM   866  C CA  . VAL A 1 106 ? 2.868   6.028   -6.549  1.00 6.61  ? 107 VAL A CA  1 
ATOM   867  C C   . VAL A 1 106 ? 2.586   5.291   -7.845  1.00 5.12  ? 107 VAL A C   1 
ATOM   868  O O   . VAL A 1 106 ? 1.873   4.303   -7.867  1.00 5.54  ? 107 VAL A O   1 
ATOM   869  C CB  . VAL A 1 106 ? 4.035   5.391   -5.771  1.00 8.06  ? 107 VAL A CB  1 
ATOM   870  C CG1 . VAL A 1 106 ? 3.762   3.930   -5.440  1.00 7.41  ? 107 VAL A CG1 1 
ATOM   871  C CG2 . VAL A 1 106 ? 5.347   5.559   -6.535  1.00 7.91  ? 107 VAL A CG2 1 
ATOM   872  N N   . VAL A 1 107 ? 3.142   5.817   -8.931  1.00 5.38  ? 108 VAL A N   1 
ATOM   873  C CA  . VAL A 1 107 ? 3.059   5.206   -10.245 1.00 4.84  ? 108 VAL A CA  1 
ATOM   874  C C   . VAL A 1 107 ? 4.183   4.196   -10.445 1.00 4.20  ? 108 VAL A C   1 
ATOM   875  O O   . VAL A 1 107 ? 5.356   4.472   -10.180 1.00 5.88  ? 108 VAL A O   1 
ATOM   876  C CB  . VAL A 1 107 ? 3.090   6.290   -11.335 1.00 5.28  ? 108 VAL A CB  1 
ATOM   877  C CG1 . VAL A 1 107 ? 3.166   5.681   -12.723 1.00 6.90  ? 108 VAL A CG1 1 
ATOM   878  C CG2 . VAL A 1 107 ? 1.875   7.199   -11.207 1.00 8.01  ? 108 VAL A CG2 1 
ATOM   879  N N   . LYS A 1 108 ? 3.798   3.016   -10.923 1.00 4.58  ? 109 LYS A N   1 
ATOM   880  C CA  . LYS A 1 108 ? 4.686   1.933   -11.298 1.00 4.95  ? 109 LYS A CA  1 
ATOM   881  C C   . LYS A 1 108 ? 4.977   1.972   -12.794 1.00 5.46  ? 109 LYS A C   1 
ATOM   882  O O   . LYS A 1 108 ? 4.150   2.489   -13.557 1.00 6.34  ? 109 LYS A O   1 
ATOM   883  C CB  . LYS A 1 108 ? 4.109   0.582   -10.884 1.00 5.62  ? 109 LYS A CB  1 
ATOM   884  C CG  . LYS A 1 108 ? 2.841   0.250   -11.634 1.00 6.56  ? 109 LYS A CG  1 
ATOM   885  C CD  . LYS A 1 108 ? 2.181   -1.039  -11.196 1.00 7.47  ? 109 LYS A CD  1 
ATOM   886  C CE  . LYS A 1 108 ? 0.916   -1.276  -11.995 1.00 8.10  ? 109 LYS A CE  1 
ATOM   887  N NZ  . LYS A 1 108 ? 0.066   -2.316  -11.385 1.00 7.19  ? 109 LYS A NZ  1 
ATOM   888  N N   . PRO A 1 109 ? 6.110   1.431   -13.245 1.00 5.69  ? 110 PRO A N   1 
ATOM   889  C CA  . PRO A 1 109 ? 7.190   0.885   -12.433 1.00 5.91  ? 110 PRO A CA  1 
ATOM   890  C C   . PRO A 1 109 ? 7.942   1.982   -11.681 1.00 5.06  ? 110 PRO A C   1 
ATOM   891  O O   . PRO A 1 109 ? 8.045   3.101   -12.188 1.00 5.91  ? 110 PRO A O   1 
ATOM   892  C CB  . PRO A 1 109 ? 8.140   0.262   -13.460 1.00 7.89  ? 110 PRO A CB  1 
ATOM   893  C CG  . PRO A 1 109 ? 7.915   1.061   -14.701 1.00 9.05  ? 110 PRO A CG  1 
ATOM   894  C CD  . PRO A 1 109 ? 6.434   1.359   -14.684 1.00 7.59  ? 110 PRO A CD  1 
ATOM   895  N N   . PHE A 1 110 ? 8.468   1.635   -10.517 1.00 5.61  ? 111 PHE A N   1 
ATOM   896  C CA  . PHE A 1 110 ? 9.244   2.556   -9.712  1.00 5.69  ? 111 PHE A CA  1 
ATOM   897  C C   . PHE A 1 110 ? 10.491  1.850   -9.162  1.00 6.15  ? 111 PHE A C   1 
ATOM   898  O O   . PHE A 1 110 ? 10.573  0.613   -9.108  1.00 7.30  ? 111 PHE A O   1 
ATOM   899  C CB  . PHE A 1 110 ? 8.410   3.180   -8.593  1.00 6.05  ? 111 PHE A CB  1 
ATOM   900  C CG  . PHE A 1 110 ? 7.711   2.215   -7.659  1.00 5.67  ? 111 PHE A CG  1 
ATOM   901  C CD1 . PHE A 1 110 ? 8.388   1.622   -6.599  1.00 7.15  ? 111 PHE A CD1 1 
ATOM   902  C CD2 . PHE A 1 110 ? 6.376   1.908   -7.835  1.00 5.95  ? 111 PHE A CD2 1 
ATOM   903  C CE1 . PHE A 1 110 ? 7.753   0.746   -5.753  1.00 8.26  ? 111 PHE A CE1 1 
ATOM   904  C CE2 . PHE A 1 110 ? 5.752   1.014   -7.005  1.00 6.76  ? 111 PHE A CE2 1 
ATOM   905  C CZ  . PHE A 1 110 ? 6.427   0.432   -5.946  1.00 7.02  ? 111 PHE A CZ  1 
ATOM   906  N N   . THR A 1 111 ? 11.437  2.683   -8.772  1.00 6.50  ? 112 THR A N   1 
ATOM   907  C CA  . THR A 1 111 ? 12.715  2.288   -8.223  1.00 6.68  ? 112 THR A CA  1 
ATOM   908  C C   . THR A 1 111 ? 12.753  2.326   -6.705  1.00 5.45  ? 112 THR A C   1 
ATOM   909  O O   . THR A 1 111 ? 11.852  2.843   -6.039  1.00 5.86  ? 112 THR A O   1 
ATOM   910  C CB  . THR A 1 111 ? 13.822  3.250   -8.717  1.00 7.37  ? 112 THR A CB  1 
ATOM   911  O OG1 . THR A 1 111 ? 13.448  4.537   -8.200  1.00 8.21  ? 112 THR A OG1 1 
ATOM   912  C CG2 . THR A 1 111 ? 13.908  3.281   -10.224 1.00 8.26  ? 112 THR A CG2 1 
ATOM   913  N N   . ALA A 1 112 ? 13.827  1.782   -6.127  1.00 6.44  ? 113 ALA A N   1 
ATOM   914  C CA  . ALA A 1 112 ? 14.027  1.863   -4.685  1.00 6.70  ? 113 ALA A CA  1 
ATOM   915  C C   . ALA A 1 112 ? 14.068  3.301   -4.209  1.00 6.49  ? 113 ALA A C   1 
ATOM   916  O O   . ALA A 1 112 ? 13.523  3.602   -3.147  1.00 7.00  ? 113 ALA A O   1 
ATOM   917  C CB  . ALA A 1 112 ? 15.317  1.162   -4.255  1.00 9.83  ? 113 ALA A CB  1 
ATOM   918  N N   . ALA A 1 113 ? 14.742  4.185   -4.942  1.00 6.70  ? 114 ALA A N   1 
ATOM   919  C CA  . ALA A 1 113 ? 14.856  5.574   -4.500  1.00 7.80  ? 114 ALA A CA  1 
ATOM   920  C C   . ALA A 1 113 ? 13.478  6.221   -4.452  1.00 6.80  ? 114 ALA A C   1 
ATOM   921  O O   . ALA A 1 113 ? 13.151  6.986   -3.538  1.00 7.41  ? 114 ALA A O   1 
ATOM   922  C CB  . ALA A 1 113 ? 15.774  6.368   -5.405  1.00 9.71  ? 114 ALA A CB  1 
ATOM   923  N N   . THR A 1 114 ? 12.662  5.949   -5.471  1.00 6.24  ? 115 THR A N   1 
ATOM   924  C CA  . THR A 1 114 ? 11.297  6.486   -5.501  1.00 5.91  ? 115 THR A CA  1 
ATOM   925  C C   . THR A 1 114 ? 10.487  5.955   -4.339  1.00 6.10  ? 115 THR A C   1 
ATOM   926  O O   . THR A 1 114 ? 9.783   6.697   -3.651  1.00 6.81  ? 115 THR A O   1 
ATOM   927  C CB  . THR A 1 114 ? 10.634  6.170   -6.857  1.00 5.80  ? 115 THR A CB  1 
ATOM   928  O OG1 . THR A 1 114 ? 11.360  6.946   -7.839  1.00 6.73  ? 115 THR A OG1 1 
ATOM   929  C CG2 . THR A 1 114 ? 9.174   6.559   -6.892  1.00 6.60  ? 115 THR A CG2 1 
ATOM   930  N N   . LEU A 1 115 ? 10.565  4.659   -4.090  1.00 5.70  ? 116 LEU A N   1 
ATOM   931  C CA  . LEU A 1 115 ? 9.838   4.080   -2.954  1.00 5.66  ? 116 LEU A CA  1 
ATOM   932  C C   . LEU A 1 115 ? 10.303  4.668   -1.629  1.00 6.54  ? 116 LEU A C   1 
ATOM   933  O O   . LEU A 1 115 ? 9.486   4.984   -0.772  1.00 6.62  ? 116 LEU A O   1 
ATOM   934  C CB  . LEU A 1 115 ? 9.953   2.559   -2.936  1.00 6.42  ? 116 LEU A CB  1 
ATOM   935  C CG  . LEU A 1 115 ? 9.254   1.863   -1.765  1.00 6.57  ? 116 LEU A CG  1 
ATOM   936  C CD1 . LEU A 1 115 ? 7.751   2.125   -1.789  1.00 7.77  ? 116 LEU A CD1 1 
ATOM   937  C CD2 . LEU A 1 115 ? 9.552   0.373   -1.763  1.00 7.65  ? 116 LEU A CD2 1 
ATOM   938  N N   . GLU A 1 116 ? 11.615  4.821   -1.467  1.00 7.07  ? 117 GLU A N   1 
ATOM   939  C CA  . GLU A 1 116 ? 12.150  5.407   -0.240  1.00 8.20  ? 117 GLU A CA  1 
ATOM   940  C C   . GLU A 1 116 ? 11.597  6.807   -0.014  1.00 8.63  ? 117 GLU A C   1 
ATOM   941  O O   . GLU A 1 116 ? 11.213  7.177   1.096   1.00 8.25  ? 117 GLU A O   1 
ATOM   942  C CB  . GLU A 1 116 ? 13.684  5.433   -0.297  1.00 10.04 ? 117 GLU A CB  1 
ATOM   943  C CG  . GLU A 1 116 ? 14.333  6.073   0.911   1.00 13.14 ? 117 GLU A CG  1 
ATOM   944  C CD  . GLU A 1 116 ? 15.844  6.025   0.900   1.00 18.41 ? 117 GLU A CD  1 
ATOM   945  O OE1 . GLU A 1 116 ? 16.447  6.095   1.998   1.00 32.38 ? 117 GLU A OE1 1 
ATOM   946  O OE2 . GLU A 1 116 ? 16.437  5.910   -0.193  1.00 30.72 ? 117 GLU A OE2 1 
ATOM   947  N N   . GLU A 1 117 ? 11.574  7.616   -1.074  1.00 8.40  ? 118 GLU A N   1 
ATOM   948  C CA  . GLU A 1 117 ? 11.047  8.974   -0.943  1.00 9.99  ? 118 GLU A CA  1 
ATOM   949  C C   . GLU A 1 117 ? 9.583   8.935   -0.527  1.00 8.97  ? 118 GLU A C   1 
ATOM   950  O O   . GLU A 1 117 ? 9.144   9.709   0.311   1.00 10.34 ? 118 GLU A O   1 
ATOM   951  C CB  . GLU A 1 117 ? 11.250  9.748   -2.244  1.00 13.02 ? 118 GLU A CB  1 
ATOM   952  C CG  . GLU A 1 117 ? 10.877  11.214  -2.194  1.00 27.62 ? 118 GLU A CG  1 
ATOM   953  C CD  . GLU A 1 117 ? 11.179  11.938  -3.494  1.00 37.72 ? 118 GLU A CD  1 
ATOM   954  O OE1 . GLU A 1 117 ? 11.844  11.351  -4.372  1.00 47.64 ? 118 GLU A OE1 1 
ATOM   955  O OE2 . GLU A 1 117 ? 10.742  13.100  -3.627  1.00 54.03 ? 118 GLU A OE2 1 
ATOM   956  N N   . LYS A 1 118 ? 8.840   8.023   -1.151  1.00 8.40  ? 119 LYS A N   1 
ATOM   957  C CA  . LYS A 1 118 ? 7.426   7.901   -0.832  1.00 8.18  ? 119 LYS A CA  1 
ATOM   958  C C   . LYS A 1 118 ? 7.201   7.497   0.625   1.00 7.17  ? 119 LYS A C   1 
ATOM   959  O O   . LYS A 1 118 ? 6.364   8.061   1.340   1.00 8.20  ? 119 LYS A O   1 
ATOM   960  C CB  A LYS A 1 118 ? 6.783   6.925   -1.812  0.52 9.75  ? 119 LYS A CB  1 
ATOM   961  C CB  B LYS A 1 118 ? 6.768   6.826   -1.688  0.48 10.15 ? 119 LYS A CB  1 
ATOM   962  C CG  A LYS A 1 118 ? 5.275   6.854   -1.687  0.52 9.86  ? 119 LYS A CG  1 
ATOM   963  C CG  B LYS A 1 118 ? 6.539   7.028   -3.158  0.48 10.04 ? 119 LYS A CG  1 
ATOM   964  C CD  A LYS A 1 118 ? 4.593   8.190   -1.912  0.52 7.54  ? 119 LYS A CD  1 
ATOM   965  C CD  B LYS A 1 118 ? 5.933   8.368   -3.497  0.48 9.51  ? 119 LYS A CD  1 
ATOM   966  C CE  A LYS A 1 118 ? 4.877   8.747   -3.299  0.52 9.51  ? 119 LYS A CE  1 
ATOM   967  C CE  B LYS A 1 118 ? 4.527   8.551   -2.965  0.48 9.06  ? 119 LYS A CE  1 
ATOM   968  N NZ  A LYS A 1 118 ? 4.068   9.955   -3.598  0.52 10.59 ? 119 LYS A NZ  1 
ATOM   969  N NZ  B LYS A 1 118 ? 3.987   9.906   -3.244  0.48 11.32 ? 119 LYS A NZ  1 
ATOM   970  N N   . LEU A 1 119 ? 7.918   6.462   1.070   1.00 6.81  ? 120 LEU A N   1 
ATOM   971  C CA  . LEU A 1 119 ? 7.786   6.033   2.456   1.00 7.37  ? 120 LEU A CA  1 
ATOM   972  C C   . LEU A 1 119 ? 8.204   7.142   3.404   1.00 7.59  ? 120 LEU A C   1 
ATOM   973  O O   . LEU A 1 119 ? 7.495   7.368   4.393   1.00 7.63  ? 120 LEU A O   1 
ATOM   974  C CB  . LEU A 1 119 ? 8.611   4.772   2.720   1.00 6.76  ? 120 LEU A CB  1 
ATOM   975  C CG  . LEU A 1 119 ? 8.191   3.524   1.939   1.00 7.31  ? 120 LEU A CG  1 
ATOM   976  C CD1 . LEU A 1 119 ? 9.096   2.354   2.292   1.00 9.74  ? 120 LEU A CD1 1 
ATOM   977  C CD2 . LEU A 1 119 ? 6.734   3.172   2.204   1.00 10.03 ? 120 LEU A CD2 1 
ATOM   978  N N   . ASN A 1 120 ? 9.313   7.817   3.118   1.00 8.19  ? 121 ASN A N   1 
ATOM   979  C CA  . ASN A 1 120 ? 9.736   8.877   4.027   1.00 9.17  ? 121 ASN A CA  1 
ATOM   980  C C   . ASN A 1 120 ? 8.720   10.012  4.068   1.00 8.58  ? 121 ASN A C   1 
ATOM   981  O O   . ASN A 1 120 ? 8.471   10.569  5.133   1.00 9.65  ? 121 ASN A O   1 
ATOM   982  C CB  . ASN A 1 120 ? 11.122  9.369   3.622   1.00 11.33 ? 121 ASN A CB  1 
ATOM   983  C CG  . ASN A 1 120 ? 12.190  8.375   4.052   1.00 13.77 ? 121 ASN A CG  1 
ATOM   984  O OD1 . ASN A 1 120 ? 11.926  7.578   4.951   1.00 19.09 ? 121 ASN A OD1 1 
ATOM   985  N ND2 . ASN A 1 120 ? 13.345  8.449   3.407   1.00 18.12 ? 121 ASN A ND2 1 
ATOM   986  N N   . LYS A 1 121 ? 8.114   10.353  2.934   1.00 8.35  ? 122 LYS A N   1 
ATOM   987  C CA  . LYS A 1 121 ? 7.098   11.405  2.894   1.00 8.53  ? 122 LYS A CA  1 
ATOM   988  C C   . LYS A 1 121 ? 5.914   11.015  3.765   1.00 7.10  ? 122 LYS A C   1 
ATOM   989  O O   . LYS A 1 121 ? 5.349   11.831  4.491   1.00 8.14  ? 122 LYS A O   1 
ATOM   990  C CB  . LYS A 1 121 ? 6.653   11.665  1.453   1.00 10.78 ? 122 LYS A CB  1 
ATOM   991  C CG  . LYS A 1 121 ? 5.487   12.612  1.233   1.00 12.76 ? 122 LYS A CG  1 
ATOM   992  C CD  . LYS A 1 121 ? 5.168   12.791  -0.245  1.00 14.86 ? 122 LYS A CD  1 
ATOM   993  C CE  . LYS A 1 121 ? 4.073   13.814  -0.487  1.00 12.35 ? 122 LYS A CE  1 
ATOM   994  N NZ  . LYS A 1 121 ? 3.962   14.181  -1.934  1.00 12.82 ? 122 LYS A NZ  1 
ATOM   995  N N   . ILE A 1 122 ? 5.503   9.746   3.665   1.00 7.18  ? 123 ILE A N   1 
ATOM   996  C CA  . ILE A 1 122 ? 4.389   9.256   4.469   1.00 7.18  ? 123 ILE A CA  1 
ATOM   997  C C   . ILE A 1 122 ? 4.745   9.213   5.950   1.00 6.92  ? 123 ILE A C   1 
ATOM   998  O O   . ILE A 1 122 ? 3.951   9.651   6.788   1.00 7.51  ? 123 ILE A O   1 
ATOM   999  C CB  . ILE A 1 122 ? 3.923   7.876   3.980   1.00 7.88  ? 123 ILE A CB  1 
ATOM   1000 C CG1 . ILE A 1 122 ? 3.220   7.990   2.626   1.00 8.67  ? 123 ILE A CG1 1 
ATOM   1001 C CG2 . ILE A 1 122 ? 3.048   7.192   5.012   1.00 8.01  ? 123 ILE A CG2 1 
ATOM   1002 C CD1 . ILE A 1 122 ? 2.994   6.688   1.904   1.00 9.12  ? 123 ILE A CD1 1 
ATOM   1003 N N   . PHE A 1 123 ? 5.918   8.691   6.287   1.00 6.96  ? 124 PHE A N   1 
ATOM   1004 C CA  . PHE A 1 123 ? 6.315   8.664   7.686   1.00 7.08  ? 124 PHE A CA  1 
ATOM   1005 C C   . PHE A 1 123 ? 6.356   10.072  8.265   1.00 6.98  ? 124 PHE A C   1 
ATOM   1006 O O   . PHE A 1 123 ? 5.931   10.315  9.399   1.00 7.75  ? 124 PHE A O   1 
ATOM   1007 C CB  . PHE A 1 123 ? 7.673   7.996   7.860   1.00 7.65  ? 124 PHE A CB  1 
ATOM   1008 C CG  . PHE A 1 123 ? 7.755   6.528   7.521   1.00 8.13  ? 124 PHE A CG  1 
ATOM   1009 C CD1 . PHE A 1 123 ? 6.707   5.674   7.819   1.00 10.28 ? 124 PHE A CD1 1 
ATOM   1010 C CD2 . PHE A 1 123 ? 8.892   6.023   6.905   1.00 9.88  ? 124 PHE A CD2 1 
ATOM   1011 C CE1 . PHE A 1 123 ? 6.820   4.325   7.520   1.00 14.05 ? 124 PHE A CE1 1 
ATOM   1012 C CE2 . PHE A 1 123 ? 9.015   4.679   6.610   1.00 12.41 ? 124 PHE A CE2 1 
ATOM   1013 C CZ  . PHE A 1 123 ? 7.969   3.838   6.926   1.00 12.99 ? 124 PHE A CZ  1 
ATOM   1014 N N   . GLU A 1 124 ? 6.883   11.017  7.480   1.00 7.23  ? 125 GLU A N   1 
ATOM   1015 C CA  . GLU A 1 124 ? 6.922   12.388  7.996   1.00 7.80  ? 125 GLU A CA  1 
ATOM   1016 C C   . GLU A 1 124 ? 5.517   12.935  8.188   1.00 8.50  ? 125 GLU A C   1 
ATOM   1017 O O   . GLU A 1 124 ? 5.232   13.537  9.223   1.00 9.42  ? 125 GLU A O   1 
ATOM   1018 C CB  . GLU A 1 124 ? 7.750   13.304  7.090   1.00 9.66  ? 125 GLU A CB  1 
ATOM   1019 C CG  . GLU A 1 124 ? 7.904   14.707  7.657   1.00 16.56 ? 125 GLU A CG  1 
ATOM   1020 C CD  . GLU A 1 124 ? 9.146   15.463  7.249   1.00 19.82 ? 125 GLU A CD  1 
ATOM   1021 O OE1 . GLU A 1 124 ? 9.518   15.417  6.054   1.00 21.84 ? 125 GLU A OE1 1 
ATOM   1022 O OE2 . GLU A 1 124 ? 9.757   16.151  8.108   1.00 25.62 ? 125 GLU A OE2 1 
ATOM   1023 N N   . LYS A 1 125 ? 4.627   12.735  7.226   1.00 7.34  ? 126 LYS A N   1 
ATOM   1024 C CA  . LYS A 1 125 ? 3.258   13.213  7.386   1.00 7.99  ? 126 LYS A CA  1 
ATOM   1025 C C   . LYS A 1 125 ? 2.595   12.618  8.621   1.00 8.05  ? 126 LYS A C   1 
ATOM   1026 O O   . LYS A 1 125 ? 1.864   13.296  9.343   1.00 8.87  ? 126 LYS A O   1 
ATOM   1027 C CB  . LYS A 1 125 ? 2.476   12.883  6.114   1.00 11.11 ? 126 LYS A CB  1 
ATOM   1028 C CG  . LYS A 1 125 ? 1.115   13.538  6.087   1.00 12.04 ? 126 LYS A CG  1 
ATOM   1029 C CD  . LYS A 1 125 ? 0.501   13.508  4.701   1.00 11.42 ? 126 LYS A CD  1 
ATOM   1030 C CE  . LYS A 1 125 ? 0.419   12.092  4.159   1.00 13.92 ? 126 LYS A CE  1 
ATOM   1031 N NZ  . LYS A 1 125 ? -0.487  12.001  2.980   1.00 12.13 ? 126 LYS A NZ  1 
ATOM   1032 N N   . LEU A 1 126 ? 2.847   11.332  8.846   1.00 7.84  ? 127 LEU A N   1 
ATOM   1033 C CA  . LEU A 1 126 ? 2.143   10.628  9.922   1.00 8.65  ? 127 LEU A CA  1 
ATOM   1034 C C   . LEU A 1 126 ? 2.871   10.737  11.255  1.00 9.97  ? 127 LEU A C   1 
ATOM   1035 O O   . LEU A 1 126 ? 2.375   10.222  12.262  1.00 12.95 ? 127 LEU A O   1 
ATOM   1036 C CB  . LEU A 1 126 ? 1.905   9.167   9.518   1.00 9.69  ? 127 LEU A CB  1 
ATOM   1037 C CG  . LEU A 1 126 ? 0.994   8.967   8.307   1.00 12.53 ? 127 LEU A CG  1 
ATOM   1038 C CD1 . LEU A 1 126 ? 0.803   7.486   8.015   1.00 12.30 ? 127 LEU A CD1 1 
ATOM   1039 C CD2 . LEU A 1 126 ? -0.357  9.636   8.502   1.00 19.38 ? 127 LEU A CD2 1 
ATOM   1040 N N   . GLY A 1 127 ? 4.023   11.397  11.320  1.00 9.48  ? 128 GLY A N   1 
ATOM   1041 C CA  . GLY A 1 127 ? 4.785   11.514  12.549  1.00 11.91 ? 128 GLY A CA  1 
ATOM   1042 C C   . GLY A 1 127 ? 5.409   10.206  13.015  1.00 12.52 ? 128 GLY A C   1 
ATOM   1043 O O   . GLY A 1 127 ? 5.508   10.041  14.224  1.00 17.06 ? 128 GLY A O   1 
ATOM   1044 N N   . MET A 1 128 ? 5.798   9.338   12.086  1.00 11.17 ? 129 MET A N   1 
ATOM   1045 C CA  . MET A 1 128 ? 6.391   8.033   12.354  1.00 13.17 ? 129 MET A CA  1 
ATOM   1046 C C   . MET A 1 128 ? 7.910   8.054   12.173  1.00 16.31 ? 129 MET A C   1 
ATOM   1047 O O   . MET A 1 128 ? 8.547   7.063   12.584  1.00 22.74 ? 129 MET A O   1 
ATOM   1048 C CB  . MET A 1 128 ? 5.807   6.952   11.451  1.00 12.70 ? 129 MET A CB  1 
ATOM   1049 C CG  . MET A 1 128 ? 4.317   6.714   11.585  1.00 14.74 ? 129 MET A CG  1 
ATOM   1050 S SD  . MET A 1 128 ? 3.666   5.685   10.252  1.00 15.60 ? 129 MET A SD  1 
ATOM   1051 C CE  . MET A 1 128 ? 4.400   4.102   10.674  1.00 17.26 ? 129 MET A CE  1 
ATOM   1052 O OXT . MET A 1 128 ? 8.454   9.115   11.594  1.00 23.01 ? 129 MET A OXT 1 
HETATM 1053 S S   . SO4 B 2 .   ? -2.567  -3.392  -14.082 1.00 14.66 ? 301 SO4 A S   1 
HETATM 1054 O O1  . SO4 B 2 .   ? -1.671  -3.785  -13.017 1.00 13.58 ? 301 SO4 A O1  1 
HETATM 1055 O O2  . SO4 B 2 .   ? -1.925  -3.269  -15.373 1.00 24.90 ? 301 SO4 A O2  1 
HETATM 1056 O O3  . SO4 B 2 .   ? -3.333  -2.190  -13.722 1.00 23.20 ? 301 SO4 A O3  1 
HETATM 1057 O O4  . SO4 B 2 .   ? -3.585  -4.484  -14.209 1.00 29.09 ? 301 SO4 A O4  1 
HETATM 1058 S S   . SO4 C 2 .   ? 1.134   11.777  -2.604  1.00 7.57  ? 302 SO4 A S   1 
HETATM 1059 O O1  . SO4 C 2 .   ? 2.047   12.562  -3.424  1.00 12.01 ? 302 SO4 A O1  1 
HETATM 1060 O O2  . SO4 C 2 .   ? 1.412   10.345  -2.731  1.00 8.99  ? 302 SO4 A O2  1 
HETATM 1061 O O3  . SO4 C 2 .   ? -0.233  12.027  -3.034  1.00 10.19 ? 302 SO4 A O3  1 
HETATM 1062 O O4  . SO4 C 2 .   ? 1.237   12.177  -1.185  1.00 14.07 ? 302 SO4 A O4  1 
HETATM 1063 S S   . SO4 D 2 .   ? -15.843 -1.997  13.225  1.00 9.24  ? 303 SO4 A S   1 
HETATM 1064 O O1  . SO4 D 2 .   ? -14.426 -2.384  13.106  1.00 12.82 ? 303 SO4 A O1  1 
HETATM 1065 O O2  . SO4 D 2 .   ? -16.210 -1.080  12.154  1.00 13.17 ? 303 SO4 A O2  1 
HETATM 1066 O O3  . SO4 D 2 .   ? -16.658 -3.199  13.137  1.00 8.96  ? 303 SO4 A O3  1 
HETATM 1067 O O4  . SO4 D 2 .   ? -16.068 -1.376  14.538  1.00 15.45 ? 303 SO4 A O4  1 
HETATM 1068 C C1  . GOL E 3 .   ? 2.381   -5.998  -14.268 1.00 13.10 ? 201 GOL A C1  1 
HETATM 1069 O O1  . GOL E 3 .   ? 1.976   -6.040  -15.609 1.00 14.91 ? 201 GOL A O1  1 
HETATM 1070 C C2  . GOL E 3 .   ? 1.296   -5.382  -13.400 1.00 9.29  ? 201 GOL A C2  1 
HETATM 1071 O O2  . GOL E 3 .   ? 1.130   -4.037  -13.785 1.00 14.52 ? 201 GOL A O2  1 
HETATM 1072 C C3  . GOL E 3 .   ? 1.714   -5.461  -11.931 1.00 9.42  ? 201 GOL A C3  1 
HETATM 1073 O O3  . GOL E 3 .   ? 0.731   -4.889  -11.119 1.00 8.12  ? 201 GOL A O3  1 
HETATM 1074 C C1  . GOL F 3 .   ? -2.566  -14.617 -8.445  1.00 14.52 ? 202 GOL A C1  1 
HETATM 1075 O O1  . GOL F 3 .   ? -3.191  -13.351 -8.442  1.00 11.08 ? 202 GOL A O1  1 
HETATM 1076 C C2  . GOL F 3 .   ? -1.370  -14.567 -7.501  1.00 13.30 ? 202 GOL A C2  1 
HETATM 1077 O O2  . GOL F 3 .   ? -0.477  -13.559 -7.929  1.00 11.10 ? 202 GOL A O2  1 
HETATM 1078 C C3  . GOL F 3 .   ? -0.638  -15.906 -7.485  1.00 15.90 ? 202 GOL A C3  1 
HETATM 1079 O O3  . GOL F 3 .   ? 0.389   -15.893 -6.502  1.00 18.41 ? 202 GOL A O3  1 
HETATM 1080 O O   . HOH G 4 .   ? 1.330   -3.090  -7.275  1.00 6.90  ? 401 HOH A O   1 
HETATM 1081 O O   . HOH G 4 .   ? 15.859  -7.166  9.744   1.00 6.93  ? 402 HOH A O   1 
HETATM 1082 O O   . HOH G 4 .   ? -9.448  0.950   -6.836  1.00 6.75  ? 403 HOH A O   1 
HETATM 1083 O O   . HOH G 4 .   ? 9.962   -4.555  7.813   1.00 7.20  ? 404 HOH A O   1 
HETATM 1084 O O   . HOH G 4 .   ? -7.779  -6.197  -11.650 1.00 7.42  ? 405 HOH A O   1 
HETATM 1085 O O   . HOH G 4 .   ? -7.190  -5.498  -15.209 1.00 7.80  ? 406 HOH A O   1 
HETATM 1086 O O   . HOH G 4 .   ? 8.002   -1.126  -9.751  1.00 7.82  ? 407 HOH A O   1 
HETATM 1087 O O   . HOH G 4 .   ? 6.429   7.160   -9.550  1.00 8.36  ? 408 HOH A O   1 
HETATM 1088 O O   . HOH G 4 .   ? 10.679  7.629   -12.313 1.00 8.06  ? 409 HOH A O   1 
HETATM 1089 O O   . HOH G 4 .   ? 3.065   -12.029 -12.032 1.00 8.40  ? 410 HOH A O   1 
HETATM 1090 O O   . HOH G 4 .   ? -2.732  -5.028  -10.728 1.00 7.96  ? 411 HOH A O   1 
HETATM 1091 O O   . HOH G 4 .   ? 1.393   -3.301  -4.399  1.00 9.54  ? 412 HOH A O   1 
HETATM 1092 O O   . HOH G 4 .   ? -5.211  -6.808  -12.477 1.00 8.03  ? 413 HOH A O   1 
HETATM 1093 O O   . HOH G 4 .   ? -5.580  -12.262 -7.477  1.00 8.83  ? 414 HOH A O   1 
HETATM 1094 O O   . HOH G 4 .   ? 5.382   14.737  4.112   1.00 8.59  ? 415 HOH A O   1 
HETATM 1095 O O   . HOH G 4 .   ? -2.606  -0.545  -11.663 1.00 10.49 ? 416 HOH A O   1 
HETATM 1096 O O   . HOH G 4 .   ? 8.391   5.684   -11.288 1.00 9.66  ? 417 HOH A O   1 
HETATM 1097 O O   . HOH G 4 .   ? -5.619  17.243  -6.737  1.00 10.31 ? 418 HOH A O   1 
HETATM 1098 O O   . HOH G 4 .   ? -3.228  -5.904  11.336  1.00 10.95 ? 419 HOH A O   1 
HETATM 1099 O O   . HOH G 4 .   ? 4.075   8.709   -8.630  1.00 10.85 ? 420 HOH A O   1 
HETATM 1100 O O   . HOH G 4 .   ? 10.743  3.312   -13.073 1.00 10.01 ? 421 HOH A O   1 
HETATM 1101 O O   . HOH G 4 .   ? -11.242 -5.891  11.800  1.00 11.83 ? 422 HOH A O   1 
HETATM 1102 O O   . HOH G 4 .   ? -2.954  11.224  0.337   1.00 13.01 ? 423 HOH A O   1 
HETATM 1103 O O   . HOH G 4 .   ? 2.359   10.743  0.799   1.00 11.50 ? 424 HOH A O   1 
HETATM 1104 O O   . HOH G 4 .   ? -2.790  7.841   6.241   1.00 14.17 ? 425 HOH A O   1 
HETATM 1105 O O   . HOH G 4 .   ? -14.100 4.317   4.782   1.00 11.50 ? 426 HOH A O   1 
HETATM 1106 O O   . HOH G 4 .   ? 6.689   -14.709 -9.468  1.00 16.57 ? 427 HOH A O   1 
HETATM 1107 O O   . HOH G 4 .   ? -2.424  10.484  -2.234  1.00 14.13 ? 428 HOH A O   1 
HETATM 1108 O O   . HOH G 4 .   ? 3.918   -3.701  12.428  1.00 12.02 ? 429 HOH A O   1 
HETATM 1109 O O   . HOH G 4 .   ? -7.633  -15.182 1.763   1.00 12.87 ? 430 HOH A O   1 
HETATM 1110 O O   . HOH G 4 .   ? 16.990  3.604   -6.837  1.00 14.25 ? 431 HOH A O   1 
HETATM 1111 O O   . HOH G 4 .   ? 5.987   -13.158 -5.517  1.00 12.47 ? 432 HOH A O   1 
HETATM 1112 O O   . HOH G 4 .   ? 8.644   9.312   -4.543  1.00 12.74 ? 433 HOH A O   1 
HETATM 1113 O O   . HOH G 4 .   ? 1.669   1.691   11.528  1.00 12.48 ? 434 HOH A O   1 
HETATM 1114 O O   . HOH G 4 .   ? 17.656  -7.985  3.560   1.00 14.26 ? 435 HOH A O   1 
HETATM 1115 O O   . HOH G 4 .   ? 15.454  0.221   -7.938  1.00 13.66 ? 436 HOH A O   1 
HETATM 1116 O O   . HOH G 4 .   ? -12.707 6.325   3.762   1.00 13.58 ? 437 HOH A O   1 
HETATM 1117 O O   . HOH G 4 .   ? -4.872  5.354   -10.261 1.00 16.44 ? 438 HOH A O   1 
HETATM 1118 O O   . HOH G 4 .   ? -11.532 7.673   -9.516  1.00 14.48 ? 439 HOH A O   1 
HETATM 1119 O O   . HOH G 4 .   ? -5.210  14.926  -8.161  1.00 13.75 ? 440 HOH A O   1 
HETATM 1120 O O   . HOH G 4 .   ? 1.324   14.928  -0.975  1.00 14.49 ? 441 HOH A O   1 
HETATM 1121 O O   . HOH G 4 .   ? 2.718   -13.669 2.677   1.00 16.82 ? 442 HOH A O   1 
HETATM 1122 O O   . HOH G 4 .   ? 13.654  -11.090 8.079   1.00 15.61 ? 443 HOH A O   1 
HETATM 1123 O O   . HOH G 4 .   ? 13.202  -9.335  10.332  1.00 17.62 ? 444 HOH A O   1 
HETATM 1124 O O   . HOH G 4 .   ? -15.076 7.138   -3.647  1.00 14.25 ? 445 HOH A O   1 
HETATM 1125 O O   . HOH G 4 .   ? -11.404 -13.095 -3.371  1.00 15.84 ? 446 HOH A O   1 
HETATM 1126 O O   . HOH G 4 .   ? -13.279 8.545   -2.203  1.00 15.59 ? 447 HOH A O   1 
HETATM 1127 O O   . HOH G 4 .   ? 3.082   12.422  -5.895  1.00 16.68 ? 448 HOH A O   1 
HETATM 1128 O O   . HOH G 4 .   ? -4.280  1.414   -11.814 1.00 17.37 ? 449 HOH A O   1 
HETATM 1129 O O   . HOH G 4 .   ? -8.905  -4.320  12.993  1.00 16.87 ? 450 HOH A O   1 
HETATM 1130 O O   . HOH G 4 .   ? 0.483   13.609  0.704   1.00 17.10 ? 451 HOH A O   1 
HETATM 1131 O O   . HOH G 4 .   ? 7.369   -15.186 -7.036  1.00 18.09 ? 452 HOH A O   1 
HETATM 1132 O O   . HOH G 4 .   ? 7.421   -12.288 -3.323  1.00 14.18 ? 453 HOH A O   1 
HETATM 1133 O O   . HOH G 4 .   ? 10.278  -8.677  12.990  1.00 17.17 ? 454 HOH A O   1 
HETATM 1134 O O   . HOH G 4 .   ? 11.031  -7.137  2.139   1.00 16.46 ? 455 HOH A O   1 
HETATM 1135 O O   . HOH G 4 .   ? 14.001  -0.183  13.829  1.00 20.44 ? 456 HOH A O   1 
HETATM 1136 O O   . HOH G 4 .   ? -9.657  -7.895  13.124  1.00 16.10 ? 457 HOH A O   1 
HETATM 1137 O O   . HOH G 4 .   ? -5.010  1.731   13.223  1.00 17.84 ? 458 HOH A O   1 
HETATM 1138 O O   . HOH G 4 .   ? -15.107 2.176   -3.585  1.00 15.93 ? 459 HOH A O   1 
HETATM 1139 O O   . HOH G 4 .   ? -0.629  -5.364  -16.672 1.00 18.34 ? 460 HOH A O   1 
HETATM 1140 O O   . HOH G 4 .   ? -4.281  9.508   -3.762  1.00 17.47 ? 461 HOH A O   1 
HETATM 1141 O O   . HOH G 4 .   ? 4.317   9.970   -6.359  1.00 17.86 ? 462 HOH A O   1 
HETATM 1142 O O   . HOH G 4 .   ? -3.183  6.952   8.889   1.00 21.86 ? 463 HOH A O   1 
HETATM 1143 O O   . HOH G 4 .   ? -3.712  15.690  -10.471 1.00 20.25 ? 464 HOH A O   1 
HETATM 1144 O O   . HOH G 4 .   ? 17.799  1.403   -8.025  1.00 22.50 ? 465 HOH A O   1 
HETATM 1145 O O   . HOH G 4 .   ? -5.102  9.775   5.708   1.00 18.83 ? 466 HOH A O   1 
HETATM 1146 O O   . HOH G 4 .   ? 7.757   11.310  -3.029  1.00 24.58 ? 467 HOH A O   1 
HETATM 1147 O O   . HOH G 4 .   ? 5.749   -8.843  13.069  1.00 22.57 ? 468 HOH A O   1 
HETATM 1148 O O   . HOH G 4 .   ? 16.577  -6.541  -2.474  1.00 21.66 ? 469 HOH A O   1 
HETATM 1149 O O   . HOH G 4 .   ? -1.093  -12.367 8.305   1.00 21.84 ? 470 HOH A O   1 
HETATM 1150 O O   . HOH G 4 .   ? 11.026  -9.768  2.774   1.00 18.95 ? 471 HOH A O   1 
HETATM 1151 O O   . HOH G 4 .   ? 6.295   -5.169  13.766  1.00 23.97 ? 472 HOH A O   1 
HETATM 1152 O O   . HOH G 4 .   ? 4.107   -14.601 -4.161  1.00 18.27 ? 473 HOH A O   1 
HETATM 1153 O O   . HOH G 4 .   ? -7.387  8.688   6.927   1.00 20.63 ? 474 HOH A O   1 
HETATM 1154 O O   . HOH G 4 .   ? 15.205  8.369   -2.143  1.00 21.16 ? 475 HOH A O   1 
HETATM 1155 O O   . HOH G 4 .   ? -4.134  -17.328 -0.120  1.00 30.63 ? 476 HOH A O   1 
HETATM 1156 O O   . HOH G 4 .   ? 17.049  5.195   -8.732  1.00 26.55 ? 477 HOH A O   1 
HETATM 1157 O O   . HOH G 4 .   ? -2.740  -14.424 8.022   1.00 19.91 ? 478 HOH A O   1 
HETATM 1158 O O   . HOH G 4 .   ? 7.949   15.355  3.722   1.00 20.15 ? 479 HOH A O   1 
HETATM 1159 O O   . HOH G 4 .   ? -5.470  -14.350 8.441   1.00 22.75 ? 480 HOH A O   1 
HETATM 1160 O O   . HOH G 4 .   ? 5.432   12.302  -3.771  1.00 20.91 ? 481 HOH A O   1 
HETATM 1161 O O   . HOH G 4 .   ? 10.635  7.920   10.342  1.00 31.00 ? 482 HOH A O   1 
HETATM 1162 O O   . HOH G 4 .   ? 2.869   2.376   -15.784 1.00 22.66 ? 483 HOH A O   1 
HETATM 1163 O O   . HOH G 4 .   ? -14.575 8.822   0.183   1.00 27.10 ? 484 HOH A O   1 
HETATM 1164 O O   . HOH G 4 .   ? -2.207  -14.952 -0.244  1.00 21.90 ? 485 HOH A O   1 
HETATM 1165 O O   . HOH G 4 .   ? 16.713  -1.907  8.584   1.00 19.49 ? 486 HOH A O   1 
HETATM 1166 O O   . HOH G 4 .   ? 8.568   -11.673 6.023   1.00 28.16 ? 487 HOH A O   1 
HETATM 1167 O O   . HOH G 4 .   ? 10.629  11.996  0.868   1.00 26.56 ? 488 HOH A O   1 
HETATM 1168 O O   . HOH G 4 .   ? -10.752 -4.383  15.422  1.00 25.57 ? 489 HOH A O   1 
HETATM 1169 O O   . HOH G 4 .   ? -0.811  -11.171 11.265  1.00 38.78 ? 490 HOH A O   1 
HETATM 1170 O O   . HOH G 4 .   ? 6.452   -2.738  -14.672 1.00 21.46 ? 491 HOH A O   1 
HETATM 1171 O O   . HOH G 4 .   ? 3.878   -6.757  14.221  1.00 26.85 ? 492 HOH A O   1 
HETATM 1172 O O   A HOH G 4 .   ? 1.155   8.017   -15.140 0.56 13.89 ? 493 HOH A O   1 
HETATM 1173 O O   B HOH G 4 .   ? -0.151  8.840   -13.879 0.44 17.60 ? 493 HOH A O   1 
HETATM 1174 O O   . HOH G 4 .   ? -4.839  13.857  -14.291 1.00 31.75 ? 494 HOH A O   1 
HETATM 1175 O O   . HOH G 4 .   ? 7.562   3.125   12.866  1.00 22.74 ? 495 HOH A O   1 
HETATM 1176 O O   . HOH G 4 .   ? -14.325 10.930  -3.153  1.00 27.27 ? 496 HOH A O   1 
HETATM 1177 O O   . HOH G 4 .   ? 0.933   -14.199 5.566   1.00 33.13 ? 497 HOH A O   1 
HETATM 1178 O O   . HOH G 4 .   ? -4.771  -1.031  0.369   1.00 83.42 ? 498 HOH A O   1 
HETATM 1179 O O   . HOH G 4 .   ? -12.624 11.799  -7.543  1.00 25.82 ? 499 HOH A O   1 
HETATM 1180 O O   . HOH G 4 .   ? -14.545 7.208   1.957   1.00 30.16 ? 500 HOH A O   1 
HETATM 1181 O O   . HOH G 4 .   ? 11.946  -9.828  14.740  1.00 19.70 ? 501 HOH A O   1 
HETATM 1182 O O   . HOH G 4 .   ? -16.898 0.569   -1.867  1.00 27.07 ? 502 HOH A O   1 
HETATM 1183 O O   . HOH G 4 .   ? 0.483   -14.493 -1.789  1.00 32.23 ? 503 HOH A O   1 
HETATM 1184 O O   . HOH G 4 .   ? -10.713 6.369   9.469   1.00 31.76 ? 504 HOH A O   1 
HETATM 1185 O O   . HOH G 4 .   ? -16.805 6.966   2.727   1.00 40.75 ? 505 HOH A O   1 
HETATM 1186 O O   . HOH G 4 .   ? 17.835  3.408   6.555   1.00 28.45 ? 506 HOH A O   1 
HETATM 1187 O O   . HOH G 4 .   ? 7.340   5.273   14.354  1.00 30.29 ? 507 HOH A O   1 
HETATM 1188 O O   . HOH G 4 .   ? 14.451  -2.974  16.878  1.00 33.91 ? 508 HOH A O   1 
HETATM 1189 O O   . HOH G 4 .   ? 15.066  -3.355  14.693  1.00 28.25 ? 509 HOH A O   1 
HETATM 1190 O O   . HOH G 4 .   ? -9.789  9.105   6.043   1.00 27.23 ? 510 HOH A O   1 
HETATM 1191 O O   . HOH G 4 .   ? -16.207 -1.073  3.103   1.00 25.31 ? 511 HOH A O   1 
HETATM 1192 O O   . HOH G 4 .   ? 12.413  4.736   5.189   1.00 30.98 ? 512 HOH A O   1 
HETATM 1193 O O   . HOH G 4 .   ? 10.373  10.641  7.176   1.00 28.27 ? 513 HOH A O   1 
HETATM 1194 O O   . HOH G 4 .   ? -0.452  2.985   12.192  1.00 32.55 ? 514 HOH A O   1 
HETATM 1195 O O   . HOH G 4 .   ? -13.721 9.031   -8.678  1.00 29.12 ? 515 HOH A O   1 
HETATM 1196 O O   . HOH G 4 .   ? 14.980  -0.352  -10.563 1.00 30.08 ? 516 HOH A O   1 
HETATM 1197 O O   . HOH G 4 .   ? -2.497  10.506  5.083   1.00 24.40 ? 517 HOH A O   1 
HETATM 1198 O O   . HOH G 4 .   ? 2.946   0.989   13.768  1.00 34.17 ? 518 HOH A O   1 
HETATM 1199 O O   . HOH G 4 .   ? -6.221  -16.937 -1.319  1.00 35.89 ? 519 HOH A O   1 
HETATM 1200 O O   . HOH G 4 .   ? -2.275  12.758  7.441   1.00 32.36 ? 520 HOH A O   1 
HETATM 1201 O O   . HOH G 4 .   ? 14.383  3.773   4.513   1.00 37.23 ? 521 HOH A O   1 
HETATM 1202 O O   . HOH G 4 .   ? -2.820  12.858  -15.329 1.00 30.36 ? 522 HOH A O   1 
HETATM 1203 O O   . HOH G 4 .   ? -4.452  1.989   -15.890 1.00 42.20 ? 523 HOH A O   1 
HETATM 1204 O O   . HOH G 4 .   ? -14.660 5.596   7.036   1.00 29.79 ? 524 HOH A O   1 
HETATM 1205 O O   . HOH G 4 .   ? 11.955  16.238  5.103   1.00 25.98 ? 525 HOH A O   1 
HETATM 1206 O O   . HOH G 4 .   ? 2.513   -0.395  -15.630 1.00 42.10 ? 526 HOH A O   1 
HETATM 1207 O O   . HOH G 4 .   ? -11.449 2.541   -7.871  1.00 21.21 ? 527 HOH A O   1 
HETATM 1208 O O   . HOH G 4 .   ? -15.885 1.797   12.819  1.00 31.93 ? 528 HOH A O   1 
HETATM 1209 O O   . HOH G 4 .   ? 9.070   11.224  10.519  1.00 38.80 ? 529 HOH A O   1 
HETATM 1210 O O   . HOH G 4 .   ? -17.757 8.277   -2.942  1.00 40.22 ? 530 HOH A O   1 
HETATM 1211 O O   . HOH G 4 .   ? 5.887   2.125   -18.041 1.00 40.13 ? 531 HOH A O   1 
HETATM 1212 O O   . HOH G 4 .   ? 4.480   9.648   0.471   1.00 38.55 ? 532 HOH A O   1 
HETATM 1213 O O   . HOH G 4 .   ? -4.711  3.672   -13.834 1.00 25.47 ? 533 HOH A O   1 
HETATM 1214 O O   . HOH G 4 .   ? -11.435 0.217   17.674  1.00 34.69 ? 534 HOH A O   1 
HETATM 1215 O O   . HOH G 4 .   ? -14.583 10.819  1.760   1.00 28.29 ? 535 HOH A O   1 
HETATM 1216 O O   . HOH G 4 .   ? 8.347   -7.765  14.701  1.00 34.75 ? 536 HOH A O   1 
HETATM 1217 O O   . HOH G 4 .   ? 3.223   -2.163  -14.356 1.00 32.06 ? 537 HOH A O   1 
HETATM 1218 O O   . HOH G 4 .   ? -13.087 4.242   11.524  1.00 28.99 ? 538 HOH A O   1 
HETATM 1219 O O   . HOH G 4 .   ? -16.584 3.965   3.306   1.00 32.52 ? 539 HOH A O   1 
HETATM 1220 O O   . HOH G 4 .   ? 5.724   1.247   14.748  1.00 47.43 ? 540 HOH A O   1 
HETATM 1221 O O   . HOH G 4 .   ? -18.641 0.424   7.483   1.00 42.04 ? 541 HOH A O   1 
HETATM 1222 O O   . HOH G 4 .   ? -18.162 4.300   -0.630  1.00 36.99 ? 542 HOH A O   1 
HETATM 1223 O O   . HOH G 4 .   ? -4.071  -17.410 2.870   1.00 27.02 ? 543 HOH A O   1 
HETATM 1224 O O   . HOH G 4 .   ? -6.221  7.282   9.009   1.00 27.33 ? 544 HOH A O   1 
HETATM 1225 O O   . HOH G 4 .   ? 5.811   -0.503  -17.986 1.00 25.78 ? 545 HOH A O   1 
HETATM 1226 O O   . HOH G 4 .   ? -7.430  3.605   -13.644 1.00 21.76 ? 546 HOH A O   1 
HETATM 1227 O O   . HOH G 4 .   ? -9.134  -13.569 -2.688  1.00 34.50 ? 547 HOH A O   1 
HETATM 1228 O O   . HOH G 4 .   ? -13.837 11.731  -5.251  1.00 34.11 ? 548 HOH A O   1 
HETATM 1229 O O   . HOH G 4 .   ? -18.154 0.325   10.281  1.00 31.83 ? 549 HOH A O   1 
HETATM 1230 O O   . HOH G 4 .   ? 12.030  5.182   14.416  1.00 35.94 ? 550 HOH A O   1 
HETATM 1231 O O   . HOH G 4 .   ? -14.485 -0.373  16.325  1.00 32.24 ? 551 HOH A O   1 
HETATM 1232 O O   . HOH G 4 .   ? -3.444  -6.272  -16.929 1.00 26.23 ? 552 HOH A O   1 
HETATM 1233 O O   . HOH G 4 .   ? 11.390  -12.008 4.323   1.00 43.91 ? 553 HOH A O   1 
HETATM 1234 O O   . HOH G 4 .   ? 3.808   -1.940  -16.698 1.00 48.09 ? 554 HOH A O   1 
HETATM 1235 O O   . HOH G 4 .   ? -11.742 14.830  -10.399 1.00 33.71 ? 555 HOH A O   1 
HETATM 1236 O O   . HOH G 4 .   ? -0.382  -3.206  14.494  1.00 38.72 ? 556 HOH A O   1 
HETATM 1237 O O   . HOH G 4 .   ? 12.759  0.532   16.265  1.00 33.74 ? 557 HOH A O   1 
HETATM 1238 O O   . HOH G 4 .   ? 10.490  -3.262  16.654  1.00 41.55 ? 558 HOH A O   1 
HETATM 1239 O O   . HOH G 4 .   ? 8.655   12.833  -1.452  1.00 41.14 ? 559 HOH A O   1 
HETATM 1240 O O   . HOH G 4 .   ? -6.786  -6.093  13.056  1.00 41.25 ? 560 HOH A O   1 
HETATM 1241 O O   . HOH G 4 .   ? 10.197  -14.243 4.854   1.00 41.41 ? 561 HOH A O   1 
HETATM 1242 O O   . HOH G 4 .   ? -2.998  -5.380  15.827  1.00 33.78 ? 562 HOH A O   1 
HETATM 1243 O O   . HOH G 4 .   ? -2.949  0.809   12.516  1.00 44.58 ? 563 HOH A O   1 
HETATM 1244 O O   . HOH G 4 .   ? 14.719  5.039   15.281  1.00 37.61 ? 564 HOH A O   1 
HETATM 1245 O O   . HOH G 4 .   ? 5.052   -13.701 0.672   1.00 35.24 ? 565 HOH A O   1 
HETATM 1246 O O   . HOH G 4 .   ? -2.463  -3.757  12.999  1.00 46.69 ? 566 HOH A O   1 
HETATM 1247 O O   . HOH G 4 .   ? -17.769 5.400   1.351   1.00 53.41 ? 567 HOH A O   1 
HETATM 1248 O O   . HOH G 4 .   ? 2.164   8.628   14.446  1.00 53.46 ? 568 HOH A O   1 
HETATM 1249 O O   . HOH G 4 .   ? 3.057   -1.693  14.124  1.00 38.31 ? 569 HOH A O   1 
HETATM 1250 O O   . HOH G 4 .   ? 15.919  10.187  -4.954  1.00 41.73 ? 570 HOH A O   1 
HETATM 1251 O O   . HOH G 4 .   ? -17.725 -1.039  -3.286  1.00 48.95 ? 571 HOH A O   1 
HETATM 1252 O O   . HOH G 4 .   ? -4.079  -13.466 15.083  1.00 38.51 ? 572 HOH A O   1 
HETATM 1253 O O   . HOH G 4 .   ? 16.559  -10.565 -2.348  1.00 29.38 ? 573 HOH A O   1 
HETATM 1254 O O   . HOH G 4 .   ? 13.374  11.018  1.190   1.00 33.90 ? 574 HOH A O   1 
HETATM 1255 O O   . HOH G 4 .   ? -4.565  -0.325  16.786  1.00 40.78 ? 575 HOH A O   1 
HETATM 1256 O O   . HOH G 4 .   ? -11.303 19.681  -9.278  1.00 27.99 ? 576 HOH A O   1 
HETATM 1257 O O   . HOH G 4 .   ? -7.630  -15.136 -3.994  1.00 41.04 ? 577 HOH A O   1 
HETATM 1258 O O   . HOH G 4 .   ? -7.304  13.434  -15.682 1.00 44.99 ? 578 HOH A O   1 
HETATM 1259 O O   . HOH G 4 .   ? -12.439 17.068  -8.574  1.00 31.16 ? 579 HOH A O   1 
HETATM 1260 O O   . HOH G 4 .   ? -17.229 1.794   1.879   1.00 29.82 ? 580 HOH A O   1 
HETATM 1261 O O   . HOH G 4 .   ? 6.268   -2.168  -12.038 1.00 45.46 ? 581 HOH A O   1 
HETATM 1262 O O   . HOH G 4 .   ? 11.363  2.971   15.755  1.00 75.50 ? 582 HOH A O   1 
HETATM 1263 O O   . HOH G 4 .   ? -1.129  -16.109 -3.763  1.00 46.14 ? 583 HOH A O   1 
HETATM 1264 O O   . HOH G 4 .   ? -12.096 4.594   13.527  1.00 51.28 ? 584 HOH A O   1 
HETATM 1265 O O   . HOH G 4 .   ? 9.344   13.897  1.908   1.00 41.02 ? 585 HOH A O   1 
HETATM 1266 O O   . HOH G 4 .   ? -1.382  -7.434  -18.409 1.00 43.48 ? 586 HOH A O   1 
HETATM 1267 O O   . HOH G 4 .   ? 7.865   -3.452  16.066  1.00 39.91 ? 587 HOH A O   1 
HETATM 1268 O O   . HOH G 4 .   ? -17.060 7.419   -0.622  1.00 39.94 ? 588 HOH A O   1 
HETATM 1269 O O   . HOH G 4 .   ? 13.876  -11.993 5.976   1.00 42.58 ? 589 HOH A O   1 
HETATM 1270 O O   . HOH G 4 .   ? -6.210  6.619   -19.869 1.00 51.41 ? 590 HOH A O   1 
HETATM 1271 O O   . HOH G 4 .   ? 13.000  4.436   7.978   1.00 52.24 ? 591 HOH A O   1 
HETATM 1272 O O   . HOH G 4 .   ? 9.128   -14.102 -2.489  1.00 38.01 ? 592 HOH A O   1 
HETATM 1273 O O   . HOH G 4 .   ? -0.836  6.235   11.649  1.00 52.07 ? 593 HOH A O   1 
HETATM 1274 O O   . HOH G 4 .   ? 9.136   -11.000 11.825  1.00 39.26 ? 594 HOH A O   1 
HETATM 1275 O O   . HOH G 4 .   ? -12.778 8.259   5.583   1.00 39.80 ? 595 HOH A O   1 
HETATM 1276 O O   . HOH G 4 .   ? 14.854  6.142   3.652   1.00 49.15 ? 596 HOH A O   1 
HETATM 1277 O O   . HOH G 4 .   ? -3.359  8.923   11.110  1.00 43.48 ? 597 HOH A O   1 
HETATM 1278 O O   . HOH G 4 .   ? -3.515  2.762   17.337  1.00 47.84 ? 598 HOH A O   1 
# 
